data_2L6O
#
_entry.id   2L6O
#
_entity_poly.entity_id   1
_entity_poly.type   'polypeptide(L)'
_entity_poly.pdbx_seq_one_letter_code
;MGAGQTPHPQLIWPALLKQQGCNELLPLRTNDDWQRFCADSKHLLQYGDKLVDSNFHCFVLEEDAHWHPAAPLPPEGLND
LIRAHCATLGHCCTSKMHLHSVMDAIDFLNALEG
;
_entity_poly.pdbx_strand_id   A
#
# COMPACT_ATOMS: atom_id res chain seq x y z
N MET A 1 4.26 -7.57 -22.76
CA MET A 1 3.12 -8.50 -22.67
C MET A 1 2.76 -8.77 -21.22
N GLY A 2 1.52 -8.48 -20.83
CA GLY A 2 0.96 -8.75 -19.51
C GLY A 2 -0.56 -8.67 -19.60
N ALA A 3 -1.27 -9.45 -18.79
CA ALA A 3 -2.67 -9.77 -19.05
C ALA A 3 -3.64 -9.18 -18.03
N GLY A 4 -3.22 -8.20 -17.24
CA GLY A 4 -4.10 -7.38 -16.41
C GLY A 4 -3.34 -6.13 -15.97
N GLN A 5 -4.04 -5.18 -15.33
CA GLN A 5 -3.49 -3.87 -14.96
C GLN A 5 -2.71 -3.94 -13.64
N THR A 6 -2.38 -5.16 -13.18
CA THR A 6 -1.91 -5.46 -11.84
C THR A 6 -0.52 -4.84 -11.58
N PRO A 7 -0.13 -4.65 -10.30
CA PRO A 7 1.11 -3.96 -10.01
C PRO A 7 2.31 -4.86 -10.30
N HIS A 8 2.35 -6.05 -9.72
CA HIS A 8 3.43 -7.02 -9.87
C HIS A 8 2.82 -8.40 -9.56
N PRO A 9 3.20 -9.50 -10.22
CA PRO A 9 2.71 -10.83 -9.86
C PRO A 9 3.27 -11.28 -8.50
N GLN A 10 4.47 -10.81 -8.16
CA GLN A 10 5.19 -11.27 -7.00
C GLN A 10 4.72 -10.59 -5.70
N LEU A 11 4.00 -9.48 -5.83
CA LEU A 11 3.31 -8.82 -4.73
C LEU A 11 2.25 -9.78 -4.20
N ILE A 12 2.32 -10.10 -2.91
CA ILE A 12 1.39 -11.00 -2.24
C ILE A 12 0.43 -10.13 -1.43
N TRP A 13 -0.81 -10.06 -1.90
CA TRP A 13 -1.87 -9.30 -1.26
C TRP A 13 -2.11 -9.78 0.18
N PRO A 14 -2.68 -8.92 1.05
CA PRO A 14 -3.02 -7.53 0.76
C PRO A 14 -1.79 -6.65 0.53
N ALA A 15 -2.03 -5.42 0.08
CA ALA A 15 -0.98 -4.45 -0.17
C ALA A 15 -1.38 -3.07 0.35
N LEU A 16 -0.39 -2.18 0.37
CA LEU A 16 -0.48 -0.84 0.93
C LEU A 16 0.19 0.11 -0.04
N LEU A 17 -0.60 0.86 -0.80
CA LEU A 17 -0.13 1.92 -1.71
C LEU A 17 -0.01 3.21 -0.90
N LYS A 18 0.98 4.07 -1.15
CA LYS A 18 1.14 5.34 -0.42
C LYS A 18 1.53 6.46 -1.39
N GLN A 19 0.54 7.06 -2.05
CA GLN A 19 0.74 7.83 -3.26
C GLN A 19 1.67 9.02 -3.03
N GLN A 20 2.33 9.48 -4.10
CA GLN A 20 3.29 10.55 -3.98
C GLN A 20 2.56 11.82 -3.54
N GLY A 21 3.22 12.54 -2.66
CA GLY A 21 2.77 13.74 -1.98
C GLY A 21 1.66 13.48 -0.96
N CYS A 22 0.74 12.54 -1.17
CA CYS A 22 -0.32 12.23 -0.22
C CYS A 22 0.22 11.41 0.96
N ASN A 23 -0.65 11.14 1.94
CA ASN A 23 -0.33 10.45 3.18
C ASN A 23 -1.28 9.28 3.44
N GLU A 24 -2.47 9.30 2.84
CA GLU A 24 -3.49 8.29 3.05
C GLU A 24 -2.98 6.98 2.48
N LEU A 25 -2.69 6.01 3.35
CA LEU A 25 -2.45 4.66 2.89
C LEU A 25 -3.70 4.19 2.18
N LEU A 26 -3.51 3.50 1.07
CA LEU A 26 -4.54 2.88 0.25
C LEU A 26 -4.45 1.39 0.58
N PRO A 27 -5.15 0.91 1.63
CA PRO A 27 -5.26 -0.51 1.86
C PRO A 27 -5.99 -1.14 0.67
N LEU A 28 -5.53 -2.33 0.28
CA LEU A 28 -6.02 -3.08 -0.86
C LEU A 28 -6.07 -4.52 -0.38
N ARG A 29 -7.25 -5.02 -0.01
CA ARG A 29 -7.39 -6.36 0.57
C ARG A 29 -6.89 -7.43 -0.38
N THR A 30 -7.09 -7.24 -1.69
CA THR A 30 -6.74 -8.21 -2.71
C THR A 30 -6.68 -7.50 -4.07
N ASN A 31 -6.39 -8.28 -5.10
CA ASN A 31 -6.27 -7.84 -6.48
C ASN A 31 -7.53 -7.16 -6.99
N ASP A 32 -8.71 -7.51 -6.47
CA ASP A 32 -9.97 -6.87 -6.84
C ASP A 32 -9.93 -5.40 -6.46
N ASP A 33 -9.37 -5.07 -5.29
CA ASP A 33 -9.33 -3.71 -4.76
C ASP A 33 -8.46 -2.81 -5.62
N TRP A 34 -7.43 -3.40 -6.24
CA TRP A 34 -6.58 -2.72 -7.20
C TRP A 34 -7.29 -2.54 -8.54
N GLN A 35 -8.00 -3.55 -9.03
CA GLN A 35 -8.77 -3.44 -10.26
C GLN A 35 -9.87 -2.39 -10.10
N ARG A 36 -10.47 -2.29 -8.92
CA ARG A 36 -11.43 -1.27 -8.55
C ARG A 36 -10.84 0.16 -8.64
N PHE A 37 -9.52 0.33 -8.63
CA PHE A 37 -8.88 1.62 -8.90
C PHE A 37 -9.16 2.04 -10.35
N CYS A 38 -8.52 1.39 -11.33
CA CYS A 38 -8.62 1.73 -12.75
C CYS A 38 -10.02 1.53 -13.32
N ALA A 39 -10.85 0.72 -12.66
CA ALA A 39 -12.26 0.59 -13.00
C ALA A 39 -12.99 1.91 -12.80
N ASP A 40 -12.52 2.76 -11.89
CA ASP A 40 -13.35 3.81 -11.31
C ASP A 40 -12.72 5.19 -11.37
N SER A 41 -11.42 5.23 -11.61
CA SER A 41 -10.55 6.36 -11.88
C SER A 41 -9.21 5.88 -12.47
N LYS A 42 -9.08 5.90 -13.79
CA LYS A 42 -7.81 5.80 -14.53
C LYS A 42 -7.08 7.13 -14.41
N HIS A 43 -6.73 7.52 -13.19
CA HIS A 43 -6.03 8.77 -12.89
C HIS A 43 -5.01 8.49 -11.78
N LEU A 44 -4.39 9.54 -11.23
CA LEU A 44 -3.37 9.46 -10.19
C LEU A 44 -2.16 8.64 -10.63
N LEU A 45 -1.42 8.13 -9.64
CA LEU A 45 -0.46 7.06 -9.75
C LEU A 45 0.81 7.57 -10.39
N GLN A 46 1.64 8.14 -9.55
CA GLN A 46 2.87 8.79 -9.96
C GLN A 46 4.01 7.78 -9.98
N TYR A 47 5.01 7.99 -10.83
CA TYR A 47 6.21 7.17 -10.83
C TYR A 47 7.00 7.50 -9.59
N GLY A 48 6.76 6.73 -8.53
CA GLY A 48 7.14 7.11 -7.20
C GLY A 48 6.13 6.72 -6.13
N ASP A 49 4.96 6.17 -6.49
CA ASP A 49 3.78 6.04 -5.63
C ASP A 49 3.88 5.03 -4.47
N LYS A 50 4.95 4.23 -4.43
CA LYS A 50 5.28 3.10 -3.54
C LYS A 50 4.16 2.09 -3.28
N LEU A 51 4.48 0.80 -3.43
CA LEU A 51 3.65 -0.30 -2.92
C LEU A 51 4.48 -1.07 -1.90
N VAL A 52 3.80 -1.70 -0.95
CA VAL A 52 4.34 -2.69 -0.04
C VAL A 52 3.33 -3.84 -0.03
N ASP A 53 3.81 -5.07 0.02
CA ASP A 53 3.02 -6.29 0.14
C ASP A 53 3.18 -6.91 1.52
N SER A 54 2.43 -7.97 1.79
CA SER A 54 2.46 -8.67 3.08
C SER A 54 3.83 -9.27 3.42
N ASN A 55 4.73 -9.43 2.43
CA ASN A 55 6.07 -9.98 2.61
C ASN A 55 7.13 -8.88 2.75
N PHE A 56 6.71 -7.62 2.92
CA PHE A 56 7.57 -6.45 3.12
C PHE A 56 8.45 -6.17 1.91
N HIS A 57 8.06 -6.58 0.70
CA HIS A 57 8.70 -6.10 -0.52
C HIS A 57 8.20 -4.69 -0.78
N CYS A 58 9.08 -3.67 -0.72
CA CYS A 58 8.75 -2.39 -1.33
C CYS A 58 8.83 -2.53 -2.85
N PHE A 59 8.07 -1.68 -3.50
CA PHE A 59 8.08 -1.46 -4.94
C PHE A 59 7.93 0.04 -5.15
N VAL A 60 8.35 0.53 -6.30
CA VAL A 60 8.08 1.86 -6.82
C VAL A 60 7.55 1.67 -8.24
N LEU A 61 6.67 2.59 -8.67
CA LEU A 61 6.02 2.62 -9.97
C LEU A 61 6.92 3.38 -10.95
N GLU A 62 6.95 2.94 -12.21
CA GLU A 62 7.82 3.49 -13.24
C GLU A 62 6.98 4.14 -14.35
N GLU A 63 7.61 4.94 -15.21
CA GLU A 63 6.95 5.50 -16.38
C GLU A 63 6.60 4.45 -17.43
N ASP A 64 7.19 3.26 -17.30
CA ASP A 64 6.89 2.07 -18.10
C ASP A 64 5.63 1.33 -17.61
N ALA A 65 4.82 2.02 -16.78
CA ALA A 65 3.58 1.53 -16.17
C ALA A 65 3.75 0.13 -15.57
N HIS A 66 4.91 -0.13 -14.99
CA HIS A 66 5.17 -1.34 -14.24
C HIS A 66 5.68 -0.95 -12.87
N TRP A 67 5.77 -1.94 -11.99
CA TRP A 67 6.32 -1.75 -10.65
C TRP A 67 7.64 -2.50 -10.60
N HIS A 68 8.70 -1.82 -10.18
CA HIS A 68 10.02 -2.38 -10.02
C HIS A 68 10.24 -2.75 -8.55
N PRO A 69 10.99 -3.84 -8.26
CA PRO A 69 11.33 -4.24 -6.89
C PRO A 69 12.34 -3.27 -6.30
N ALA A 70 11.91 -2.59 -5.25
CA ALA A 70 12.60 -1.47 -4.61
C ALA A 70 12.94 -1.84 -3.15
N ALA A 71 13.67 -2.96 -3.01
CA ALA A 71 14.19 -3.57 -1.79
C ALA A 71 13.12 -4.17 -0.87
N PRO A 72 13.48 -5.15 -0.02
CA PRO A 72 12.67 -5.50 1.13
C PRO A 72 12.75 -4.41 2.19
N LEU A 73 11.89 -4.54 3.20
CA LEU A 73 11.63 -3.48 4.14
C LEU A 73 11.81 -3.97 5.58
N PRO A 74 12.32 -3.15 6.52
CA PRO A 74 12.44 -3.55 7.92
C PRO A 74 11.07 -3.67 8.58
N PRO A 75 10.98 -4.31 9.76
CA PRO A 75 9.76 -4.39 10.55
C PRO A 75 9.18 -3.00 10.90
N GLU A 76 10.04 -2.00 11.07
CA GLU A 76 9.64 -0.62 11.33
C GLU A 76 9.25 0.13 10.06
N GLY A 77 9.61 -0.39 8.88
CA GLY A 77 9.39 0.31 7.63
C GLY A 77 7.93 0.24 7.18
N LEU A 78 7.17 -0.76 7.66
CA LEU A 78 5.71 -0.75 7.60
C LEU A 78 5.17 0.43 8.41
N ASN A 79 5.64 0.57 9.65
CA ASN A 79 5.30 1.69 10.51
C ASN A 79 5.56 3.04 9.83
N ASP A 80 6.64 3.18 9.05
CA ASP A 80 6.96 4.41 8.29
C ASP A 80 5.88 4.79 7.28
N LEU A 81 5.22 3.80 6.67
CA LEU A 81 4.06 4.02 5.82
C LEU A 81 2.92 4.53 6.69
N ILE A 82 2.45 3.69 7.62
CA ILE A 82 1.23 3.94 8.40
C ILE A 82 1.35 5.23 9.22
N ARG A 83 2.56 5.64 9.60
CA ARG A 83 2.87 6.95 10.18
C ARG A 83 2.17 8.08 9.41
N ALA A 84 2.14 8.02 8.07
CA ALA A 84 1.45 8.97 7.22
C ALA A 84 -0.07 8.92 7.44
N HIS A 85 -0.74 7.80 7.14
CA HIS A 85 -2.19 7.64 7.25
C HIS A 85 -2.69 7.97 8.67
N CYS A 86 -1.95 7.57 9.71
CA CYS A 86 -2.32 7.89 11.08
C CYS A 86 -2.15 9.39 11.33
N ALA A 87 -0.99 9.98 11.02
CA ALA A 87 -0.75 11.39 11.33
C ALA A 87 -1.66 12.31 10.54
N THR A 88 -2.02 11.94 9.29
CA THR A 88 -2.83 12.81 8.46
C THR A 88 -4.27 12.87 9.02
N LEU A 89 -4.73 11.80 9.69
CA LEU A 89 -6.06 11.70 10.28
C LEU A 89 -6.05 12.26 11.71
N GLY A 90 -5.20 11.71 12.57
CA GLY A 90 -5.19 12.01 14.00
C GLY A 90 -4.88 10.81 14.89
N HIS A 91 -4.45 9.66 14.36
CA HIS A 91 -4.28 8.45 15.18
C HIS A 91 -2.83 8.28 15.64
N CYS A 92 -2.65 7.62 16.79
CA CYS A 92 -1.38 7.17 17.30
C CYS A 92 -1.61 5.96 18.24
N CYS A 93 -1.58 4.77 17.62
CA CYS A 93 -1.67 3.41 18.14
C CYS A 93 -2.79 3.11 19.16
N THR A 94 -2.91 1.82 19.52
CA THR A 94 -3.91 1.24 20.39
C THR A 94 -3.42 -0.20 20.72
N SER A 95 -2.44 -0.30 21.62
CA SER A 95 -1.74 -1.51 22.06
C SER A 95 -0.79 -2.05 20.99
N LYS A 96 0.34 -2.64 21.42
CA LYS A 96 1.45 -3.13 20.58
C LYS A 96 2.12 -2.00 19.78
N MET A 97 3.16 -2.32 19.03
CA MET A 97 4.03 -1.37 18.34
C MET A 97 3.37 -0.79 17.08
N HIS A 98 2.27 -0.08 17.27
CA HIS A 98 1.35 0.38 16.24
C HIS A 98 0.66 -0.83 15.57
N LEU A 99 1.37 -1.60 14.75
CA LEU A 99 0.81 -2.70 13.96
C LEU A 99 1.88 -3.77 13.84
N HIS A 100 1.48 -5.02 14.06
CA HIS A 100 2.36 -6.17 13.95
C HIS A 100 2.91 -6.30 12.52
N SER A 101 2.01 -6.21 11.55
CA SER A 101 2.27 -6.53 10.14
C SER A 101 1.17 -5.97 9.22
N VAL A 102 1.25 -6.22 7.90
CA VAL A 102 0.31 -5.69 6.91
C VAL A 102 -1.10 -6.25 7.15
N MET A 103 -1.24 -7.53 7.52
CA MET A 103 -2.54 -8.12 7.83
C MET A 103 -3.26 -7.24 8.85
N ASP A 104 -2.55 -6.92 9.93
CA ASP A 104 -3.07 -6.17 11.06
C ASP A 104 -3.42 -4.75 10.64
N ALA A 105 -2.64 -4.16 9.73
CA ALA A 105 -2.90 -2.84 9.19
C ALA A 105 -4.25 -2.83 8.45
N ILE A 106 -4.47 -3.81 7.57
CA ILE A 106 -5.70 -3.88 6.79
C ILE A 106 -6.91 -4.11 7.72
N ASP A 107 -6.70 -4.75 8.88
CA ASP A 107 -7.74 -4.92 9.89
C ASP A 107 -8.03 -3.55 10.54
N PHE A 108 -6.97 -2.84 10.94
CA PHE A 108 -7.01 -1.53 11.60
C PHE A 108 -7.74 -0.50 10.74
N LEU A 109 -7.18 -0.15 9.57
CA LEU A 109 -7.67 0.87 8.66
C LEU A 109 -9.15 0.76 8.34
N ASN A 110 -9.69 -0.45 8.28
CA ASN A 110 -11.12 -0.62 8.03
C ASN A 110 -11.96 -0.01 9.13
N ALA A 111 -11.58 -0.25 10.38
CA ALA A 111 -12.35 0.14 11.53
C ALA A 111 -12.13 1.61 11.94
N LEU A 112 -11.16 2.28 11.33
CA LEU A 112 -10.77 3.60 11.54
C LEU A 112 -11.61 4.48 10.63
N GLU A 113 -11.66 4.12 9.35
CA GLU A 113 -12.07 5.05 8.33
C GLU A 113 -13.57 5.42 8.49
N GLY A 114 -13.96 6.59 8.01
CA GLY A 114 -15.27 7.18 8.17
C GLY A 114 -16.06 7.23 6.88
N MET A 1 2.54 -15.77 -17.53
CA MET A 1 2.45 -14.69 -18.51
C MET A 1 1.20 -14.87 -19.33
N GLY A 2 0.47 -13.78 -19.54
CA GLY A 2 -0.69 -13.65 -20.37
C GLY A 2 -0.94 -12.15 -20.46
N ALA A 3 -2.16 -11.72 -20.16
CA ALA A 3 -2.48 -10.32 -19.96
C ALA A 3 -1.66 -9.73 -18.81
N GLY A 4 -1.46 -8.41 -18.83
CA GLY A 4 -0.88 -7.64 -17.74
C GLY A 4 -1.94 -6.63 -17.31
N GLN A 5 -2.62 -6.91 -16.21
CA GLN A 5 -3.65 -6.07 -15.58
C GLN A 5 -3.31 -5.88 -14.09
N THR A 6 -2.04 -6.08 -13.76
CA THR A 6 -1.56 -6.30 -12.40
C THR A 6 -0.22 -5.59 -12.17
N PRO A 7 0.13 -5.20 -10.93
CA PRO A 7 1.40 -4.52 -10.69
C PRO A 7 2.60 -5.44 -10.95
N HIS A 8 2.67 -6.61 -10.30
CA HIS A 8 3.85 -7.50 -10.38
C HIS A 8 3.47 -8.92 -9.94
N PRO A 9 4.02 -9.99 -10.54
CA PRO A 9 3.61 -11.35 -10.20
C PRO A 9 4.14 -11.82 -8.84
N GLN A 10 5.23 -11.24 -8.34
CA GLN A 10 5.68 -11.54 -6.99
C GLN A 10 4.77 -10.90 -5.94
N LEU A 11 4.10 -9.77 -6.22
CA LEU A 11 3.33 -9.07 -5.20
C LEU A 11 2.29 -9.99 -4.55
N ILE A 12 2.33 -10.13 -3.23
CA ILE A 12 1.46 -11.01 -2.46
C ILE A 12 0.47 -10.10 -1.73
N TRP A 13 -0.73 -9.95 -2.32
CA TRP A 13 -1.82 -9.22 -1.71
C TRP A 13 -2.08 -9.71 -0.29
N PRO A 14 -2.45 -8.81 0.64
CA PRO A 14 -2.80 -7.42 0.36
C PRO A 14 -1.60 -6.52 0.07
N ALA A 15 -1.87 -5.29 -0.40
CA ALA A 15 -0.84 -4.30 -0.62
C ALA A 15 -1.27 -2.92 -0.15
N LEU A 16 -0.32 -1.99 -0.16
CA LEU A 16 -0.44 -0.63 0.37
C LEU A 16 0.23 0.32 -0.62
N LEU A 17 -0.56 1.13 -1.33
CA LEU A 17 -0.09 2.17 -2.25
C LEU A 17 -0.03 3.50 -1.49
N LYS A 18 1.02 4.31 -1.68
CA LYS A 18 1.15 5.61 -1.00
C LYS A 18 1.50 6.71 -2.00
N GLN A 19 0.46 7.27 -2.63
CA GLN A 19 0.50 8.27 -3.70
C GLN A 19 1.48 9.37 -3.32
N GLN A 20 2.36 9.75 -4.25
CA GLN A 20 3.30 10.82 -4.02
C GLN A 20 2.54 12.13 -3.76
N GLY A 21 2.91 12.75 -2.64
CA GLY A 21 2.30 13.94 -2.07
C GLY A 21 1.34 13.55 -0.96
N CYS A 22 0.46 12.58 -1.22
CA CYS A 22 -0.54 12.12 -0.27
C CYS A 22 0.12 11.40 0.90
N ASN A 23 -0.70 11.16 1.91
CA ASN A 23 -0.32 10.52 3.16
C ASN A 23 -1.30 9.38 3.45
N GLU A 24 -2.55 9.53 3.00
CA GLU A 24 -3.67 8.66 3.28
C GLU A 24 -3.50 7.35 2.51
N LEU A 25 -2.99 6.30 3.17
CA LEU A 25 -2.64 5.04 2.54
C LEU A 25 -3.80 4.48 1.74
N LEU A 26 -3.49 3.70 0.70
CA LEU A 26 -4.44 2.94 -0.10
C LEU A 26 -4.31 1.46 0.28
N PRO A 27 -5.00 0.97 1.32
CA PRO A 27 -5.10 -0.46 1.58
C PRO A 27 -5.90 -1.12 0.46
N LEU A 28 -5.49 -2.33 0.07
CA LEU A 28 -6.12 -3.10 -0.98
C LEU A 28 -6.01 -4.56 -0.57
N ARG A 29 -7.14 -5.17 -0.21
CA ARG A 29 -7.19 -6.55 0.26
C ARG A 29 -6.67 -7.51 -0.81
N THR A 30 -7.13 -7.36 -2.04
CA THR A 30 -6.85 -8.29 -3.14
C THR A 30 -6.60 -7.50 -4.41
N ASN A 31 -6.23 -8.20 -5.49
CA ASN A 31 -6.07 -7.62 -6.81
C ASN A 31 -7.41 -7.09 -7.35
N ASP A 32 -8.53 -7.60 -6.80
CA ASP A 32 -9.87 -7.07 -7.07
C ASP A 32 -9.89 -5.58 -6.74
N ASP A 33 -9.27 -5.22 -5.62
CA ASP A 33 -9.30 -3.87 -5.10
C ASP A 33 -8.30 -2.98 -5.78
N TRP A 34 -7.18 -3.55 -6.25
CA TRP A 34 -6.26 -2.81 -7.11
C TRP A 34 -7.01 -2.31 -8.35
N GLN A 35 -7.82 -3.18 -8.97
CA GLN A 35 -8.68 -2.81 -10.08
C GLN A 35 -9.73 -1.79 -9.62
N ARG A 36 -10.41 -2.03 -8.50
CA ARG A 36 -11.41 -1.08 -7.97
C ARG A 36 -10.88 0.34 -7.79
N PHE A 37 -9.57 0.55 -7.57
CA PHE A 37 -9.00 1.89 -7.49
C PHE A 37 -9.22 2.64 -8.80
N CYS A 38 -8.68 2.10 -9.90
CA CYS A 38 -8.66 2.79 -11.18
C CYS A 38 -10.05 2.79 -11.83
N ALA A 39 -10.83 1.75 -11.55
CA ALA A 39 -12.21 1.60 -11.97
C ALA A 39 -13.14 2.59 -11.26
N ASP A 40 -12.68 3.20 -10.15
CA ASP A 40 -13.50 4.12 -9.35
C ASP A 40 -12.78 5.46 -9.12
N SER A 41 -11.91 5.85 -10.07
CA SER A 41 -11.31 7.18 -10.15
C SER A 41 -10.64 7.65 -8.85
N LYS A 42 -10.16 6.73 -8.00
CA LYS A 42 -9.71 6.99 -6.63
C LYS A 42 -8.78 8.19 -6.53
N HIS A 43 -7.63 8.11 -7.20
CA HIS A 43 -6.63 9.17 -7.25
C HIS A 43 -5.85 9.01 -8.57
N LEU A 44 -4.83 9.84 -8.79
CA LEU A 44 -3.89 9.68 -9.88
C LEU A 44 -3.05 8.41 -9.70
N LEU A 45 -2.16 8.17 -10.66
CA LEU A 45 -1.06 7.22 -10.59
C LEU A 45 0.15 7.99 -11.06
N GLN A 46 1.15 8.17 -10.21
CA GLN A 46 2.38 8.91 -10.46
C GLN A 46 3.57 7.96 -10.36
N TYR A 47 4.64 8.26 -11.10
CA TYR A 47 5.92 7.61 -10.92
C TYR A 47 6.34 7.86 -9.47
N GLY A 48 6.89 6.83 -8.84
CA GLY A 48 7.32 6.93 -7.47
C GLY A 48 6.24 6.62 -6.42
N ASP A 49 5.02 6.22 -6.81
CA ASP A 49 3.85 6.09 -5.93
C ASP A 49 3.96 5.00 -4.85
N LYS A 50 4.99 4.14 -4.95
CA LYS A 50 5.39 3.04 -4.06
C LYS A 50 4.29 2.03 -3.73
N LEU A 51 4.59 0.75 -3.92
CA LEU A 51 3.81 -0.36 -3.39
C LEU A 51 4.66 -1.08 -2.35
N VAL A 52 3.95 -1.79 -1.46
CA VAL A 52 4.46 -2.63 -0.39
C VAL A 52 3.42 -3.75 -0.30
N ASP A 53 3.84 -5.00 -0.13
CA ASP A 53 2.96 -6.16 0.03
C ASP A 53 3.15 -6.83 1.40
N SER A 54 2.43 -7.92 1.67
CA SER A 54 2.55 -8.69 2.91
C SER A 54 3.91 -9.40 3.08
N ASN A 55 4.76 -9.38 2.06
CA ASN A 55 6.12 -9.89 2.07
C ASN A 55 7.15 -8.76 2.23
N PHE A 56 6.71 -7.51 2.45
CA PHE A 56 7.56 -6.33 2.58
C PHE A 56 8.43 -6.11 1.33
N HIS A 57 8.07 -6.67 0.17
CA HIS A 57 8.77 -6.34 -1.08
C HIS A 57 8.36 -4.93 -1.47
N CYS A 58 9.30 -3.97 -1.41
CA CYS A 58 9.01 -2.63 -1.87
C CYS A 58 9.09 -2.62 -3.37
N PHE A 59 8.25 -1.76 -3.93
CA PHE A 59 7.99 -1.64 -5.34
C PHE A 59 7.81 -0.16 -5.64
N VAL A 60 8.27 0.29 -6.81
CA VAL A 60 8.18 1.64 -7.35
C VAL A 60 7.59 1.51 -8.77
N LEU A 61 6.81 2.52 -9.19
CA LEU A 61 6.32 2.67 -10.56
C LEU A 61 7.36 3.44 -11.34
N GLU A 62 7.64 3.06 -12.59
CA GLU A 62 8.56 3.76 -13.47
C GLU A 62 7.85 4.31 -14.70
N GLU A 63 8.56 5.16 -15.46
CA GLU A 63 8.09 5.80 -16.68
C GLU A 63 7.65 4.78 -17.75
N ASP A 64 8.18 3.56 -17.69
CA ASP A 64 7.84 2.47 -18.61
C ASP A 64 6.43 1.89 -18.37
N ALA A 65 5.72 2.43 -17.38
CA ALA A 65 4.38 2.07 -16.92
C ALA A 65 4.30 0.68 -16.28
N HIS A 66 5.46 0.05 -16.00
CA HIS A 66 5.55 -1.15 -15.19
C HIS A 66 5.96 -0.80 -13.75
N TRP A 67 6.08 -1.84 -12.91
CA TRP A 67 6.55 -1.74 -11.54
C TRP A 67 7.85 -2.58 -11.45
N HIS A 68 8.98 -1.97 -11.04
CA HIS A 68 10.29 -2.63 -10.88
C HIS A 68 10.70 -2.75 -9.39
N PRO A 69 11.43 -3.80 -8.97
CA PRO A 69 11.69 -4.08 -7.56
C PRO A 69 12.57 -3.02 -6.90
N ALA A 70 12.30 -2.76 -5.61
CA ALA A 70 12.91 -1.69 -4.84
C ALA A 70 13.27 -2.18 -3.43
N ALA A 71 13.84 -3.39 -3.32
CA ALA A 71 14.36 -4.04 -2.11
C ALA A 71 13.27 -4.45 -1.11
N PRO A 72 13.59 -5.34 -0.14
CA PRO A 72 12.70 -5.56 0.98
C PRO A 72 12.66 -4.34 1.92
N LEU A 73 11.71 -4.37 2.84
CA LEU A 73 11.38 -3.26 3.73
C LEU A 73 11.49 -3.76 5.19
N PRO A 74 11.98 -2.93 6.13
CA PRO A 74 12.24 -3.35 7.52
C PRO A 74 10.96 -3.42 8.36
N PRO A 75 10.97 -4.08 9.52
CA PRO A 75 9.79 -4.21 10.38
C PRO A 75 9.28 -2.90 10.98
N GLU A 76 10.03 -1.82 10.82
CA GLU A 76 9.67 -0.46 11.19
C GLU A 76 9.33 0.41 9.97
N GLY A 77 9.70 0.01 8.74
CA GLY A 77 9.42 0.79 7.53
C GLY A 77 7.91 0.84 7.23
N LEU A 78 7.17 -0.20 7.62
CA LEU A 78 5.72 -0.30 7.44
C LEU A 78 5.07 0.80 8.28
N ASN A 79 5.47 0.85 9.55
CA ASN A 79 4.99 1.79 10.55
C ASN A 79 5.31 3.22 10.12
N ASP A 80 6.40 3.45 9.37
CA ASP A 80 6.73 4.78 8.82
C ASP A 80 5.67 5.18 7.79
N LEU A 81 5.34 4.28 6.85
CA LEU A 81 4.36 4.58 5.81
C LEU A 81 3.00 4.80 6.45
N ILE A 82 2.56 3.88 7.31
CA ILE A 82 1.28 3.97 8.00
C ILE A 82 1.21 5.23 8.86
N ARG A 83 2.32 5.73 9.41
CA ARG A 83 2.36 6.99 10.13
C ARG A 83 1.75 8.11 9.31
N ALA A 84 1.99 8.16 8.00
CA ALA A 84 1.39 9.15 7.12
C ALA A 84 -0.13 9.16 7.24
N HIS A 85 -0.77 8.02 7.00
CA HIS A 85 -2.21 7.82 7.14
C HIS A 85 -2.65 8.21 8.56
N CYS A 86 -1.94 7.74 9.59
CA CYS A 86 -2.37 7.96 10.95
C CYS A 86 -2.19 9.40 11.41
N ALA A 87 -1.28 10.17 10.81
CA ALA A 87 -0.98 11.55 11.18
C ALA A 87 -1.69 12.58 10.31
N THR A 88 -2.34 12.13 9.23
CA THR A 88 -3.27 12.96 8.48
C THR A 88 -4.70 12.80 9.07
N LEU A 89 -4.99 11.71 9.80
CA LEU A 89 -6.34 11.43 10.35
C LEU A 89 -6.40 11.43 11.89
N GLY A 90 -5.28 11.24 12.58
CA GLY A 90 -5.17 11.38 14.03
C GLY A 90 -5.18 10.08 14.84
N HIS A 91 -4.88 8.95 14.21
CA HIS A 91 -5.29 7.64 14.74
C HIS A 91 -4.41 7.10 15.87
N CYS A 92 -3.11 7.42 15.88
CA CYS A 92 -2.10 6.85 16.78
C CYS A 92 -2.05 5.30 16.77
N CYS A 93 -1.18 4.74 17.63
CA CYS A 93 -1.20 3.33 17.99
C CYS A 93 -2.25 3.08 19.08
N THR A 94 -2.48 1.80 19.42
CA THR A 94 -3.34 1.41 20.53
C THR A 94 -2.82 0.09 21.12
N SER A 95 -2.83 -0.99 20.34
CA SER A 95 -2.34 -2.33 20.68
C SER A 95 -0.81 -2.34 20.79
N LYS A 96 -0.19 -3.53 20.71
CA LYS A 96 1.26 -3.63 20.59
C LYS A 96 1.69 -2.88 19.33
N MET A 97 2.66 -1.97 19.48
CA MET A 97 3.17 -1.08 18.46
C MET A 97 2.05 -0.42 17.63
N HIS A 98 2.38 0.15 16.46
CA HIS A 98 1.34 0.57 15.53
C HIS A 98 0.54 -0.67 15.11
N LEU A 99 1.16 -1.58 14.36
CA LEU A 99 0.49 -2.67 13.70
C LEU A 99 1.35 -3.91 13.78
N HIS A 100 0.68 -5.04 13.95
CA HIS A 100 1.31 -6.33 14.18
C HIS A 100 1.88 -6.87 12.86
N SER A 101 1.17 -6.63 11.74
CA SER A 101 1.65 -6.87 10.38
C SER A 101 0.76 -6.12 9.38
N VAL A 102 0.99 -6.34 8.08
CA VAL A 102 0.21 -5.78 6.99
C VAL A 102 -1.26 -6.23 7.07
N MET A 103 -1.54 -7.50 7.38
CA MET A 103 -2.91 -8.00 7.46
C MET A 103 -3.74 -7.14 8.43
N ASP A 104 -3.16 -6.86 9.61
CA ASP A 104 -3.80 -6.05 10.63
C ASP A 104 -3.96 -4.61 10.15
N ALA A 105 -3.00 -4.11 9.35
CA ALA A 105 -3.10 -2.78 8.74
C ALA A 105 -4.38 -2.65 7.93
N ILE A 106 -4.61 -3.58 7.01
CA ILE A 106 -5.75 -3.54 6.11
C ILE A 106 -7.05 -3.58 6.92
N ASP A 107 -7.07 -4.28 8.04
CA ASP A 107 -8.24 -4.37 8.92
C ASP A 107 -8.39 -3.16 9.85
N PHE A 108 -7.28 -2.49 10.19
CA PHE A 108 -7.24 -1.24 10.94
C PHE A 108 -7.85 -0.15 10.06
N LEU A 109 -7.20 0.18 8.93
CA LEU A 109 -7.59 1.23 8.02
C LEU A 109 -9.07 1.13 7.61
N ASN A 110 -9.57 -0.07 7.26
CA ASN A 110 -10.97 -0.22 6.86
C ASN A 110 -11.96 -0.03 8.01
N ALA A 111 -11.51 -0.15 9.26
CA ALA A 111 -12.35 0.01 10.43
C ALA A 111 -12.29 1.45 10.98
N LEU A 112 -11.26 2.20 10.60
CA LEU A 112 -11.09 3.60 10.97
C LEU A 112 -12.10 4.45 10.23
N GLU A 113 -12.09 4.38 8.89
CA GLU A 113 -12.99 5.16 8.05
C GLU A 113 -14.45 4.74 8.26
N GLY A 114 -15.37 5.69 8.06
CA GLY A 114 -16.78 5.57 8.37
C GLY A 114 -17.58 5.41 7.10
N MET A 1 0.57 -12.09 -24.90
CA MET A 1 -0.81 -12.61 -24.94
C MET A 1 -0.95 -13.75 -23.93
N GLY A 2 -2.08 -13.83 -23.22
CA GLY A 2 -2.20 -14.77 -22.10
C GLY A 2 -1.58 -14.16 -20.85
N ALA A 3 -1.90 -12.90 -20.58
CA ALA A 3 -1.43 -12.13 -19.43
C ALA A 3 -2.46 -11.07 -19.06
N GLY A 4 -2.34 -10.50 -17.86
CA GLY A 4 -3.24 -9.52 -17.30
C GLY A 4 -2.48 -8.25 -16.88
N GLN A 5 -2.98 -7.55 -15.87
CA GLN A 5 -2.40 -6.33 -15.33
C GLN A 5 -2.56 -6.43 -13.82
N THR A 6 -1.46 -6.73 -13.13
CA THR A 6 -1.35 -6.71 -11.68
C THR A 6 -0.03 -6.01 -11.31
N PRO A 7 0.07 -5.30 -10.17
CA PRO A 7 1.27 -4.57 -9.81
C PRO A 7 2.33 -5.54 -9.27
N HIS A 8 2.96 -6.27 -10.18
CA HIS A 8 3.98 -7.29 -9.96
C HIS A 8 3.39 -8.60 -9.43
N PRO A 9 3.91 -9.78 -9.81
CA PRO A 9 3.49 -11.07 -9.26
C PRO A 9 4.17 -11.40 -7.92
N GLN A 10 5.37 -10.86 -7.65
CA GLN A 10 6.04 -11.08 -6.37
C GLN A 10 5.40 -10.24 -5.24
N LEU A 11 4.62 -9.21 -5.58
CA LEU A 11 3.76 -8.52 -4.63
C LEU A 11 2.75 -9.53 -4.12
N ILE A 12 2.78 -9.88 -2.84
CA ILE A 12 1.80 -10.75 -2.20
C ILE A 12 0.79 -9.84 -1.51
N TRP A 13 -0.47 -9.86 -1.95
CA TRP A 13 -1.52 -9.10 -1.29
C TRP A 13 -1.71 -9.57 0.16
N PRO A 14 -2.21 -8.71 1.05
CA PRO A 14 -2.58 -7.32 0.80
C PRO A 14 -1.41 -6.40 0.46
N ALA A 15 -1.72 -5.21 -0.05
CA ALA A 15 -0.74 -4.18 -0.37
C ALA A 15 -1.18 -2.83 0.19
N LEU A 16 -0.25 -1.87 0.18
CA LEU A 16 -0.39 -0.52 0.74
C LEU A 16 0.25 0.46 -0.23
N LEU A 17 -0.57 1.03 -1.11
CA LEU A 17 -0.15 2.14 -1.97
C LEU A 17 -0.05 3.39 -1.11
N LYS A 18 0.94 4.25 -1.35
CA LYS A 18 1.04 5.54 -0.65
C LYS A 18 1.60 6.55 -1.64
N GLN A 19 0.71 7.31 -2.26
CA GLN A 19 1.06 8.16 -3.37
C GLN A 19 2.17 9.14 -3.02
N GLN A 20 2.88 9.55 -4.06
CA GLN A 20 3.90 10.56 -3.92
C GLN A 20 3.23 11.89 -3.62
N GLY A 21 3.65 12.52 -2.52
CA GLY A 21 3.17 13.80 -2.04
C GLY A 21 2.13 13.64 -0.95
N CYS A 22 1.15 12.76 -1.16
CA CYS A 22 0.12 12.50 -0.18
C CYS A 22 0.63 11.62 0.96
N ASN A 23 -0.24 11.42 1.96
CA ASN A 23 0.06 10.71 3.20
C ASN A 23 -0.94 9.59 3.42
N GLU A 24 -2.12 9.69 2.81
CA GLU A 24 -3.21 8.74 2.95
C GLU A 24 -2.76 7.38 2.42
N LEU A 25 -2.79 6.33 3.23
CA LEU A 25 -2.53 4.99 2.75
C LEU A 25 -3.73 4.48 1.96
N LEU A 26 -3.48 3.61 0.99
CA LEU A 26 -4.48 2.90 0.22
C LEU A 26 -4.43 1.41 0.59
N PRO A 27 -5.14 0.97 1.65
CA PRO A 27 -5.23 -0.44 1.96
C PRO A 27 -5.96 -1.17 0.83
N LEU A 28 -5.40 -2.29 0.36
CA LEU A 28 -5.95 -3.09 -0.74
C LEU A 28 -5.90 -4.54 -0.28
N ARG A 29 -7.03 -5.12 0.16
CA ARG A 29 -7.01 -6.44 0.82
C ARG A 29 -6.57 -7.53 -0.17
N THR A 30 -7.01 -7.45 -1.42
CA THR A 30 -6.56 -8.32 -2.50
C THR A 30 -6.66 -7.60 -3.83
N ASN A 31 -6.27 -8.32 -4.88
CA ASN A 31 -6.13 -7.82 -6.24
C ASN A 31 -7.45 -7.31 -6.80
N ASP A 32 -8.59 -7.84 -6.36
CA ASP A 32 -9.91 -7.39 -6.82
C ASP A 32 -10.11 -5.91 -6.50
N ASP A 33 -9.65 -5.47 -5.32
CA ASP A 33 -9.70 -4.09 -4.88
C ASP A 33 -8.90 -3.21 -5.84
N TRP A 34 -7.67 -3.61 -6.17
CA TRP A 34 -6.84 -2.91 -7.15
C TRP A 34 -7.52 -2.83 -8.52
N GLN A 35 -8.05 -3.96 -9.00
CA GLN A 35 -8.67 -4.04 -10.32
C GLN A 35 -9.93 -3.17 -10.39
N ARG A 36 -10.61 -2.95 -9.27
CA ARG A 36 -11.66 -1.95 -9.14
C ARG A 36 -11.11 -0.54 -9.06
N PHE A 37 -10.00 -0.34 -8.35
CA PHE A 37 -9.37 0.96 -8.15
C PHE A 37 -8.94 1.54 -9.50
N CYS A 38 -8.02 0.86 -10.19
CA CYS A 38 -7.41 1.39 -11.40
C CYS A 38 -8.39 1.38 -12.58
N ALA A 39 -9.44 0.55 -12.52
CA ALA A 39 -10.53 0.56 -13.49
C ALA A 39 -11.22 1.92 -13.43
N ASP A 40 -11.67 2.30 -12.24
CA ASP A 40 -12.30 3.58 -11.99
C ASP A 40 -11.30 4.75 -11.98
N SER A 41 -10.01 4.46 -12.24
CA SER A 41 -8.83 5.29 -11.96
C SER A 41 -8.63 5.59 -10.48
N LYS A 42 -9.68 6.01 -9.77
CA LYS A 42 -9.78 6.53 -8.41
C LYS A 42 -8.99 7.82 -8.22
N HIS A 43 -7.81 7.95 -8.80
CA HIS A 43 -6.97 9.11 -8.74
C HIS A 43 -6.03 9.19 -9.95
N LEU A 44 -5.19 10.23 -9.95
CA LEU A 44 -4.00 10.36 -10.75
C LEU A 44 -3.00 9.32 -10.31
N LEU A 45 -2.59 8.40 -11.18
CA LEU A 45 -1.55 7.43 -10.87
C LEU A 45 -0.21 8.01 -11.31
N GLN A 46 0.72 8.18 -10.38
CA GLN A 46 1.97 8.91 -10.59
C GLN A 46 3.14 7.94 -10.55
N TYR A 47 4.18 8.25 -11.32
CA TYR A 47 5.50 7.67 -11.13
C TYR A 47 5.94 8.00 -9.70
N GLY A 48 6.49 7.01 -9.00
CA GLY A 48 6.88 7.17 -7.61
C GLY A 48 5.80 6.85 -6.57
N ASP A 49 4.61 6.38 -6.98
CA ASP A 49 3.44 6.25 -6.08
C ASP A 49 3.55 5.15 -5.01
N LYS A 50 4.65 4.39 -5.03
CA LYS A 50 5.16 3.39 -4.09
C LYS A 50 4.13 2.39 -3.57
N LEU A 51 4.36 1.12 -3.87
CA LEU A 51 3.63 0.04 -3.25
C LEU A 51 4.51 -0.63 -2.19
N VAL A 52 3.87 -1.34 -1.27
CA VAL A 52 4.43 -2.33 -0.37
C VAL A 52 3.43 -3.48 -0.36
N ASP A 53 3.87 -4.70 -0.05
CA ASP A 53 3.10 -5.95 -0.02
C ASP A 53 3.19 -6.63 1.36
N SER A 54 2.58 -7.81 1.50
CA SER A 54 2.58 -8.63 2.72
C SER A 54 3.94 -9.30 3.00
N ASN A 55 4.98 -9.04 2.19
CA ASN A 55 6.34 -9.54 2.34
C ASN A 55 7.35 -8.39 2.40
N PHE A 56 6.89 -7.15 2.66
CA PHE A 56 7.72 -5.96 2.83
C PHE A 56 8.52 -5.62 1.57
N HIS A 57 8.13 -6.13 0.40
CA HIS A 57 8.68 -5.73 -0.88
C HIS A 57 8.20 -4.31 -1.18
N CYS A 58 9.08 -3.29 -1.11
CA CYS A 58 8.74 -2.01 -1.73
C CYS A 58 8.74 -2.18 -3.24
N PHE A 59 7.92 -1.38 -3.92
CA PHE A 59 7.91 -1.21 -5.36
C PHE A 59 7.76 0.28 -5.67
N VAL A 60 8.11 0.67 -6.88
CA VAL A 60 8.08 2.00 -7.49
C VAL A 60 7.48 1.82 -8.88
N LEU A 61 6.60 2.73 -9.28
CA LEU A 61 6.08 2.83 -10.64
C LEU A 61 7.06 3.68 -11.45
N GLU A 62 7.44 3.21 -12.63
CA GLU A 62 8.32 3.93 -13.56
C GLU A 62 7.53 4.41 -14.79
N GLU A 63 8.19 5.17 -15.66
CA GLU A 63 7.65 5.70 -16.93
C GLU A 63 7.23 4.57 -17.88
N ASP A 64 7.71 3.36 -17.66
CA ASP A 64 7.29 2.15 -18.39
C ASP A 64 5.93 1.65 -17.93
N ALA A 65 5.40 2.24 -16.85
CA ALA A 65 4.20 1.86 -16.10
C ALA A 65 4.25 0.46 -15.47
N HIS A 66 5.38 -0.26 -15.53
CA HIS A 66 5.60 -1.41 -14.68
C HIS A 66 5.92 -0.97 -13.25
N TRP A 67 5.77 -1.90 -12.29
CA TRP A 67 6.07 -1.72 -10.89
C TRP A 67 7.39 -2.45 -10.60
N HIS A 68 8.51 -1.72 -10.74
CA HIS A 68 9.86 -2.24 -10.49
C HIS A 68 10.16 -2.27 -8.98
N PRO A 69 11.20 -3.02 -8.55
CA PRO A 69 11.51 -3.19 -7.14
C PRO A 69 12.11 -1.91 -6.57
N ALA A 70 12.09 -1.80 -5.23
CA ALA A 70 12.61 -0.64 -4.52
C ALA A 70 13.12 -1.04 -3.14
N ALA A 71 13.90 -2.13 -3.05
CA ALA A 71 14.41 -2.76 -1.84
C ALA A 71 13.27 -3.41 -1.02
N PRO A 72 13.58 -4.29 -0.05
CA PRO A 72 12.61 -4.64 0.96
C PRO A 72 12.43 -3.47 1.94
N LEU A 73 11.64 -3.73 2.97
CA LEU A 73 11.24 -2.74 3.96
C LEU A 73 11.50 -3.33 5.35
N PRO A 74 11.92 -2.53 6.35
CA PRO A 74 12.29 -3.03 7.66
C PRO A 74 11.04 -3.24 8.53
N PRO A 75 11.13 -3.94 9.67
CA PRO A 75 9.95 -4.14 10.52
C PRO A 75 9.37 -2.82 11.04
N GLU A 76 10.20 -1.76 11.16
CA GLU A 76 9.78 -0.42 11.57
C GLU A 76 9.23 0.42 10.40
N GLY A 77 9.51 0.03 9.15
CA GLY A 77 9.15 0.84 8.00
C GLY A 77 7.65 0.79 7.75
N LEU A 78 6.98 -0.27 8.20
CA LEU A 78 5.53 -0.45 8.09
C LEU A 78 4.88 0.63 8.94
N ASN A 79 5.32 0.76 10.19
CA ASN A 79 4.92 1.83 11.09
C ASN A 79 5.21 3.18 10.44
N ASP A 80 6.34 3.34 9.74
CA ASP A 80 6.71 4.58 9.05
C ASP A 80 5.76 4.90 7.89
N LEU A 81 5.24 3.90 7.18
CA LEU A 81 4.14 4.07 6.23
C LEU A 81 2.90 4.57 6.97
N ILE A 82 2.38 3.76 7.89
CA ILE A 82 1.09 4.01 8.53
C ILE A 82 1.11 5.34 9.29
N ARG A 83 2.28 5.79 9.76
CA ARG A 83 2.53 7.11 10.32
C ARG A 83 1.89 8.21 9.48
N ALA A 84 1.95 8.11 8.15
CA ALA A 84 1.45 9.14 7.25
C ALA A 84 -0.08 9.25 7.38
N HIS A 85 -0.80 8.16 7.13
CA HIS A 85 -2.25 8.06 7.30
C HIS A 85 -2.64 8.47 8.73
N CYS A 86 -1.96 7.94 9.75
CA CYS A 86 -2.30 8.24 11.13
C CYS A 86 -2.08 9.72 11.45
N ALA A 87 -1.04 10.34 10.92
CA ALA A 87 -0.72 11.73 11.20
C ALA A 87 -1.62 12.70 10.42
N THR A 88 -2.30 12.26 9.37
CA THR A 88 -3.24 13.13 8.69
C THR A 88 -4.64 12.99 9.33
N LEU A 89 -5.01 11.83 9.87
CA LEU A 89 -6.29 11.61 10.53
C LEU A 89 -6.24 11.80 12.05
N GLY A 90 -5.04 11.92 12.63
CA GLY A 90 -4.82 12.08 14.06
C GLY A 90 -5.04 10.81 14.87
N HIS A 91 -4.84 9.63 14.27
CA HIS A 91 -5.09 8.34 14.92
C HIS A 91 -3.93 7.94 15.86
N CYS A 92 -4.13 6.90 16.66
CA CYS A 92 -3.17 6.36 17.63
C CYS A 92 -2.68 4.99 17.19
N CYS A 93 -1.56 4.53 17.75
CA CYS A 93 -0.98 3.23 17.41
C CYS A 93 -1.60 2.05 18.17
N THR A 94 -2.66 2.27 18.95
CA THR A 94 -3.40 1.22 19.64
C THR A 94 -2.48 0.46 20.61
N SER A 95 -2.89 -0.71 21.08
CA SER A 95 -2.00 -1.67 21.72
C SER A 95 -1.38 -2.55 20.64
N LYS A 96 -0.62 -3.60 20.99
CA LYS A 96 0.03 -4.52 20.04
C LYS A 96 1.09 -3.82 19.18
N MET A 97 1.72 -2.74 19.69
CA MET A 97 2.79 -1.99 19.03
C MET A 97 2.45 -1.75 17.55
N HIS A 98 1.49 -0.86 17.29
CA HIS A 98 0.83 -0.70 15.99
C HIS A 98 0.16 -2.01 15.56
N LEU A 99 0.90 -2.90 14.92
CA LEU A 99 0.38 -3.88 13.97
C LEU A 99 1.24 -5.13 14.04
N HIS A 100 0.58 -6.30 14.08
CA HIS A 100 1.30 -7.57 14.11
C HIS A 100 2.01 -7.85 12.77
N SER A 101 1.35 -7.52 11.67
CA SER A 101 1.88 -7.63 10.31
C SER A 101 1.01 -6.81 9.37
N VAL A 102 1.28 -6.91 8.07
CA VAL A 102 0.64 -6.17 7.00
C VAL A 102 -0.87 -6.46 6.94
N MET A 103 -1.29 -7.70 7.18
CA MET A 103 -2.72 -8.04 7.20
C MET A 103 -3.45 -7.20 8.23
N ASP A 104 -2.88 -7.13 9.43
CA ASP A 104 -3.42 -6.43 10.59
C ASP A 104 -3.69 -4.96 10.24
N ALA A 105 -2.77 -4.36 9.48
CA ALA A 105 -2.86 -2.99 8.99
C ALA A 105 -4.15 -2.74 8.23
N ILE A 106 -4.48 -3.63 7.30
CA ILE A 106 -5.65 -3.48 6.45
C ILE A 106 -6.91 -3.44 7.32
N ASP A 107 -7.00 -4.33 8.31
CA ASP A 107 -8.14 -4.38 9.23
C ASP A 107 -8.18 -3.15 10.14
N PHE A 108 -7.01 -2.61 10.53
CA PHE A 108 -6.91 -1.39 11.31
C PHE A 108 -7.52 -0.23 10.52
N LEU A 109 -6.92 0.14 9.37
CA LEU A 109 -7.39 1.19 8.48
C LEU A 109 -8.89 1.06 8.18
N ASN A 110 -9.35 -0.14 7.79
CA ASN A 110 -10.75 -0.33 7.44
C ASN A 110 -11.67 -0.15 8.65
N ALA A 111 -11.21 -0.49 9.87
CA ALA A 111 -11.99 -0.29 11.07
C ALA A 111 -12.00 1.18 11.50
N LEU A 112 -10.98 1.96 11.16
CA LEU A 112 -10.90 3.37 11.51
C LEU A 112 -12.04 4.11 10.83
N GLU A 113 -12.03 4.15 9.49
CA GLU A 113 -12.87 4.97 8.65
C GLU A 113 -12.96 6.41 9.19
N GLY A 114 -11.79 6.98 9.44
CA GLY A 114 -11.60 8.38 9.71
C GLY A 114 -11.60 9.13 8.39
N MET A 1 -5.24 -14.82 -9.03
CA MET A 1 -6.50 -14.09 -9.22
C MET A 1 -6.38 -13.30 -10.53
N GLY A 2 -5.81 -12.09 -10.51
CA GLY A 2 -5.51 -11.36 -11.75
C GLY A 2 -4.47 -12.09 -12.58
N ALA A 3 -4.36 -11.76 -13.86
CA ALA A 3 -3.41 -12.36 -14.79
C ALA A 3 -2.98 -11.28 -15.77
N GLY A 4 -1.75 -10.78 -15.63
CA GLY A 4 -1.33 -9.52 -16.21
C GLY A 4 -1.91 -8.37 -15.41
N GLN A 5 -1.27 -7.20 -15.58
CA GLN A 5 -1.73 -5.92 -15.09
C GLN A 5 -1.89 -5.82 -13.56
N THR A 6 -1.40 -6.82 -12.84
CA THR A 6 -1.05 -6.67 -11.44
C THR A 6 0.21 -5.80 -11.37
N PRO A 7 0.36 -4.94 -10.36
CA PRO A 7 1.58 -4.18 -10.20
C PRO A 7 2.69 -5.12 -9.70
N HIS A 8 3.49 -5.66 -10.62
CA HIS A 8 4.54 -6.65 -10.44
C HIS A 8 3.96 -8.07 -10.23
N PRO A 9 4.64 -9.14 -10.69
CA PRO A 9 4.27 -10.52 -10.38
C PRO A 9 4.75 -10.94 -8.99
N GLN A 10 5.89 -10.42 -8.52
CA GLN A 10 6.53 -10.79 -7.26
C GLN A 10 5.94 -10.03 -6.06
N LEU A 11 5.04 -9.06 -6.32
CA LEU A 11 4.16 -8.45 -5.33
C LEU A 11 3.20 -9.54 -4.84
N ILE A 12 3.01 -9.69 -3.52
CA ILE A 12 2.12 -10.67 -2.91
C ILE A 12 0.99 -9.92 -2.21
N TRP A 13 -0.25 -10.08 -2.65
CA TRP A 13 -1.43 -9.47 -2.02
C TRP A 13 -1.59 -9.93 -0.57
N PRO A 14 -2.19 -9.09 0.30
CA PRO A 14 -2.71 -7.75 0.00
C PRO A 14 -1.65 -6.68 -0.24
N ALA A 15 -2.05 -5.45 -0.63
CA ALA A 15 -1.14 -4.34 -0.89
C ALA A 15 -1.53 -3.07 -0.16
N LEU A 16 -0.59 -2.13 -0.14
CA LEU A 16 -0.68 -0.80 0.43
C LEU A 16 0.00 0.17 -0.52
N LEU A 17 -0.79 0.89 -1.32
CA LEU A 17 -0.28 2.02 -2.10
C LEU A 17 0.06 3.16 -1.15
N LYS A 18 1.01 4.06 -1.48
CA LYS A 18 1.21 5.25 -0.68
C LYS A 18 1.61 6.45 -1.55
N GLN A 19 0.59 7.11 -2.08
CA GLN A 19 0.69 8.27 -2.94
C GLN A 19 1.72 9.25 -2.39
N GLN A 20 2.67 9.63 -3.25
CA GLN A 20 3.84 10.40 -2.93
C GLN A 20 3.47 11.83 -2.53
N GLY A 21 3.26 12.06 -1.25
CA GLY A 21 2.92 13.36 -0.69
C GLY A 21 1.52 13.39 -0.10
N CYS A 22 0.66 12.42 -0.42
CA CYS A 22 -0.66 12.31 0.22
C CYS A 22 -0.48 11.83 1.65
N ASN A 23 0.52 10.99 1.93
CA ASN A 23 0.75 10.30 3.20
C ASN A 23 -0.31 9.25 3.50
N GLU A 24 -1.48 9.36 2.87
CA GLU A 24 -2.54 8.39 2.92
C GLU A 24 -2.04 7.10 2.26
N LEU A 25 -2.39 5.97 2.88
CA LEU A 25 -2.20 4.66 2.32
C LEU A 25 -3.51 4.20 1.69
N LEU A 26 -3.39 3.38 0.67
CA LEU A 26 -4.50 2.74 -0.03
C LEU A 26 -4.48 1.23 0.19
N PRO A 27 -5.10 0.70 1.27
CA PRO A 27 -5.18 -0.73 1.51
C PRO A 27 -6.01 -1.40 0.41
N LEU A 28 -5.56 -2.56 -0.07
CA LEU A 28 -6.20 -3.29 -1.16
C LEU A 28 -6.11 -4.77 -0.82
N ARG A 29 -7.24 -5.45 -0.62
CA ARG A 29 -7.26 -6.84 -0.15
C ARG A 29 -6.72 -7.81 -1.19
N THR A 30 -7.29 -7.76 -2.40
CA THR A 30 -6.96 -8.67 -3.49
C THR A 30 -6.88 -7.87 -4.78
N ASN A 31 -6.30 -8.47 -5.83
CA ASN A 31 -6.11 -7.80 -7.12
C ASN A 31 -7.39 -7.14 -7.65
N ASP A 32 -8.56 -7.71 -7.33
CA ASP A 32 -9.87 -7.15 -7.67
C ASP A 32 -10.02 -5.72 -7.13
N ASP A 33 -9.58 -5.45 -5.89
CA ASP A 33 -9.65 -4.14 -5.26
C ASP A 33 -8.77 -3.15 -6.00
N TRP A 34 -7.53 -3.55 -6.31
CA TRP A 34 -6.60 -2.73 -7.09
C TRP A 34 -7.22 -2.39 -8.45
N GLN A 35 -7.78 -3.41 -9.11
CA GLN A 35 -8.44 -3.25 -10.40
C GLN A 35 -9.55 -2.19 -10.27
N ARG A 36 -10.51 -2.39 -9.37
CA ARG A 36 -11.66 -1.51 -9.15
C ARG A 36 -11.28 -0.12 -8.63
N PHE A 37 -10.04 0.07 -8.15
CA PHE A 37 -9.52 1.37 -7.75
C PHE A 37 -9.11 2.12 -9.02
N CYS A 38 -8.13 1.60 -9.76
CA CYS A 38 -7.63 2.32 -10.94
C CYS A 38 -8.70 2.40 -12.05
N ALA A 39 -9.60 1.42 -12.12
CA ALA A 39 -10.66 1.34 -13.12
C ALA A 39 -11.73 2.41 -12.92
N ASP A 40 -11.77 3.08 -11.76
CA ASP A 40 -12.83 4.05 -11.44
C ASP A 40 -12.31 5.48 -11.44
N SER A 41 -11.05 5.68 -11.83
CA SER A 41 -10.30 6.94 -11.72
C SER A 41 -10.41 7.54 -10.31
N LYS A 42 -10.34 6.69 -9.27
CA LYS A 42 -10.38 7.12 -7.88
C LYS A 42 -9.36 8.21 -7.60
N HIS A 43 -8.16 8.06 -8.15
CA HIS A 43 -7.01 8.90 -7.91
C HIS A 43 -6.13 8.87 -9.18
N LEU A 44 -4.89 9.37 -9.11
CA LEU A 44 -3.96 9.44 -10.24
C LEU A 44 -2.68 8.71 -9.89
N LEU A 45 -2.28 7.75 -10.73
CA LEU A 45 -0.97 7.12 -10.57
C LEU A 45 0.10 7.99 -11.21
N GLN A 46 1.21 8.19 -10.51
CA GLN A 46 2.28 9.09 -10.90
C GLN A 46 3.61 8.53 -10.36
N TYR A 47 4.72 9.02 -10.91
CA TYR A 47 6.02 8.37 -10.77
C TYR A 47 6.51 8.54 -9.34
N GLY A 48 6.44 7.47 -8.55
CA GLY A 48 6.85 7.42 -7.16
C GLY A 48 5.75 7.02 -6.17
N ASP A 49 4.57 6.62 -6.65
CA ASP A 49 3.38 6.28 -5.84
C ASP A 49 3.54 5.21 -4.74
N LYS A 50 4.64 4.45 -4.78
CA LYS A 50 5.09 3.33 -3.95
C LYS A 50 4.01 2.29 -3.63
N LEU A 51 4.28 1.03 -3.93
CA LEU A 51 3.47 -0.07 -3.42
C LEU A 51 4.30 -0.83 -2.41
N VAL A 52 3.62 -1.21 -1.34
CA VAL A 52 4.04 -2.24 -0.41
C VAL A 52 3.03 -3.37 -0.58
N ASP A 53 3.49 -4.59 -0.32
CA ASP A 53 2.85 -5.86 -0.42
C ASP A 53 3.07 -6.63 0.87
N SER A 54 2.39 -7.77 0.98
CA SER A 54 2.47 -8.70 2.09
C SER A 54 3.91 -9.20 2.36
N ASN A 55 4.80 -9.10 1.37
CA ASN A 55 6.13 -9.69 1.33
C ASN A 55 7.23 -8.71 1.73
N PHE A 56 6.87 -7.45 2.04
CA PHE A 56 7.79 -6.33 2.26
C PHE A 56 8.68 -6.02 1.04
N HIS A 57 8.38 -6.54 -0.16
CA HIS A 57 8.96 -6.05 -1.40
C HIS A 57 8.43 -4.65 -1.71
N CYS A 58 9.24 -3.60 -1.54
CA CYS A 58 8.79 -2.27 -1.93
C CYS A 58 8.79 -2.22 -3.47
N PHE A 59 7.93 -1.39 -4.04
CA PHE A 59 7.83 -1.17 -5.47
C PHE A 59 7.61 0.32 -5.72
N VAL A 60 8.02 0.80 -6.88
CA VAL A 60 7.98 2.19 -7.32
C VAL A 60 7.61 2.20 -8.81
N LEU A 61 6.70 3.07 -9.20
CA LEU A 61 6.25 3.30 -10.57
C LEU A 61 7.29 4.18 -11.25
N GLU A 62 7.69 3.82 -12.46
CA GLU A 62 8.64 4.58 -13.26
C GLU A 62 8.04 4.87 -14.64
N GLU A 63 8.69 5.72 -15.43
CA GLU A 63 8.12 6.31 -16.66
C GLU A 63 7.88 5.26 -17.74
N ASP A 64 8.69 4.19 -17.75
CA ASP A 64 8.50 3.01 -18.59
C ASP A 64 7.24 2.21 -18.22
N ALA A 65 6.40 2.75 -17.34
CA ALA A 65 5.06 2.30 -17.03
C ALA A 65 5.06 0.90 -16.42
N HIS A 66 6.16 0.57 -15.75
CA HIS A 66 6.32 -0.59 -14.92
C HIS A 66 6.51 -0.20 -13.46
N TRP A 67 6.38 -1.19 -12.59
CA TRP A 67 6.59 -1.12 -11.17
C TRP A 67 7.93 -1.78 -10.90
N HIS A 68 8.97 -0.97 -10.76
CA HIS A 68 10.31 -1.45 -10.47
C HIS A 68 10.33 -1.95 -9.01
N PRO A 69 11.06 -3.02 -8.69
CA PRO A 69 11.28 -3.48 -7.32
C PRO A 69 12.23 -2.51 -6.60
N ALA A 70 11.72 -1.81 -5.59
CA ALA A 70 12.41 -0.75 -4.86
C ALA A 70 13.13 -1.29 -3.62
N ALA A 71 13.66 -2.52 -3.71
CA ALA A 71 14.31 -3.28 -2.64
C ALA A 71 13.31 -3.63 -1.51
N PRO A 72 13.66 -4.57 -0.60
CA PRO A 72 12.78 -4.91 0.50
C PRO A 72 12.59 -3.76 1.51
N LEU A 73 11.83 -4.04 2.57
CA LEU A 73 11.42 -3.09 3.60
C LEU A 73 11.66 -3.72 4.99
N PRO A 74 12.08 -2.95 6.01
CA PRO A 74 12.41 -3.48 7.32
C PRO A 74 11.16 -3.74 8.18
N PRO A 75 11.26 -4.51 9.28
CA PRO A 75 10.13 -4.78 10.16
C PRO A 75 9.53 -3.55 10.84
N GLU A 76 10.19 -2.39 10.76
CA GLU A 76 9.74 -1.11 11.27
C GLU A 76 9.29 -0.14 10.16
N GLY A 77 9.63 -0.40 8.89
CA GLY A 77 9.29 0.49 7.78
C GLY A 77 7.77 0.59 7.60
N LEU A 78 7.07 -0.53 7.79
CA LEU A 78 5.61 -0.65 7.71
C LEU A 78 5.00 0.42 8.61
N ASN A 79 5.53 0.47 9.83
CA ASN A 79 5.05 1.22 10.96
C ASN A 79 5.39 2.71 10.81
N ASP A 80 6.33 3.08 9.92
CA ASP A 80 6.62 4.46 9.53
C ASP A 80 5.66 4.92 8.42
N LEU A 81 5.40 4.06 7.45
CA LEU A 81 4.45 4.34 6.37
C LEU A 81 3.08 4.61 6.94
N ILE A 82 2.58 3.70 7.78
CA ILE A 82 1.29 3.81 8.44
C ILE A 82 1.25 5.04 9.35
N ARG A 83 2.37 5.41 9.98
CA ARG A 83 2.51 6.65 10.72
C ARG A 83 2.05 7.84 9.88
N ALA A 84 2.42 7.88 8.59
CA ALA A 84 2.07 8.97 7.70
C ALA A 84 0.57 9.08 7.46
N HIS A 85 -0.11 7.95 7.24
CA HIS A 85 -1.56 7.89 7.15
C HIS A 85 -2.14 8.38 8.48
N CYS A 86 -1.73 7.82 9.61
CA CYS A 86 -2.34 8.16 10.89
C CYS A 86 -2.23 9.66 11.13
N ALA A 87 -1.08 10.25 10.82
CA ALA A 87 -0.81 11.66 11.01
C ALA A 87 -1.69 12.59 10.18
N THR A 88 -2.30 12.16 9.06
CA THR A 88 -3.09 13.08 8.25
C THR A 88 -4.57 13.02 8.64
N LEU A 89 -4.93 12.01 9.42
CA LEU A 89 -6.26 11.73 9.91
C LEU A 89 -6.37 12.02 11.41
N GLY A 90 -5.25 12.16 12.11
CA GLY A 90 -5.20 12.28 13.56
C GLY A 90 -5.36 10.94 14.28
N HIS A 91 -5.21 9.81 13.59
CA HIS A 91 -5.40 8.50 14.21
C HIS A 91 -4.18 8.16 15.08
N CYS A 92 -4.34 7.23 16.02
CA CYS A 92 -3.28 6.76 16.89
C CYS A 92 -2.89 5.33 16.50
N CYS A 93 -1.72 4.91 16.97
CA CYS A 93 -1.35 3.51 17.08
C CYS A 93 -2.38 2.75 17.94
N THR A 94 -2.33 1.43 17.85
CA THR A 94 -3.18 0.48 18.52
C THR A 94 -2.27 -0.40 19.39
N SER A 95 -2.77 -1.56 19.83
CA SER A 95 -1.99 -2.58 20.52
C SER A 95 -0.70 -2.92 19.75
N LYS A 96 0.20 -3.69 20.38
CA LYS A 96 1.52 -4.06 19.84
C LYS A 96 2.34 -2.85 19.40
N MET A 97 3.45 -3.08 18.72
CA MET A 97 4.30 -2.02 18.21
C MET A 97 3.66 -1.47 16.94
N HIS A 98 2.61 -0.65 17.07
CA HIS A 98 1.85 -0.07 15.96
C HIS A 98 1.08 -1.18 15.22
N LEU A 99 1.70 -2.04 14.38
CA LEU A 99 1.07 -3.19 13.73
C LEU A 99 2.04 -4.36 13.68
N HIS A 100 1.47 -5.56 13.64
CA HIS A 100 2.22 -6.80 13.50
C HIS A 100 2.71 -7.00 12.06
N SER A 101 1.89 -6.65 11.06
CA SER A 101 2.13 -7.03 9.66
C SER A 101 1.08 -6.39 8.72
N VAL A 102 1.18 -6.61 7.40
CA VAL A 102 0.30 -5.99 6.40
C VAL A 102 -1.14 -6.49 6.61
N MET A 103 -1.32 -7.77 6.92
CA MET A 103 -2.63 -8.34 7.19
C MET A 103 -3.35 -7.60 8.33
N ASP A 104 -2.58 -7.08 9.29
CA ASP A 104 -3.07 -6.30 10.41
C ASP A 104 -3.49 -4.93 9.87
N ALA A 105 -2.61 -4.31 9.08
CA ALA A 105 -2.78 -2.98 8.50
C ALA A 105 -4.09 -2.87 7.71
N ILE A 106 -4.36 -3.81 6.80
CA ILE A 106 -5.57 -3.75 5.99
C ILE A 106 -6.79 -3.69 6.92
N ASP A 107 -6.83 -4.54 7.94
CA ASP A 107 -7.97 -4.67 8.86
C ASP A 107 -8.08 -3.51 9.83
N PHE A 108 -6.95 -2.85 10.10
CA PHE A 108 -6.90 -1.58 10.80
C PHE A 108 -7.55 -0.50 9.93
N LEU A 109 -6.90 -0.11 8.83
CA LEU A 109 -7.31 0.92 7.89
C LEU A 109 -8.74 0.76 7.39
N ASN A 110 -9.13 -0.43 6.90
CA ASN A 110 -10.49 -0.65 6.39
C ASN A 110 -11.55 -0.52 7.50
N ALA A 111 -11.18 -0.49 8.79
CA ALA A 111 -12.10 -0.26 9.89
C ALA A 111 -12.05 1.18 10.41
N LEU A 112 -11.12 2.01 9.93
CA LEU A 112 -11.04 3.45 10.22
C LEU A 112 -11.84 4.24 9.19
N GLU A 113 -11.62 3.93 7.91
CA GLU A 113 -12.21 4.68 6.80
C GLU A 113 -13.69 4.37 6.67
N GLY A 114 -14.46 5.35 6.19
CA GLY A 114 -15.91 5.33 6.21
C GLY A 114 -16.37 6.64 6.81
N MET A 1 7.23 -13.78 -15.43
CA MET A 1 5.87 -14.20 -15.05
C MET A 1 4.87 -13.66 -16.07
N GLY A 2 4.83 -12.34 -16.26
CA GLY A 2 3.99 -11.64 -17.23
C GLY A 2 3.16 -10.60 -16.51
N ALA A 3 3.10 -9.39 -17.07
CA ALA A 3 2.38 -8.25 -16.52
C ALA A 3 1.02 -8.10 -17.21
N GLY A 4 0.39 -6.92 -17.15
CA GLY A 4 -0.80 -6.60 -17.92
C GLY A 4 -1.83 -5.77 -17.16
N GLN A 5 -2.44 -6.35 -16.12
CA GLN A 5 -3.65 -5.84 -15.48
C GLN A 5 -3.51 -5.74 -13.95
N THR A 6 -2.28 -5.89 -13.46
CA THR A 6 -1.91 -5.97 -12.05
C THR A 6 -0.56 -5.27 -11.84
N PRO A 7 -0.18 -4.88 -10.61
CA PRO A 7 0.96 -4.00 -10.42
C PRO A 7 2.26 -4.72 -10.76
N HIS A 8 2.50 -5.86 -10.12
CA HIS A 8 3.59 -6.79 -10.39
C HIS A 8 3.02 -8.19 -10.16
N PRO A 9 3.47 -9.24 -10.87
CA PRO A 9 2.95 -10.58 -10.64
C PRO A 9 3.44 -11.19 -9.32
N GLN A 10 4.64 -10.81 -8.85
CA GLN A 10 5.22 -11.33 -7.60
C GLN A 10 4.64 -10.63 -6.37
N LEU A 11 3.88 -9.54 -6.53
CA LEU A 11 3.12 -8.97 -5.43
C LEU A 11 2.13 -10.02 -4.89
N ILE A 12 2.08 -10.18 -3.57
CA ILE A 12 1.14 -11.07 -2.89
C ILE A 12 0.18 -10.21 -2.08
N TRP A 13 -1.09 -10.18 -2.47
CA TRP A 13 -2.13 -9.43 -1.77
C TRP A 13 -2.25 -9.86 -0.31
N PRO A 14 -2.64 -8.94 0.59
CA PRO A 14 -3.01 -7.56 0.29
C PRO A 14 -1.83 -6.64 -0.09
N ALA A 15 -2.13 -5.41 -0.51
CA ALA A 15 -1.14 -4.38 -0.82
C ALA A 15 -1.46 -3.06 -0.15
N LEU A 16 -0.47 -2.15 -0.17
CA LEU A 16 -0.47 -0.85 0.47
C LEU A 16 0.16 0.19 -0.45
N LEU A 17 -0.67 1.04 -1.05
CA LEU A 17 -0.23 2.23 -1.76
C LEU A 17 0.03 3.36 -0.77
N LYS A 18 0.73 4.42 -1.20
CA LYS A 18 0.74 5.69 -0.47
C LYS A 18 1.10 6.83 -1.42
N GLN A 19 0.10 7.41 -2.08
CA GLN A 19 0.32 8.31 -3.19
C GLN A 19 1.32 9.42 -2.87
N GLN A 20 2.24 9.66 -3.81
CA GLN A 20 3.30 10.63 -3.66
C GLN A 20 2.63 12.00 -3.65
N GLY A 21 2.75 12.71 -2.52
CA GLY A 21 2.06 13.98 -2.33
C GLY A 21 0.87 13.88 -1.37
N CYS A 22 0.51 12.69 -0.87
CA CYS A 22 -0.40 12.53 0.26
C CYS A 22 0.29 11.78 1.39
N ASN A 23 -0.39 11.70 2.53
CA ASN A 23 0.03 10.98 3.73
C ASN A 23 -0.89 9.78 3.92
N GLU A 24 -2.06 9.75 3.29
CA GLU A 24 -3.02 8.67 3.46
C GLU A 24 -2.54 7.46 2.66
N LEU A 25 -2.46 6.29 3.32
CA LEU A 25 -2.21 5.02 2.66
C LEU A 25 -3.51 4.47 2.09
N LEU A 26 -3.39 3.57 1.13
CA LEU A 26 -4.49 2.99 0.36
C LEU A 26 -4.52 1.48 0.49
N PRO A 27 -5.22 0.90 1.49
CA PRO A 27 -5.33 -0.54 1.69
C PRO A 27 -6.01 -1.19 0.48
N LEU A 28 -5.37 -2.20 -0.12
CA LEU A 28 -5.96 -3.06 -1.13
C LEU A 28 -6.03 -4.46 -0.55
N ARG A 29 -7.20 -4.88 -0.07
CA ARG A 29 -7.46 -6.22 0.45
C ARG A 29 -7.05 -7.28 -0.58
N THR A 30 -7.54 -7.18 -1.81
CA THR A 30 -7.18 -8.11 -2.86
C THR A 30 -7.08 -7.38 -4.20
N ASN A 31 -6.80 -8.16 -5.24
CA ASN A 31 -6.69 -7.75 -6.62
C ASN A 31 -7.91 -6.95 -7.05
N ASP A 32 -9.12 -7.34 -6.60
CA ASP A 32 -10.37 -6.63 -6.91
C ASP A 32 -10.32 -5.19 -6.39
N ASP A 33 -9.83 -5.00 -5.17
CA ASP A 33 -9.77 -3.70 -4.51
C ASP A 33 -8.77 -2.78 -5.19
N TRP A 34 -7.76 -3.35 -5.86
CA TRP A 34 -6.85 -2.61 -6.73
C TRP A 34 -7.47 -2.34 -8.10
N GLN A 35 -8.18 -3.30 -8.69
CA GLN A 35 -8.84 -3.10 -9.98
C GLN A 35 -9.79 -1.92 -9.86
N ARG A 36 -10.60 -1.87 -8.79
CA ARG A 36 -11.48 -0.75 -8.43
C ARG A 36 -10.78 0.59 -8.56
N PHE A 37 -9.56 0.71 -8.02
CA PHE A 37 -8.86 1.98 -7.97
C PHE A 37 -8.74 2.58 -9.38
N CYS A 38 -8.19 1.81 -10.32
CA CYS A 38 -7.99 2.22 -11.70
C CYS A 38 -9.31 2.19 -12.49
N ALA A 39 -10.26 1.34 -12.09
CA ALA A 39 -11.59 1.28 -12.69
C ALA A 39 -12.34 2.58 -12.45
N ASP A 40 -12.00 3.34 -11.40
CA ASP A 40 -12.69 4.60 -11.07
C ASP A 40 -12.13 5.74 -11.91
N SER A 41 -12.40 5.69 -13.21
CA SER A 41 -12.01 6.68 -14.21
C SER A 41 -10.52 7.00 -14.25
N LYS A 42 -9.66 6.01 -13.96
CA LYS A 42 -8.25 6.19 -13.71
C LYS A 42 -8.06 7.41 -12.80
N HIS A 43 -8.69 7.33 -11.63
CA HIS A 43 -8.29 8.09 -10.46
C HIS A 43 -6.77 8.02 -10.35
N LEU A 44 -6.19 9.05 -9.76
CA LEU A 44 -4.79 9.43 -9.79
C LEU A 44 -3.87 8.25 -9.60
N LEU A 45 -2.99 8.01 -10.58
CA LEU A 45 -1.88 7.08 -10.49
C LEU A 45 -0.73 7.79 -11.15
N GLN A 46 0.29 8.17 -10.38
CA GLN A 46 1.45 8.90 -10.88
C GLN A 46 2.72 8.10 -10.59
N TYR A 47 3.80 8.48 -11.27
CA TYR A 47 5.10 7.87 -11.06
C TYR A 47 5.53 8.09 -9.61
N GLY A 48 6.10 7.05 -9.02
CA GLY A 48 6.65 7.14 -7.68
C GLY A 48 5.61 6.92 -6.58
N ASP A 49 4.39 6.51 -6.92
CA ASP A 49 3.29 6.45 -5.94
C ASP A 49 3.55 5.43 -4.83
N LYS A 50 4.35 4.40 -5.13
CA LYS A 50 4.86 3.32 -4.25
C LYS A 50 3.79 2.27 -3.94
N LEU A 51 4.22 1.02 -3.82
CA LEU A 51 3.40 -0.08 -3.34
C LEU A 51 4.23 -0.87 -2.36
N VAL A 52 3.53 -1.60 -1.51
CA VAL A 52 4.03 -2.63 -0.63
C VAL A 52 3.05 -3.79 -0.75
N ASP A 53 3.55 -5.03 -0.74
CA ASP A 53 2.76 -6.25 -0.59
C ASP A 53 2.89 -6.85 0.82
N SER A 54 2.15 -7.93 1.08
CA SER A 54 2.15 -8.62 2.38
C SER A 54 3.46 -9.36 2.71
N ASN A 55 4.43 -9.43 1.79
CA ASN A 55 5.77 -9.92 2.07
C ASN A 55 6.70 -8.80 2.51
N PHE A 56 6.20 -7.55 2.56
CA PHE A 56 6.94 -6.32 2.79
C PHE A 56 7.83 -5.99 1.58
N HIS A 57 7.58 -6.54 0.38
CA HIS A 57 8.23 -6.11 -0.85
C HIS A 57 7.77 -4.70 -1.18
N CYS A 58 8.68 -3.72 -1.22
CA CYS A 58 8.37 -2.39 -1.73
C CYS A 58 8.51 -2.37 -3.26
N PHE A 59 7.82 -1.43 -3.90
CA PHE A 59 7.83 -1.20 -5.34
C PHE A 59 7.72 0.30 -5.61
N VAL A 60 8.14 0.72 -6.79
CA VAL A 60 7.96 2.05 -7.38
C VAL A 60 7.10 1.86 -8.63
N LEU A 61 6.53 2.96 -9.12
CA LEU A 61 5.91 3.03 -10.44
C LEU A 61 6.76 3.96 -11.30
N GLU A 62 7.07 3.52 -12.51
CA GLU A 62 8.01 4.13 -13.45
C GLU A 62 7.25 4.66 -14.68
N GLU A 63 7.93 5.13 -15.72
CA GLU A 63 7.32 5.64 -16.96
C GLU A 63 6.81 4.52 -17.88
N ASP A 64 7.30 3.30 -17.68
CA ASP A 64 7.16 2.12 -18.56
C ASP A 64 5.76 1.49 -18.51
N ALA A 65 4.94 1.96 -17.58
CA ALA A 65 3.73 1.37 -17.04
C ALA A 65 3.96 0.06 -16.26
N HIS A 66 5.19 -0.26 -15.85
CA HIS A 66 5.53 -1.27 -14.86
C HIS A 66 5.67 -0.75 -13.44
N TRP A 67 5.62 -1.68 -12.47
CA TRP A 67 6.04 -1.47 -11.11
C TRP A 67 7.35 -2.24 -10.94
N HIS A 68 8.48 -1.53 -10.88
CA HIS A 68 9.78 -2.13 -10.61
C HIS A 68 10.01 -2.22 -9.09
N PRO A 69 10.86 -3.13 -8.60
CA PRO A 69 11.00 -3.38 -7.17
C PRO A 69 11.87 -2.33 -6.48
N ALA A 70 11.65 -2.18 -5.18
CA ALA A 70 12.32 -1.22 -4.32
C ALA A 70 12.84 -1.88 -3.04
N ALA A 71 13.23 -3.15 -3.12
CA ALA A 71 13.78 -4.01 -2.07
C ALA A 71 12.69 -4.41 -1.04
N PRO A 72 12.92 -5.41 -0.16
CA PRO A 72 12.04 -5.66 0.97
C PRO A 72 12.20 -4.57 2.02
N LEU A 73 11.48 -4.65 3.13
CA LEU A 73 11.48 -3.60 4.15
C LEU A 73 11.63 -4.17 5.56
N PRO A 74 12.22 -3.43 6.52
CA PRO A 74 12.13 -3.78 7.93
C PRO A 74 10.68 -3.77 8.43
N PRO A 75 10.37 -4.46 9.54
CA PRO A 75 9.00 -4.53 10.06
C PRO A 75 8.53 -3.17 10.57
N GLU A 76 9.42 -2.42 11.20
CA GLU A 76 9.17 -1.08 11.67
C GLU A 76 9.11 -0.09 10.50
N GLY A 77 9.52 -0.53 9.31
CA GLY A 77 9.35 0.24 8.10
C GLY A 77 7.88 0.36 7.71
N LEU A 78 7.04 -0.62 8.06
CA LEU A 78 5.59 -0.51 7.92
C LEU A 78 5.09 0.62 8.81
N ASN A 79 5.44 0.57 10.10
CA ASN A 79 5.10 1.60 11.09
C ASN A 79 5.48 3.00 10.60
N ASP A 80 6.66 3.15 10.01
CA ASP A 80 7.18 4.40 9.44
C ASP A 80 6.32 4.94 8.29
N LEU A 81 5.73 4.07 7.45
CA LEU A 81 4.77 4.50 6.44
C LEU A 81 3.44 4.88 7.11
N ILE A 82 2.90 3.96 7.90
CA ILE A 82 1.61 4.09 8.61
C ILE A 82 1.54 5.40 9.39
N ARG A 83 2.67 5.82 9.96
CA ARG A 83 2.85 7.06 10.67
C ARG A 83 2.25 8.26 9.93
N ALA A 84 2.39 8.34 8.60
CA ALA A 84 1.82 9.43 7.79
C ALA A 84 0.30 9.49 7.91
N HIS A 85 -0.38 8.40 7.57
CA HIS A 85 -1.82 8.29 7.61
C HIS A 85 -2.31 8.55 9.04
N CYS A 86 -1.65 7.94 10.03
CA CYS A 86 -2.07 8.06 11.42
C CYS A 86 -1.76 9.43 12.01
N ALA A 87 -0.88 10.22 11.40
CA ALA A 87 -0.63 11.58 11.83
C ALA A 87 -1.64 12.57 11.24
N THR A 88 -2.31 12.21 10.14
CA THR A 88 -3.27 13.09 9.48
C THR A 88 -4.72 12.72 9.85
N LEU A 89 -4.92 11.50 10.37
CA LEU A 89 -6.14 11.07 11.05
C LEU A 89 -5.96 11.09 12.58
N GLY A 90 -4.80 11.51 13.06
CA GLY A 90 -4.51 11.77 14.46
C GLY A 90 -4.49 10.54 15.37
N HIS A 91 -4.43 9.32 14.82
CA HIS A 91 -4.54 8.10 15.62
C HIS A 91 -3.23 7.74 16.32
N CYS A 92 -2.08 7.99 15.69
CA CYS A 92 -0.76 7.45 16.08
C CYS A 92 -0.78 5.93 16.37
N CYS A 93 0.32 5.38 16.88
CA CYS A 93 0.49 3.94 17.16
C CYS A 93 0.22 3.62 18.63
N THR A 94 -0.06 2.36 18.92
CA THR A 94 -0.37 1.75 20.22
C THR A 94 -0.73 0.28 19.92
N SER A 95 -0.70 -0.60 20.91
CA SER A 95 -1.15 -2.00 20.85
C SER A 95 -0.34 -2.84 19.86
N LYS A 96 0.48 -3.77 20.38
CA LYS A 96 1.18 -4.78 19.58
C LYS A 96 2.05 -4.12 18.48
N MET A 97 2.89 -3.17 18.91
CA MET A 97 3.73 -2.32 18.07
C MET A 97 2.95 -1.69 16.91
N HIS A 98 1.74 -1.18 17.18
CA HIS A 98 0.77 -0.71 16.18
C HIS A 98 0.10 -1.90 15.47
N LEU A 99 0.92 -2.73 14.83
CA LEU A 99 0.58 -3.58 13.72
C LEU A 99 1.56 -4.75 13.72
N HIS A 100 1.06 -5.98 13.80
CA HIS A 100 1.91 -7.15 13.64
C HIS A 100 2.42 -7.27 12.20
N SER A 101 1.59 -6.93 11.20
CA SER A 101 1.87 -7.17 9.79
C SER A 101 1.04 -6.24 8.89
N VAL A 102 1.27 -6.30 7.56
CA VAL A 102 0.39 -5.70 6.55
C VAL A 102 -1.03 -6.26 6.73
N MET A 103 -1.16 -7.52 7.08
CA MET A 103 -2.44 -8.17 7.32
C MET A 103 -3.22 -7.50 8.44
N ASP A 104 -2.54 -7.08 9.53
CA ASP A 104 -3.18 -6.35 10.61
C ASP A 104 -3.75 -5.05 10.03
N ALA A 105 -2.86 -4.32 9.34
CA ALA A 105 -3.10 -2.97 8.85
C ALA A 105 -4.36 -2.89 7.98
N ILE A 106 -4.61 -3.85 7.09
CA ILE A 106 -5.78 -3.78 6.20
C ILE A 106 -7.07 -3.64 7.00
N ASP A 107 -7.26 -4.46 8.04
CA ASP A 107 -8.49 -4.42 8.84
C ASP A 107 -8.44 -3.27 9.84
N PHE A 108 -7.24 -3.00 10.40
CA PHE A 108 -7.01 -1.95 11.39
C PHE A 108 -7.37 -0.58 10.83
N LEU A 109 -6.83 -0.27 9.65
CA LEU A 109 -7.00 1.00 8.97
C LEU A 109 -8.42 1.17 8.50
N ASN A 110 -9.07 0.06 8.17
CA ASN A 110 -10.47 0.06 7.79
C ASN A 110 -11.35 0.47 8.97
N ALA A 111 -11.03 0.00 10.17
CA ALA A 111 -11.77 0.29 11.40
C ALA A 111 -11.53 1.71 11.93
N LEU A 112 -10.72 2.53 11.26
CA LEU A 112 -10.64 3.95 11.52
C LEU A 112 -11.80 4.69 10.82
N GLU A 113 -12.31 4.15 9.72
CA GLU A 113 -13.56 4.60 9.15
C GLU A 113 -14.71 3.93 9.91
N GLY A 114 -15.92 4.44 9.74
CA GLY A 114 -17.05 4.16 10.60
C GLY A 114 -17.37 5.45 11.33
N MET A 1 0.83 -13.94 -10.06
CA MET A 1 0.14 -14.90 -10.94
C MET A 1 -1.19 -14.33 -11.38
N GLY A 2 -1.40 -14.15 -12.69
CA GLY A 2 -2.60 -13.54 -13.26
C GLY A 2 -2.18 -12.42 -14.21
N ALA A 3 -1.43 -11.45 -13.70
CA ALA A 3 -1.00 -10.25 -14.41
C ALA A 3 -2.17 -9.58 -15.16
N GLY A 4 -1.87 -8.84 -16.22
CA GLY A 4 -2.76 -7.86 -16.80
C GLY A 4 -2.44 -6.52 -16.14
N GLN A 5 -3.42 -5.97 -15.44
CA GLN A 5 -3.49 -4.56 -15.03
C GLN A 5 -3.00 -4.32 -13.60
N THR A 6 -2.37 -5.34 -13.02
CA THR A 6 -1.80 -5.31 -11.67
C THR A 6 -0.39 -4.70 -11.70
N PRO A 7 0.13 -4.22 -10.55
CA PRO A 7 1.36 -3.44 -10.52
C PRO A 7 2.57 -4.28 -10.89
N HIS A 8 2.77 -5.40 -10.18
CA HIS A 8 3.83 -6.36 -10.44
C HIS A 8 3.19 -7.75 -10.35
N PRO A 9 3.62 -8.74 -11.15
CA PRO A 9 3.00 -10.07 -11.17
C PRO A 9 3.47 -10.92 -9.97
N GLN A 10 4.57 -10.53 -9.33
CA GLN A 10 5.05 -11.17 -8.10
C GLN A 10 4.31 -10.65 -6.86
N LEU A 11 3.79 -9.41 -6.87
CA LEU A 11 3.22 -8.75 -5.69
C LEU A 11 2.10 -9.61 -5.10
N ILE A 12 2.11 -9.81 -3.77
CA ILE A 12 1.20 -10.69 -3.07
C ILE A 12 0.28 -9.83 -2.21
N TRP A 13 -1.01 -9.86 -2.52
CA TRP A 13 -2.02 -9.15 -1.74
C TRP A 13 -2.07 -9.64 -0.30
N PRO A 14 -2.52 -8.80 0.63
CA PRO A 14 -2.90 -7.40 0.39
C PRO A 14 -1.70 -6.51 0.13
N ALA A 15 -1.95 -5.32 -0.45
CA ALA A 15 -0.93 -4.34 -0.75
C ALA A 15 -1.34 -2.96 -0.27
N LEU A 16 -0.35 -2.05 -0.25
CA LEU A 16 -0.46 -0.73 0.34
C LEU A 16 0.22 0.26 -0.58
N LEU A 17 -0.58 1.07 -1.27
CA LEU A 17 -0.11 2.21 -2.05
C LEU A 17 0.02 3.40 -1.11
N LYS A 18 0.97 4.33 -1.34
CA LYS A 18 0.96 5.61 -0.64
C LYS A 18 1.40 6.69 -1.61
N GLN A 19 0.43 7.38 -2.21
CA GLN A 19 0.65 8.21 -3.39
C GLN A 19 1.75 9.25 -3.16
N GLN A 20 2.43 9.65 -4.24
CA GLN A 20 3.53 10.59 -4.18
C GLN A 20 3.03 12.01 -3.89
N GLY A 21 2.93 12.33 -2.60
CA GLY A 21 2.49 13.61 -2.06
C GLY A 21 1.55 13.40 -0.88
N CYS A 22 0.73 12.35 -0.93
CA CYS A 22 -0.24 12.05 0.11
C CYS A 22 0.42 11.44 1.33
N ASN A 23 -0.41 11.20 2.33
CA ASN A 23 -0.06 10.71 3.65
C ASN A 23 -0.94 9.52 3.98
N GLU A 24 -2.20 9.55 3.54
CA GLU A 24 -3.12 8.44 3.56
C GLU A 24 -2.52 7.30 2.73
N LEU A 25 -2.51 6.10 3.28
CA LEU A 25 -2.30 4.87 2.55
C LEU A 25 -3.61 4.41 1.95
N LEU A 26 -3.49 3.72 0.83
CA LEU A 26 -4.54 3.09 0.05
C LEU A 26 -4.49 1.59 0.32
N PRO A 27 -5.20 1.10 1.36
CA PRO A 27 -5.36 -0.34 1.53
C PRO A 27 -5.99 -0.92 0.27
N LEU A 28 -5.35 -1.95 -0.28
CA LEU A 28 -5.90 -2.82 -1.31
C LEU A 28 -5.92 -4.22 -0.70
N ARG A 29 -7.10 -4.69 -0.28
CA ARG A 29 -7.25 -6.07 0.21
C ARG A 29 -6.78 -7.07 -0.83
N THR A 30 -7.13 -6.86 -2.10
CA THR A 30 -6.77 -7.79 -3.15
C THR A 30 -6.79 -7.10 -4.51
N ASN A 31 -6.52 -7.88 -5.56
CA ASN A 31 -6.59 -7.48 -6.96
C ASN A 31 -7.94 -6.84 -7.26
N ASP A 32 -9.04 -7.39 -6.76
CA ASP A 32 -10.38 -6.80 -6.92
C ASP A 32 -10.39 -5.36 -6.42
N ASP A 33 -9.90 -5.11 -5.20
CA ASP A 33 -9.80 -3.78 -4.58
C ASP A 33 -8.96 -2.84 -5.47
N TRP A 34 -7.82 -3.34 -5.97
CA TRP A 34 -6.94 -2.60 -6.88
C TRP A 34 -7.69 -2.18 -8.14
N GLN A 35 -8.52 -3.07 -8.70
CA GLN A 35 -9.30 -2.75 -9.89
C GLN A 35 -10.17 -1.54 -9.62
N ARG A 36 -10.84 -1.54 -8.47
CA ARG A 36 -11.89 -0.59 -8.14
C ARG A 36 -11.38 0.84 -8.10
N PHE A 37 -10.12 1.03 -7.71
CA PHE A 37 -9.41 2.31 -7.78
C PHE A 37 -9.56 2.92 -9.17
N CYS A 38 -9.08 2.20 -10.19
CA CYS A 38 -9.09 2.70 -11.56
C CYS A 38 -10.52 2.77 -12.09
N ALA A 39 -11.36 1.81 -11.69
CA ALA A 39 -12.73 1.69 -12.14
C ALA A 39 -13.55 2.91 -11.68
N ASP A 40 -13.14 3.59 -10.60
CA ASP A 40 -13.85 4.76 -10.09
C ASP A 40 -13.60 6.04 -10.88
N SER A 41 -12.87 5.95 -12.02
CA SER A 41 -12.38 7.11 -12.78
C SER A 41 -11.24 7.83 -12.03
N LYS A 42 -10.75 7.26 -10.92
CA LYS A 42 -9.71 7.83 -10.08
C LYS A 42 -8.35 7.29 -10.48
N HIS A 43 -8.08 7.11 -11.77
CA HIS A 43 -6.84 6.51 -12.26
C HIS A 43 -5.61 7.42 -12.19
N LEU A 44 -5.58 8.31 -11.18
CA LEU A 44 -4.55 9.29 -10.96
C LEU A 44 -3.25 8.57 -10.62
N LEU A 45 -2.32 8.49 -11.57
CA LEU A 45 -1.08 7.76 -11.41
C LEU A 45 0.06 8.69 -11.76
N GLN A 46 1.19 8.48 -11.08
CA GLN A 46 2.32 9.39 -11.03
C GLN A 46 3.49 8.51 -10.60
N TYR A 47 4.61 8.59 -11.31
CA TYR A 47 5.75 7.73 -11.02
C TYR A 47 6.19 7.99 -9.59
N GLY A 48 6.63 6.94 -8.92
CA GLY A 48 7.07 7.01 -7.55
C GLY A 48 5.98 6.79 -6.50
N ASP A 49 4.78 6.39 -6.92
CA ASP A 49 3.57 6.25 -6.08
C ASP A 49 3.67 5.18 -4.96
N LYS A 50 4.74 4.36 -4.98
CA LYS A 50 5.21 3.32 -4.04
C LYS A 50 4.15 2.28 -3.64
N LEU A 51 4.55 1.01 -3.63
CA LEU A 51 3.72 -0.10 -3.17
C LEU A 51 4.51 -0.94 -2.17
N VAL A 52 3.77 -1.66 -1.33
CA VAL A 52 4.24 -2.64 -0.37
C VAL A 52 3.30 -3.86 -0.51
N ASP A 53 3.82 -5.08 -0.42
CA ASP A 53 3.06 -6.33 -0.38
C ASP A 53 3.28 -7.10 0.93
N SER A 54 2.62 -8.25 1.08
CA SER A 54 2.62 -9.08 2.30
C SER A 54 4.02 -9.58 2.69
N ASN A 55 4.91 -9.73 1.71
CA ASN A 55 6.29 -10.18 1.87
C ASN A 55 7.19 -9.02 2.28
N PHE A 56 6.63 -7.80 2.45
CA PHE A 56 7.34 -6.56 2.63
C PHE A 56 8.22 -6.26 1.40
N HIS A 57 7.93 -6.79 0.21
CA HIS A 57 8.53 -6.27 -1.01
C HIS A 57 8.12 -4.80 -1.15
N CYS A 58 9.07 -3.87 -1.25
CA CYS A 58 8.77 -2.51 -1.66
C CYS A 58 8.84 -2.47 -3.19
N PHE A 59 7.99 -1.65 -3.80
CA PHE A 59 7.99 -1.40 -5.23
C PHE A 59 7.83 0.10 -5.47
N VAL A 60 8.29 0.57 -6.62
CA VAL A 60 8.30 1.95 -7.08
C VAL A 60 7.99 1.93 -8.58
N LEU A 61 7.05 2.78 -9.00
CA LEU A 61 6.75 3.08 -10.39
C LEU A 61 7.87 3.97 -10.92
N GLU A 62 8.56 3.58 -11.99
CA GLU A 62 9.57 4.41 -12.65
C GLU A 62 9.05 4.84 -14.02
N GLU A 63 9.69 5.80 -14.68
CA GLU A 63 9.32 6.29 -16.02
C GLU A 63 9.35 5.20 -17.11
N ASP A 64 9.77 3.99 -16.77
CA ASP A 64 9.62 2.81 -17.61
C ASP A 64 8.19 2.24 -17.53
N ALA A 65 7.27 2.80 -16.73
CA ALA A 65 5.90 2.34 -16.55
C ALA A 65 5.83 1.02 -15.77
N HIS A 66 6.96 0.43 -15.41
CA HIS A 66 7.02 -0.77 -14.60
C HIS A 66 7.07 -0.42 -13.12
N TRP A 67 6.84 -1.42 -12.28
CA TRP A 67 6.97 -1.37 -10.84
C TRP A 67 8.21 -2.16 -10.47
N HIS A 68 9.33 -1.48 -10.27
CA HIS A 68 10.61 -2.11 -10.01
C HIS A 68 10.70 -2.54 -8.53
N PRO A 69 11.36 -3.67 -8.21
CA PRO A 69 11.64 -4.10 -6.83
C PRO A 69 12.65 -3.18 -6.13
N ALA A 70 12.14 -2.41 -5.18
CA ALA A 70 12.91 -1.60 -4.25
C ALA A 70 13.47 -2.45 -3.09
N ALA A 71 13.58 -3.78 -3.26
CA ALA A 71 14.02 -4.76 -2.28
C ALA A 71 13.02 -4.89 -1.12
N PRO A 72 13.14 -5.95 -0.29
CA PRO A 72 12.29 -6.07 0.88
C PRO A 72 12.55 -4.97 1.90
N LEU A 73 11.60 -4.83 2.81
CA LEU A 73 11.52 -3.79 3.83
C LEU A 73 11.55 -4.41 5.23
N PRO A 74 12.15 -3.75 6.25
CA PRO A 74 12.10 -4.22 7.61
C PRO A 74 10.68 -4.15 8.19
N PRO A 75 10.41 -4.84 9.31
CA PRO A 75 9.11 -4.82 9.97
C PRO A 75 8.69 -3.40 10.38
N GLU A 76 9.64 -2.55 10.75
CA GLU A 76 9.35 -1.18 11.18
C GLU A 76 9.08 -0.28 9.98
N GLY A 77 9.59 -0.61 8.80
CA GLY A 77 9.48 0.25 7.64
C GLY A 77 8.01 0.44 7.21
N LEU A 78 7.17 -0.57 7.45
CA LEU A 78 5.71 -0.49 7.31
C LEU A 78 5.17 0.66 8.15
N ASN A 79 5.53 0.67 9.44
CA ASN A 79 5.00 1.61 10.41
C ASN A 79 5.39 3.04 10.06
N ASP A 80 6.51 3.25 9.35
CA ASP A 80 6.96 4.58 8.91
C ASP A 80 6.10 5.14 7.78
N LEU A 81 5.36 4.30 7.05
CA LEU A 81 4.33 4.76 6.12
C LEU A 81 3.04 5.01 6.90
N ILE A 82 2.62 4.04 7.72
CA ILE A 82 1.43 4.08 8.58
C ILE A 82 1.39 5.35 9.43
N ARG A 83 2.54 5.78 9.95
CA ARG A 83 2.71 7.01 10.73
C ARG A 83 1.99 8.18 10.05
N ALA A 84 2.07 8.29 8.73
CA ALA A 84 1.45 9.37 7.97
C ALA A 84 -0.07 9.22 7.86
N HIS A 85 -0.60 8.03 7.55
CA HIS A 85 -2.05 7.83 7.48
C HIS A 85 -2.66 8.08 8.86
N CYS A 86 -2.04 7.55 9.92
CA CYS A 86 -2.53 7.79 11.27
C CYS A 86 -2.46 9.27 11.63
N ALA A 87 -1.38 9.97 11.25
CA ALA A 87 -1.20 11.38 11.58
C ALA A 87 -2.18 12.29 10.84
N THR A 88 -2.57 11.95 9.60
CA THR A 88 -3.47 12.82 8.87
C THR A 88 -4.89 12.69 9.44
N LEU A 89 -5.30 11.48 9.82
CA LEU A 89 -6.69 11.23 10.25
C LEU A 89 -6.81 11.50 11.74
N GLY A 90 -5.94 10.89 12.54
CA GLY A 90 -5.89 10.99 13.99
C GLY A 90 -6.18 9.62 14.59
N HIS A 91 -5.37 8.62 14.24
CA HIS A 91 -5.56 7.23 14.67
C HIS A 91 -4.42 6.77 15.56
N CYS A 92 -4.62 5.66 16.27
CA CYS A 92 -3.74 5.16 17.31
C CYS A 92 -3.09 3.82 16.90
N CYS A 93 -2.51 3.10 17.87
CA CYS A 93 -1.58 2.00 17.64
C CYS A 93 -2.03 0.79 18.45
N THR A 94 -2.62 -0.17 17.73
CA THR A 94 -3.22 -1.39 18.22
C THR A 94 -2.11 -2.42 18.48
N SER A 95 -1.37 -2.21 19.56
CA SER A 95 -0.24 -3.03 19.98
C SER A 95 0.91 -2.96 18.96
N LYS A 96 2.06 -3.55 19.33
CA LYS A 96 3.37 -3.25 18.77
C LYS A 96 3.58 -1.72 18.75
N MET A 97 4.56 -1.24 18.00
CA MET A 97 4.79 0.20 17.89
C MET A 97 3.68 0.92 17.14
N HIS A 98 2.86 0.15 16.41
CA HIS A 98 1.75 0.59 15.60
C HIS A 98 0.90 -0.61 15.16
N LEU A 99 1.57 -1.64 14.62
CA LEU A 99 1.00 -2.82 13.96
C LEU A 99 1.96 -3.99 14.06
N HIS A 100 1.44 -5.18 13.81
CA HIS A 100 2.24 -6.38 13.65
C HIS A 100 2.71 -6.57 12.19
N SER A 101 1.88 -6.23 11.20
CA SER A 101 2.11 -6.66 9.81
C SER A 101 1.14 -6.00 8.82
N VAL A 102 1.23 -6.32 7.51
CA VAL A 102 0.37 -5.75 6.47
C VAL A 102 -1.08 -6.23 6.61
N MET A 103 -1.32 -7.50 6.97
CA MET A 103 -2.68 -8.01 7.18
C MET A 103 -3.33 -7.20 8.30
N ASP A 104 -2.55 -7.00 9.38
CA ASP A 104 -2.86 -6.18 10.54
C ASP A 104 -3.25 -4.77 10.10
N ALA A 105 -2.44 -4.16 9.24
CA ALA A 105 -2.66 -2.82 8.71
C ALA A 105 -3.98 -2.73 7.96
N ILE A 106 -4.17 -3.59 6.96
CA ILE A 106 -5.32 -3.55 6.08
C ILE A 106 -6.59 -3.74 6.93
N ASP A 107 -6.54 -4.65 7.90
CA ASP A 107 -7.62 -4.89 8.84
C ASP A 107 -7.92 -3.63 9.63
N PHE A 108 -6.87 -3.02 10.18
CA PHE A 108 -6.88 -1.78 10.96
C PHE A 108 -7.56 -0.67 10.17
N LEU A 109 -6.95 -0.20 9.07
CA LEU A 109 -7.46 0.84 8.21
C LEU A 109 -8.93 0.63 7.86
N ASN A 110 -9.30 -0.58 7.41
CA ASN A 110 -10.65 -0.87 6.98
C ASN A 110 -11.60 -1.14 8.14
N ALA A 111 -11.14 -1.18 9.39
CA ALA A 111 -11.98 -1.21 10.57
C ALA A 111 -12.10 0.18 11.19
N LEU A 112 -11.11 1.05 10.98
CA LEU A 112 -11.13 2.43 11.41
C LEU A 112 -12.28 3.13 10.70
N GLU A 113 -12.23 3.15 9.36
CA GLU A 113 -13.15 3.97 8.60
C GLU A 113 -14.56 3.40 8.63
N GLY A 114 -15.55 4.26 8.45
CA GLY A 114 -16.94 3.87 8.51
C GLY A 114 -17.30 3.73 9.97
N MET A 1 -7.31 -11.48 -15.15
CA MET A 1 -6.97 -12.54 -14.19
C MET A 1 -5.46 -12.69 -14.06
N GLY A 2 -4.92 -12.57 -12.86
CA GLY A 2 -3.50 -12.77 -12.60
C GLY A 2 -2.60 -11.74 -13.29
N ALA A 3 -1.28 -11.97 -13.23
CA ALA A 3 -0.21 -11.08 -13.66
C ALA A 3 -0.44 -10.57 -15.08
N GLY A 4 -0.36 -9.25 -15.26
CA GLY A 4 -0.84 -8.55 -16.43
C GLY A 4 -1.53 -7.28 -15.98
N GLN A 5 -2.72 -7.42 -15.39
CA GLN A 5 -3.49 -6.29 -14.89
C GLN A 5 -3.08 -5.86 -13.48
N THR A 6 -1.98 -6.40 -12.98
CA THR A 6 -1.48 -6.15 -11.63
C THR A 6 -0.06 -5.60 -11.64
N PRO A 7 0.31 -4.79 -10.64
CA PRO A 7 1.64 -4.23 -10.52
C PRO A 7 2.63 -5.32 -10.06
N HIS A 8 3.32 -5.95 -11.01
CA HIS A 8 4.36 -6.97 -10.85
C HIS A 8 3.83 -8.37 -10.47
N PRO A 9 4.44 -9.47 -10.96
CA PRO A 9 3.97 -10.82 -10.68
C PRO A 9 4.39 -11.37 -9.31
N GLN A 10 5.44 -10.81 -8.68
CA GLN A 10 5.75 -11.19 -7.31
C GLN A 10 4.83 -10.51 -6.30
N LEU A 11 4.11 -9.41 -6.64
CA LEU A 11 3.31 -8.68 -5.66
C LEU A 11 2.22 -9.58 -5.06
N ILE A 12 2.16 -9.67 -3.72
CA ILE A 12 1.17 -10.47 -3.01
C ILE A 12 0.24 -9.50 -2.30
N TRP A 13 -1.05 -9.54 -2.64
CA TRP A 13 -2.08 -8.77 -1.95
C TRP A 13 -2.22 -9.26 -0.50
N PRO A 14 -2.66 -8.40 0.42
CA PRO A 14 -2.99 -7.00 0.17
C PRO A 14 -1.78 -6.12 -0.12
N ALA A 15 -2.04 -4.98 -0.75
CA ALA A 15 -1.03 -3.94 -1.01
C ALA A 15 -1.44 -2.65 -0.33
N LEU A 16 -0.48 -1.72 -0.29
CA LEU A 16 -0.57 -0.40 0.29
C LEU A 16 0.15 0.56 -0.64
N LEU A 17 -0.61 1.14 -1.57
CA LEU A 17 -0.20 2.35 -2.26
C LEU A 17 -0.24 3.47 -1.21
N LYS A 18 0.67 4.44 -1.28
CA LYS A 18 0.53 5.66 -0.49
C LYS A 18 1.05 6.74 -1.40
N GLN A 19 0.17 7.42 -2.13
CA GLN A 19 0.61 8.27 -3.22
C GLN A 19 1.62 9.28 -2.70
N GLN A 20 2.69 9.51 -3.46
CA GLN A 20 3.64 10.52 -3.06
C GLN A 20 2.94 11.88 -3.04
N GLY A 21 3.21 12.60 -1.96
CA GLY A 21 2.59 13.86 -1.59
C GLY A 21 1.47 13.65 -0.57
N CYS A 22 0.59 12.66 -0.80
CA CYS A 22 -0.45 12.31 0.16
C CYS A 22 0.19 11.71 1.41
N ASN A 23 -0.61 11.61 2.48
CA ASN A 23 -0.26 10.96 3.73
C ASN A 23 -1.22 9.79 3.94
N GLU A 24 -2.43 9.91 3.40
CA GLU A 24 -3.48 8.92 3.33
C GLU A 24 -3.02 7.74 2.46
N LEU A 25 -3.43 6.53 2.83
CA LEU A 25 -3.06 5.28 2.18
C LEU A 25 -4.18 4.81 1.24
N LEU A 26 -3.82 3.91 0.33
CA LEU A 26 -4.74 3.10 -0.44
C LEU A 26 -4.55 1.63 -0.06
N PRO A 27 -5.23 1.15 0.99
CA PRO A 27 -5.29 -0.27 1.28
C PRO A 27 -6.07 -0.95 0.16
N LEU A 28 -5.57 -2.09 -0.32
CA LEU A 28 -6.14 -2.84 -1.43
C LEU A 28 -6.16 -4.29 -1.00
N ARG A 29 -7.32 -4.80 -0.55
CA ARG A 29 -7.41 -6.09 0.12
C ARG A 29 -6.90 -7.21 -0.76
N THR A 30 -7.35 -7.23 -2.02
CA THR A 30 -7.08 -8.32 -2.95
C THR A 30 -6.84 -7.70 -4.32
N ASN A 31 -6.51 -8.56 -5.30
CA ASN A 31 -6.54 -8.15 -6.69
C ASN A 31 -7.91 -7.59 -7.05
N ASP A 32 -9.00 -8.14 -6.51
CA ASP A 32 -10.35 -7.75 -6.88
C ASP A 32 -10.70 -6.31 -6.46
N ASP A 33 -9.92 -5.72 -5.54
CA ASP A 33 -10.02 -4.31 -5.17
C ASP A 33 -9.27 -3.45 -6.20
N TRP A 34 -8.07 -3.90 -6.59
CA TRP A 34 -7.25 -3.24 -7.61
C TRP A 34 -7.92 -3.27 -8.98
N GLN A 35 -8.60 -4.38 -9.32
CA GLN A 35 -9.33 -4.55 -10.57
C GLN A 35 -10.29 -3.38 -10.75
N ARG A 36 -11.05 -3.06 -9.71
CA ARG A 36 -12.03 -1.96 -9.70
C ARG A 36 -11.36 -0.60 -9.91
N PHE A 37 -10.13 -0.42 -9.46
CA PHE A 37 -9.42 0.84 -9.58
C PHE A 37 -8.97 1.05 -11.03
N CYS A 38 -8.27 0.08 -11.61
CA CYS A 38 -7.84 0.11 -13.01
C CYS A 38 -9.04 0.04 -13.98
N ALA A 39 -10.19 -0.51 -13.55
CA ALA A 39 -11.43 -0.50 -14.30
C ALA A 39 -11.98 0.93 -14.38
N ASP A 40 -11.99 1.65 -13.26
CA ASP A 40 -12.87 2.80 -13.06
C ASP A 40 -12.07 4.09 -12.93
N SER A 41 -11.56 4.51 -14.07
CA SER A 41 -10.80 5.72 -14.27
C SER A 41 -9.42 5.62 -13.63
N LYS A 42 -8.39 5.48 -14.47
CA LYS A 42 -6.98 5.22 -14.12
C LYS A 42 -6.36 6.09 -13.03
N HIS A 43 -6.95 7.23 -12.69
CA HIS A 43 -6.68 8.01 -11.49
C HIS A 43 -5.35 8.74 -11.52
N LEU A 44 -4.97 9.29 -10.37
CA LEU A 44 -3.69 9.92 -10.20
C LEU A 44 -2.65 8.82 -10.23
N LEU A 45 -1.68 8.93 -11.13
CA LEU A 45 -0.53 8.07 -11.17
C LEU A 45 0.64 8.96 -11.51
N GLN A 46 1.78 8.66 -10.92
CA GLN A 46 3.00 9.45 -10.97
C GLN A 46 4.10 8.46 -10.66
N TYR A 47 5.14 8.46 -11.50
CA TYR A 47 6.32 7.62 -11.26
C TYR A 47 6.83 8.04 -9.88
N GLY A 48 7.12 7.06 -9.04
CA GLY A 48 7.55 7.26 -7.66
C GLY A 48 6.46 7.07 -6.60
N ASP A 49 5.21 6.74 -6.97
CA ASP A 49 4.05 6.64 -6.08
C ASP A 49 4.19 5.65 -4.91
N LYS A 50 5.14 4.72 -5.04
CA LYS A 50 5.53 3.65 -4.13
C LYS A 50 4.41 2.65 -3.85
N LEU A 51 4.77 1.37 -3.86
CA LEU A 51 3.86 0.28 -3.50
C LEU A 51 4.56 -0.54 -2.43
N VAL A 52 3.75 -1.19 -1.61
CA VAL A 52 4.16 -2.14 -0.61
C VAL A 52 3.21 -3.31 -0.82
N ASP A 53 3.74 -4.52 -0.95
CA ASP A 53 2.96 -5.74 -0.91
C ASP A 53 3.00 -6.35 0.50
N SER A 54 2.27 -7.45 0.65
CA SER A 54 2.13 -8.20 1.88
C SER A 54 3.47 -8.75 2.40
N ASN A 55 4.52 -8.88 1.57
CA ASN A 55 5.81 -9.47 1.98
C ASN A 55 6.73 -8.47 2.66
N PHE A 56 6.46 -7.17 2.57
CA PHE A 56 7.46 -6.11 2.76
C PHE A 56 8.48 -6.16 1.62
N HIS A 57 8.02 -6.35 0.39
CA HIS A 57 8.77 -5.88 -0.77
C HIS A 57 8.23 -4.48 -1.07
N CYS A 58 9.13 -3.51 -1.18
CA CYS A 58 8.78 -2.16 -1.62
C CYS A 58 8.90 -2.09 -3.13
N PHE A 59 8.24 -1.12 -3.75
CA PHE A 59 8.31 -0.89 -5.18
C PHE A 59 8.25 0.60 -5.50
N VAL A 60 8.69 0.98 -6.69
CA VAL A 60 8.69 2.31 -7.27
C VAL A 60 8.28 2.17 -8.73
N LEU A 61 7.32 3.00 -9.16
CA LEU A 61 6.90 3.15 -10.55
C LEU A 61 7.98 3.96 -11.24
N GLU A 62 8.48 3.53 -12.38
CA GLU A 62 9.49 4.21 -13.19
C GLU A 62 8.95 4.46 -14.61
N GLU A 63 9.57 5.30 -15.44
CA GLU A 63 8.97 5.79 -16.69
C GLU A 63 8.55 4.69 -17.68
N ASP A 64 9.24 3.55 -17.62
CA ASP A 64 9.03 2.32 -18.39
C ASP A 64 7.81 1.51 -17.88
N ALA A 65 6.91 2.13 -17.06
CA ALA A 65 5.59 1.60 -16.71
C ALA A 65 5.64 0.36 -15.83
N HIS A 66 6.82 -0.03 -15.32
CA HIS A 66 6.94 -1.09 -14.36
C HIS A 66 7.12 -0.55 -12.95
N TRP A 67 6.81 -1.44 -12.01
CA TRP A 67 7.09 -1.30 -10.60
C TRP A 67 8.37 -2.08 -10.35
N HIS A 68 9.51 -1.39 -10.30
CA HIS A 68 10.77 -2.04 -9.97
C HIS A 68 10.73 -2.39 -8.47
N PRO A 69 11.31 -3.52 -8.03
CA PRO A 69 11.44 -3.86 -6.62
C PRO A 69 12.44 -2.91 -5.97
N ALA A 70 11.91 -1.97 -5.18
CA ALA A 70 12.65 -0.92 -4.52
C ALA A 70 13.32 -1.42 -3.24
N ALA A 71 13.95 -2.60 -3.31
CA ALA A 71 14.42 -3.38 -2.17
C ALA A 71 13.27 -3.77 -1.22
N PRO A 72 13.51 -4.70 -0.29
CA PRO A 72 12.57 -4.95 0.78
C PRO A 72 12.41 -3.73 1.71
N LEU A 73 11.52 -3.86 2.69
CA LEU A 73 11.21 -2.83 3.68
C LEU A 73 11.46 -3.46 5.05
N PRO A 74 11.97 -2.72 6.06
CA PRO A 74 12.30 -3.30 7.36
C PRO A 74 11.04 -3.47 8.22
N PRO A 75 11.08 -4.25 9.31
CA PRO A 75 9.90 -4.45 10.15
C PRO A 75 9.44 -3.17 10.86
N GLU A 76 10.29 -2.13 10.90
CA GLU A 76 9.92 -0.82 11.38
C GLU A 76 9.37 0.10 10.27
N GLY A 77 9.76 -0.10 8.99
CA GLY A 77 9.54 0.84 7.90
C GLY A 77 8.07 1.15 7.68
N LEU A 78 7.23 0.12 7.85
CA LEU A 78 5.79 0.15 7.66
C LEU A 78 5.21 1.23 8.58
N ASN A 79 5.62 1.22 9.84
CA ASN A 79 5.05 2.08 10.86
C ASN A 79 5.28 3.56 10.57
N ASP A 80 6.32 3.93 9.81
CA ASP A 80 6.62 5.33 9.46
C ASP A 80 5.63 5.87 8.43
N LEU A 81 5.22 5.02 7.51
CA LEU A 81 4.17 5.31 6.52
C LEU A 81 2.83 5.50 7.23
N ILE A 82 2.49 4.54 8.09
CA ILE A 82 1.30 4.57 8.96
C ILE A 82 1.27 5.90 9.74
N ARG A 83 2.41 6.35 10.26
CA ARG A 83 2.62 7.60 10.95
C ARG A 83 2.15 8.84 10.18
N ALA A 84 1.93 8.77 8.86
CA ALA A 84 1.41 9.88 8.07
C ALA A 84 -0.12 9.83 8.01
N HIS A 85 -0.69 8.69 7.64
CA HIS A 85 -2.15 8.50 7.63
C HIS A 85 -2.72 8.76 9.02
N CYS A 86 -2.11 8.17 10.04
CA CYS A 86 -2.59 8.31 11.40
C CYS A 86 -2.44 9.73 11.89
N ALA A 87 -1.36 10.43 11.50
CA ALA A 87 -1.18 11.83 11.85
C ALA A 87 -2.26 12.69 11.22
N THR A 88 -2.55 12.49 9.94
CA THR A 88 -3.47 13.40 9.24
C THR A 88 -4.89 13.20 9.79
N LEU A 89 -5.26 11.98 10.24
CA LEU A 89 -6.56 11.73 10.85
C LEU A 89 -6.57 12.18 12.31
N GLY A 90 -5.65 11.65 13.13
CA GLY A 90 -5.53 11.91 14.56
C GLY A 90 -5.50 10.62 15.39
N HIS A 91 -4.81 9.57 14.94
CA HIS A 91 -4.75 8.27 15.61
C HIS A 91 -3.31 7.92 15.97
N CYS A 92 -3.10 6.87 16.79
CA CYS A 92 -1.79 6.40 17.20
C CYS A 92 -1.80 4.89 17.48
N CYS A 93 -0.61 4.34 17.68
CA CYS A 93 -0.30 2.95 17.97
C CYS A 93 -1.01 2.46 19.23
N THR A 94 -1.26 1.15 19.26
CA THR A 94 -2.03 0.46 20.29
C THR A 94 -1.09 -0.52 21.01
N SER A 95 -0.89 -1.74 20.50
CA SER A 95 -0.04 -2.79 21.04
C SER A 95 0.65 -3.49 19.86
N LYS A 96 1.39 -4.56 20.13
CA LYS A 96 1.98 -5.47 19.16
C LYS A 96 2.73 -4.73 18.05
N MET A 97 3.68 -3.88 18.43
CA MET A 97 4.51 -3.10 17.51
C MET A 97 3.62 -2.30 16.53
N HIS A 98 2.49 -1.79 17.03
CA HIS A 98 1.33 -1.37 16.26
C HIS A 98 0.69 -2.54 15.51
N LEU A 99 1.46 -3.13 14.59
CA LEU A 99 0.98 -3.88 13.47
C LEU A 99 1.79 -5.16 13.33
N HIS A 100 1.15 -6.34 13.48
CA HIS A 100 1.83 -7.60 13.22
C HIS A 100 2.02 -7.89 11.72
N SER A 101 1.17 -7.37 10.84
CA SER A 101 1.35 -7.57 9.42
C SER A 101 0.63 -6.52 8.59
N VAL A 102 0.86 -6.56 7.28
CA VAL A 102 0.04 -5.83 6.33
C VAL A 102 -1.43 -6.28 6.46
N MET A 103 -1.69 -7.58 6.59
CA MET A 103 -3.05 -8.11 6.71
C MET A 103 -3.76 -7.44 7.90
N ASP A 104 -3.12 -7.43 9.07
CA ASP A 104 -3.75 -6.85 10.26
C ASP A 104 -3.89 -5.33 10.09
N ALA A 105 -3.00 -4.67 9.33
CA ALA A 105 -3.04 -3.22 9.07
C ALA A 105 -4.20 -2.82 8.17
N ILE A 106 -4.51 -3.57 7.12
CA ILE A 106 -5.70 -3.34 6.30
C ILE A 106 -6.93 -3.37 7.22
N ASP A 107 -6.93 -4.28 8.19
CA ASP A 107 -8.04 -4.43 9.12
C ASP A 107 -8.13 -3.23 10.06
N PHE A 108 -6.99 -2.79 10.62
CA PHE A 108 -6.89 -1.61 11.48
C PHE A 108 -7.42 -0.36 10.77
N LEU A 109 -7.03 -0.17 9.51
CA LEU A 109 -7.53 0.90 8.63
C LEU A 109 -9.04 0.89 8.53
N ASN A 110 -9.65 -0.30 8.53
CA ASN A 110 -11.09 -0.52 8.51
C ASN A 110 -11.70 -0.55 9.92
N ALA A 111 -10.92 -0.37 10.98
CA ALA A 111 -11.34 -0.36 12.38
C ALA A 111 -11.19 1.03 13.02
N LEU A 112 -10.78 2.04 12.25
CA LEU A 112 -10.85 3.44 12.65
C LEU A 112 -12.29 3.95 12.52
N GLU A 113 -12.99 3.52 11.47
CA GLU A 113 -14.41 3.71 11.28
C GLU A 113 -15.21 2.91 12.33
N GLY A 114 -16.48 3.23 12.52
CA GLY A 114 -17.33 2.65 13.54
C GLY A 114 -18.57 3.51 13.70
N MET A 1 5.18 -11.03 -17.52
CA MET A 1 5.12 -9.84 -18.38
C MET A 1 3.78 -9.83 -19.13
N GLY A 2 3.58 -8.85 -20.00
CA GLY A 2 2.42 -8.75 -20.87
C GLY A 2 1.21 -8.28 -20.08
N ALA A 3 0.18 -9.11 -20.00
CA ALA A 3 -1.02 -8.85 -19.21
C ALA A 3 -0.75 -9.03 -17.71
N GLY A 4 -1.78 -8.82 -16.91
CA GLY A 4 -1.83 -9.16 -15.49
C GLY A 4 -2.81 -8.28 -14.72
N GLN A 5 -2.99 -7.02 -15.14
CA GLN A 5 -3.99 -6.09 -14.64
C GLN A 5 -3.85 -5.78 -13.13
N THR A 6 -2.68 -6.07 -12.57
CA THR A 6 -2.28 -5.97 -11.19
C THR A 6 -0.95 -5.22 -11.09
N PRO A 7 -0.56 -4.71 -9.92
CA PRO A 7 0.74 -4.12 -9.74
C PRO A 7 1.78 -5.22 -9.51
N HIS A 8 2.29 -5.82 -10.59
CA HIS A 8 3.29 -6.89 -10.63
C HIS A 8 2.67 -8.25 -10.22
N PRO A 9 3.17 -9.39 -10.75
CA PRO A 9 2.73 -10.71 -10.29
C PRO A 9 3.29 -11.07 -8.91
N GLN A 10 4.51 -10.66 -8.57
CA GLN A 10 5.20 -11.10 -7.36
C GLN A 10 4.66 -10.44 -6.08
N LEU A 11 3.85 -9.38 -6.22
CA LEU A 11 3.07 -8.84 -5.12
C LEU A 11 2.10 -9.88 -4.59
N ILE A 12 1.89 -9.92 -3.27
CA ILE A 12 0.91 -10.77 -2.61
C ILE A 12 0.02 -9.85 -1.77
N TRP A 13 -1.28 -9.82 -2.10
CA TRP A 13 -2.26 -9.04 -1.35
C TRP A 13 -2.33 -9.52 0.10
N PRO A 14 -2.70 -8.63 1.04
CA PRO A 14 -3.00 -7.23 0.80
C PRO A 14 -1.76 -6.38 0.51
N ALA A 15 -2.00 -5.15 0.04
CA ALA A 15 -0.96 -4.16 -0.23
C ALA A 15 -1.37 -2.78 0.28
N LEU A 16 -0.45 -1.82 0.20
CA LEU A 16 -0.54 -0.49 0.77
C LEU A 16 0.09 0.50 -0.20
N LEU A 17 -0.73 1.29 -0.89
CA LEU A 17 -0.30 2.38 -1.78
C LEU A 17 -0.15 3.67 -0.99
N LYS A 18 0.73 4.61 -1.38
CA LYS A 18 0.80 5.91 -0.74
C LYS A 18 1.15 7.00 -1.77
N GLN A 19 0.13 7.48 -2.49
CA GLN A 19 0.23 8.36 -3.65
C GLN A 19 1.15 9.54 -3.41
N GLN A 20 1.92 9.92 -4.43
CA GLN A 20 2.86 11.01 -4.34
C GLN A 20 2.12 12.33 -4.10
N GLY A 21 2.40 12.95 -2.96
CA GLY A 21 1.67 14.11 -2.46
C GLY A 21 1.07 13.74 -1.11
N CYS A 22 0.18 12.75 -1.09
CA CYS A 22 -0.68 12.48 0.05
C CYS A 22 0.07 11.79 1.20
N ASN A 23 -0.69 11.54 2.26
CA ASN A 23 -0.27 10.83 3.46
C ASN A 23 -1.21 9.65 3.70
N GLU A 24 -2.39 9.63 3.06
CA GLU A 24 -3.43 8.65 3.28
C GLU A 24 -3.03 7.37 2.54
N LEU A 25 -2.67 6.31 3.27
CA LEU A 25 -2.43 5.05 2.62
C LEU A 25 -3.75 4.54 2.04
N LEU A 26 -3.61 3.83 0.93
CA LEU A 26 -4.65 3.12 0.24
C LEU A 26 -4.47 1.64 0.56
N PRO A 27 -5.04 1.13 1.66
CA PRO A 27 -5.08 -0.31 1.91
C PRO A 27 -5.86 -0.99 0.79
N LEU A 28 -5.31 -2.07 0.22
CA LEU A 28 -5.95 -2.91 -0.77
C LEU A 28 -6.08 -4.33 -0.18
N ARG A 29 -7.27 -4.75 0.28
CA ARG A 29 -7.42 -5.98 1.07
C ARG A 29 -7.12 -7.24 0.25
N THR A 30 -7.54 -7.24 -1.01
CA THR A 30 -7.55 -8.39 -1.92
C THR A 30 -7.44 -7.83 -3.33
N ASN A 31 -7.16 -8.65 -4.34
CA ASN A 31 -7.11 -8.24 -5.76
C ASN A 31 -8.34 -7.42 -6.16
N ASP A 32 -9.51 -7.79 -5.64
CA ASP A 32 -10.80 -7.18 -5.95
C ASP A 32 -10.88 -5.69 -5.63
N ASP A 33 -9.97 -5.18 -4.82
CA ASP A 33 -9.93 -3.80 -4.32
C ASP A 33 -9.18 -2.89 -5.31
N TRP A 34 -8.00 -3.31 -5.79
CA TRP A 34 -7.23 -2.57 -6.80
C TRP A 34 -8.05 -2.38 -8.07
N GLN A 35 -8.90 -3.36 -8.40
CA GLN A 35 -9.85 -3.28 -9.51
C GLN A 35 -10.68 -1.98 -9.40
N ARG A 36 -11.20 -1.72 -8.20
CA ARG A 36 -12.19 -0.68 -7.91
C ARG A 36 -11.62 0.72 -8.09
N PHE A 37 -10.29 0.85 -8.02
CA PHE A 37 -9.63 2.11 -8.26
C PHE A 37 -9.74 2.47 -9.74
N CYS A 38 -9.06 1.71 -10.61
CA CYS A 38 -9.01 1.99 -12.04
C CYS A 38 -10.37 1.82 -12.73
N ALA A 39 -11.32 1.11 -12.08
CA ALA A 39 -12.71 1.02 -12.50
C ALA A 39 -13.42 2.37 -12.37
N ASP A 40 -12.81 3.39 -11.74
CA ASP A 40 -13.34 4.74 -11.71
C ASP A 40 -12.31 5.70 -12.28
N SER A 41 -11.91 5.39 -13.51
CA SER A 41 -10.84 6.00 -14.29
C SER A 41 -9.47 5.61 -13.73
N LYS A 42 -8.44 5.74 -14.58
CA LYS A 42 -7.05 5.51 -14.22
C LYS A 42 -6.40 6.86 -14.02
N HIS A 43 -7.08 7.74 -13.27
CA HIS A 43 -6.56 9.03 -12.89
C HIS A 43 -5.38 8.79 -11.93
N LEU A 44 -4.66 9.84 -11.56
CA LEU A 44 -3.60 9.79 -10.58
C LEU A 44 -2.47 8.87 -11.01
N LEU A 45 -1.72 8.35 -10.03
CA LEU A 45 -0.83 7.21 -10.16
C LEU A 45 0.48 7.57 -10.87
N GLN A 46 1.42 8.09 -10.10
CA GLN A 46 2.66 8.70 -10.60
C GLN A 46 3.85 7.76 -10.41
N TYR A 47 4.97 8.05 -11.07
CA TYR A 47 6.22 7.32 -10.99
C TYR A 47 6.90 7.61 -9.65
N GLY A 48 6.40 6.94 -8.62
CA GLY A 48 6.72 7.27 -7.25
C GLY A 48 5.61 6.92 -6.28
N ASP A 49 4.48 6.36 -6.74
CA ASP A 49 3.27 6.22 -5.92
C ASP A 49 3.40 5.23 -4.74
N LYS A 50 4.51 4.48 -4.70
CA LYS A 50 4.99 3.45 -3.76
C LYS A 50 3.94 2.43 -3.31
N LEU A 51 4.24 1.15 -3.48
CA LEU A 51 3.45 0.06 -2.94
C LEU A 51 4.34 -0.75 -2.00
N VAL A 52 3.74 -1.38 -1.00
CA VAL A 52 4.34 -2.47 -0.26
C VAL A 52 3.25 -3.54 -0.14
N ASP A 53 3.65 -4.81 -0.16
CA ASP A 53 2.84 -6.01 -0.03
C ASP A 53 3.29 -6.85 1.17
N SER A 54 2.76 -8.07 1.32
CA SER A 54 3.14 -8.95 2.44
C SER A 54 4.61 -9.38 2.41
N ASN A 55 5.21 -9.46 1.22
CA ASN A 55 6.61 -9.88 1.04
C ASN A 55 7.60 -8.82 1.51
N PHE A 56 7.16 -7.57 1.73
CA PHE A 56 8.01 -6.46 2.13
C PHE A 56 9.22 -6.32 1.20
N HIS A 57 8.94 -6.15 -0.10
CA HIS A 57 9.95 -6.19 -1.16
C HIS A 57 10.01 -4.89 -1.98
N CYS A 58 9.36 -3.85 -1.46
CA CYS A 58 9.22 -2.45 -1.85
C CYS A 58 8.96 -2.26 -3.33
N PHE A 59 7.88 -1.58 -3.71
CA PHE A 59 7.62 -1.33 -5.11
C PHE A 59 7.42 0.16 -5.34
N VAL A 60 7.92 0.65 -6.45
CA VAL A 60 7.69 1.97 -7.00
C VAL A 60 7.33 1.74 -8.47
N LEU A 61 6.45 2.60 -8.98
CA LEU A 61 6.02 2.60 -10.36
C LEU A 61 7.12 3.23 -11.23
N GLU A 62 7.36 2.64 -12.38
CA GLU A 62 8.36 3.04 -13.35
C GLU A 62 7.68 3.68 -14.56
N GLU A 63 8.46 4.33 -15.42
CA GLU A 63 7.99 4.95 -16.66
C GLU A 63 7.58 3.89 -17.71
N ASP A 64 7.88 2.62 -17.48
CA ASP A 64 7.36 1.46 -18.22
C ASP A 64 5.96 1.06 -17.69
N ALA A 65 5.38 1.85 -16.78
CA ALA A 65 4.18 1.57 -15.99
C ALA A 65 4.22 0.25 -15.22
N HIS A 66 5.35 -0.46 -15.19
CA HIS A 66 5.51 -1.60 -14.31
C HIS A 66 5.82 -1.11 -12.90
N TRP A 67 5.70 -2.01 -11.94
CA TRP A 67 6.15 -1.83 -10.57
C TRP A 67 7.46 -2.58 -10.43
N HIS A 68 8.53 -1.88 -10.04
CA HIS A 68 9.86 -2.48 -9.92
C HIS A 68 10.13 -2.84 -8.46
N PRO A 69 10.83 -3.95 -8.16
CA PRO A 69 11.26 -4.32 -6.82
C PRO A 69 12.45 -3.45 -6.38
N ALA A 70 12.31 -2.79 -5.22
CA ALA A 70 13.19 -1.75 -4.75
C ALA A 70 13.90 -2.17 -3.45
N ALA A 71 14.30 -3.45 -3.39
CA ALA A 71 14.94 -4.14 -2.28
C ALA A 71 14.00 -4.30 -1.07
N PRO A 72 14.30 -5.16 -0.07
CA PRO A 72 13.36 -5.46 1.01
C PRO A 72 13.14 -4.30 1.99
N LEU A 73 12.20 -4.52 2.91
CA LEU A 73 11.72 -3.56 3.91
C LEU A 73 11.79 -4.23 5.30
N PRO A 74 12.13 -3.50 6.39
CA PRO A 74 12.24 -4.08 7.72
C PRO A 74 10.89 -4.13 8.47
N PRO A 75 10.77 -4.89 9.58
CA PRO A 75 9.54 -4.96 10.38
C PRO A 75 9.07 -3.62 10.96
N GLU A 76 9.95 -2.61 10.95
CA GLU A 76 9.70 -1.26 11.40
C GLU A 76 9.43 -0.28 10.23
N GLY A 77 9.74 -0.67 8.99
CA GLY A 77 9.59 0.20 7.82
C GLY A 77 8.14 0.35 7.39
N LEU A 78 7.27 -0.62 7.69
CA LEU A 78 5.81 -0.48 7.60
C LEU A 78 5.36 0.77 8.32
N ASN A 79 5.87 0.92 9.54
CA ASN A 79 5.40 1.92 10.48
C ASN A 79 5.77 3.33 10.01
N ASP A 80 6.77 3.51 9.13
CA ASP A 80 7.04 4.82 8.53
C ASP A 80 5.93 5.23 7.56
N LEU A 81 5.48 4.29 6.71
CA LEU A 81 4.37 4.55 5.81
C LEU A 81 3.15 4.90 6.66
N ILE A 82 2.79 4.01 7.59
CA ILE A 82 1.60 4.14 8.43
C ILE A 82 1.66 5.46 9.22
N ARG A 83 2.83 5.93 9.63
CA ARG A 83 2.99 7.21 10.31
C ARG A 83 2.34 8.35 9.54
N ALA A 84 2.36 8.34 8.21
CA ALA A 84 1.69 9.33 7.39
C ALA A 84 0.18 9.26 7.64
N HIS A 85 -0.44 8.12 7.33
CA HIS A 85 -1.88 7.93 7.43
C HIS A 85 -2.41 8.19 8.85
N CYS A 86 -1.64 7.82 9.87
CA CYS A 86 -2.02 8.11 11.25
C CYS A 86 -1.89 9.60 11.53
N ALA A 87 -0.73 10.22 11.29
CA ALA A 87 -0.46 11.59 11.71
C ALA A 87 -1.32 12.60 10.94
N THR A 88 -1.76 12.24 9.73
CA THR A 88 -2.61 13.10 8.92
C THR A 88 -4.05 13.08 9.45
N LEU A 89 -4.44 12.10 10.30
CA LEU A 89 -5.83 11.92 10.76
C LEU A 89 -5.92 12.17 12.25
N GLY A 90 -5.17 11.41 13.05
CA GLY A 90 -5.27 11.44 14.49
C GLY A 90 -4.94 10.10 15.16
N HIS A 91 -4.49 9.09 14.41
CA HIS A 91 -4.51 7.70 14.88
C HIS A 91 -3.40 7.45 15.89
N CYS A 92 -3.68 6.64 16.92
CA CYS A 92 -2.79 6.39 18.03
C CYS A 92 -2.86 4.90 18.40
N CYS A 93 -2.28 4.06 17.54
CA CYS A 93 -2.10 2.61 17.72
C CYS A 93 -3.41 1.81 17.92
N THR A 94 -3.28 0.49 18.03
CA THR A 94 -4.33 -0.51 18.16
C THR A 94 -3.73 -1.80 18.75
N SER A 95 -3.17 -1.71 19.96
CA SER A 95 -2.56 -2.83 20.69
C SER A 95 -1.26 -3.30 20.00
N LYS A 96 -0.32 -3.87 20.76
CA LYS A 96 1.00 -4.29 20.29
C LYS A 96 1.87 -3.09 19.89
N MET A 97 3.08 -3.37 19.39
CA MET A 97 4.02 -2.38 18.87
C MET A 97 3.50 -1.91 17.51
N HIS A 98 2.63 -0.89 17.49
CA HIS A 98 1.94 -0.34 16.33
C HIS A 98 1.14 -1.42 15.57
N LEU A 99 1.80 -2.25 14.78
CA LEU A 99 1.21 -3.23 13.89
C LEU A 99 2.13 -4.44 13.83
N HIS A 100 1.54 -5.62 13.96
CA HIS A 100 2.26 -6.88 13.90
C HIS A 100 2.83 -7.15 12.50
N SER A 101 2.02 -6.89 11.47
CA SER A 101 2.32 -7.20 10.07
C SER A 101 1.26 -6.53 9.17
N VAL A 102 1.36 -6.70 7.86
CA VAL A 102 0.49 -6.05 6.88
C VAL A 102 -0.98 -6.39 7.14
N MET A 103 -1.29 -7.64 7.46
CA MET A 103 -2.65 -8.10 7.77
C MET A 103 -3.26 -7.22 8.87
N ASP A 104 -2.47 -6.97 9.91
CA ASP A 104 -2.86 -6.19 11.08
C ASP A 104 -3.18 -4.75 10.68
N ALA A 105 -2.34 -4.20 9.80
CA ALA A 105 -2.48 -2.84 9.27
C ALA A 105 -3.81 -2.69 8.53
N ILE A 106 -4.11 -3.60 7.62
CA ILE A 106 -5.28 -3.48 6.75
C ILE A 106 -6.54 -3.59 7.63
N ASP A 107 -6.53 -4.45 8.66
CA ASP A 107 -7.66 -4.53 9.59
C ASP A 107 -7.83 -3.19 10.31
N PHE A 108 -6.73 -2.63 10.83
CA PHE A 108 -6.69 -1.34 11.54
C PHE A 108 -7.33 -0.22 10.72
N LEU A 109 -6.75 0.10 9.56
CA LEU A 109 -7.23 1.14 8.68
C LEU A 109 -8.72 0.97 8.37
N ASN A 110 -9.14 -0.25 8.04
CA ASN A 110 -10.54 -0.49 7.71
C ASN A 110 -11.44 -0.46 8.93
N ALA A 111 -10.90 -0.60 10.15
CA ALA A 111 -11.65 -0.50 11.40
C ALA A 111 -11.78 0.94 11.87
N LEU A 112 -10.89 1.84 11.44
CA LEU A 112 -10.98 3.26 11.68
C LEU A 112 -12.14 3.84 10.88
N GLU A 113 -12.10 3.72 9.55
CA GLU A 113 -13.03 4.40 8.65
C GLU A 113 -14.48 3.95 8.80
N GLY A 114 -15.40 4.78 8.32
CA GLY A 114 -16.81 4.47 8.22
C GLY A 114 -17.56 5.58 7.52
N MET A 1 -12.31 -15.14 -13.72
CA MET A 1 -10.91 -15.11 -13.25
C MET A 1 -10.01 -14.96 -14.45
N GLY A 2 -8.82 -14.41 -14.25
CA GLY A 2 -7.79 -14.33 -15.27
C GLY A 2 -6.82 -13.23 -14.87
N ALA A 3 -5.86 -13.56 -13.99
CA ALA A 3 -4.95 -12.59 -13.42
C ALA A 3 -4.18 -11.86 -14.53
N GLY A 4 -4.10 -10.54 -14.43
CA GLY A 4 -3.37 -9.67 -15.35
C GLY A 4 -3.57 -8.22 -14.98
N GLN A 5 -2.75 -7.35 -15.58
CA GLN A 5 -2.69 -5.91 -15.37
C GLN A 5 -2.35 -5.48 -13.93
N THR A 6 -1.95 -6.42 -13.09
CA THR A 6 -1.45 -6.19 -11.76
C THR A 6 -0.12 -5.41 -11.79
N PRO A 7 0.22 -4.67 -10.72
CA PRO A 7 1.43 -3.87 -10.63
C PRO A 7 2.63 -4.76 -10.31
N HIS A 8 3.30 -5.25 -11.36
CA HIS A 8 4.42 -6.19 -11.36
C HIS A 8 3.94 -7.62 -11.02
N PRO A 9 4.54 -8.67 -11.62
CA PRO A 9 4.13 -10.05 -11.37
C PRO A 9 4.64 -10.62 -10.03
N GLN A 10 5.69 -10.03 -9.45
CA GLN A 10 6.33 -10.54 -8.24
C GLN A 10 5.72 -9.95 -6.96
N LEU A 11 4.94 -8.86 -7.04
CA LEU A 11 4.15 -8.35 -5.92
C LEU A 11 3.11 -9.38 -5.50
N ILE A 12 2.85 -9.53 -4.20
CA ILE A 12 1.86 -10.47 -3.65
C ILE A 12 0.90 -9.71 -2.75
N TRP A 13 -0.40 -9.99 -2.87
CA TRP A 13 -1.40 -9.29 -2.08
C TRP A 13 -1.48 -9.81 -0.63
N PRO A 14 -1.99 -8.99 0.30
CA PRO A 14 -2.29 -7.58 0.08
C PRO A 14 -1.03 -6.72 -0.14
N ALA A 15 -1.27 -5.52 -0.68
CA ALA A 15 -0.27 -4.48 -0.92
C ALA A 15 -0.78 -3.13 -0.39
N LEU A 16 0.10 -2.12 -0.37
CA LEU A 16 -0.15 -0.79 0.19
C LEU A 16 0.50 0.23 -0.72
N LEU A 17 -0.32 0.97 -1.47
CA LEU A 17 0.12 2.14 -2.24
C LEU A 17 0.11 3.34 -1.28
N LYS A 18 0.95 4.35 -1.49
CA LYS A 18 0.88 5.60 -0.72
C LYS A 18 1.21 6.71 -1.69
N GLN A 19 0.18 7.27 -2.32
CA GLN A 19 0.30 8.18 -3.45
C GLN A 19 1.32 9.28 -3.16
N GLN A 20 2.18 9.58 -4.14
CA GLN A 20 3.30 10.48 -3.93
C GLN A 20 2.84 11.91 -3.65
N GLY A 21 2.68 12.23 -2.38
CA GLY A 21 2.22 13.52 -1.90
C GLY A 21 1.22 13.34 -0.77
N CYS A 22 0.32 12.36 -0.91
CA CYS A 22 -0.65 12.05 0.12
C CYS A 22 0.04 11.53 1.37
N ASN A 23 -0.74 11.35 2.43
CA ASN A 23 -0.25 10.79 3.69
C ASN A 23 -1.06 9.55 4.03
N GLU A 24 -2.33 9.53 3.63
CA GLU A 24 -3.20 8.37 3.69
C GLU A 24 -2.58 7.27 2.80
N LEU A 25 -2.61 6.04 3.29
CA LEU A 25 -2.30 4.84 2.52
C LEU A 25 -3.56 4.35 1.83
N LEU A 26 -3.37 3.65 0.72
CA LEU A 26 -4.40 3.01 -0.07
C LEU A 26 -4.16 1.50 0.10
N PRO A 27 -4.74 0.87 1.15
CA PRO A 27 -4.69 -0.57 1.36
C PRO A 27 -5.36 -1.28 0.19
N LEU A 28 -4.79 -2.41 -0.22
CA LEU A 28 -5.26 -3.19 -1.35
C LEU A 28 -5.29 -4.63 -0.89
N ARG A 29 -6.46 -5.09 -0.47
CA ARG A 29 -6.69 -6.45 0.03
C ARG A 29 -6.21 -7.48 -0.99
N THR A 30 -6.55 -7.27 -2.25
CA THR A 30 -6.33 -8.22 -3.34
C THR A 30 -6.32 -7.43 -4.65
N ASN A 31 -6.09 -8.13 -5.76
CA ASN A 31 -6.22 -7.59 -7.09
C ASN A 31 -7.63 -7.04 -7.34
N ASP A 32 -8.68 -7.64 -6.78
CA ASP A 32 -10.05 -7.12 -6.94
C ASP A 32 -10.18 -5.71 -6.32
N ASP A 33 -9.27 -5.30 -5.44
CA ASP A 33 -9.20 -3.97 -4.83
C ASP A 33 -8.53 -3.01 -5.81
N TRP A 34 -7.43 -3.47 -6.41
CA TRP A 34 -6.66 -2.79 -7.46
C TRP A 34 -7.52 -2.46 -8.69
N GLN A 35 -8.52 -3.30 -9.03
CA GLN A 35 -9.48 -2.98 -10.08
C GLN A 35 -10.33 -1.78 -9.67
N ARG A 36 -10.90 -1.81 -8.48
CA ARG A 36 -11.82 -0.76 -8.02
C ARG A 36 -11.13 0.60 -7.98
N PHE A 37 -9.82 0.68 -7.70
CA PHE A 37 -9.04 1.91 -7.75
C PHE A 37 -9.28 2.65 -9.06
N CYS A 38 -8.95 2.01 -10.18
CA CYS A 38 -9.02 2.68 -11.47
C CYS A 38 -10.47 2.91 -11.88
N ALA A 39 -11.37 1.98 -11.53
CA ALA A 39 -12.78 2.07 -11.87
C ALA A 39 -13.43 3.27 -11.18
N ASP A 40 -12.90 3.70 -10.03
CA ASP A 40 -13.40 4.81 -9.22
C ASP A 40 -13.29 6.18 -9.93
N SER A 41 -12.81 6.20 -11.19
CA SER A 41 -12.41 7.36 -11.97
C SER A 41 -11.04 7.88 -11.49
N LYS A 42 -10.34 7.16 -10.62
CA LYS A 42 -9.16 7.60 -9.88
C LYS A 42 -7.91 6.82 -10.27
N HIS A 43 -7.66 6.57 -11.56
CA HIS A 43 -6.50 5.80 -12.03
C HIS A 43 -5.12 6.45 -11.83
N LEU A 44 -5.00 7.41 -10.92
CA LEU A 44 -3.85 8.26 -10.71
C LEU A 44 -2.63 7.41 -10.36
N LEU A 45 -1.60 7.40 -11.20
CA LEU A 45 -0.39 6.62 -11.01
C LEU A 45 0.75 7.47 -11.56
N GLN A 46 1.77 7.71 -10.74
CA GLN A 46 2.88 8.61 -11.04
C GLN A 46 4.20 7.96 -10.62
N TYR A 47 5.32 8.39 -11.21
CA TYR A 47 6.62 7.84 -10.87
C TYR A 47 6.91 8.20 -9.43
N GLY A 48 7.11 7.16 -8.61
CA GLY A 48 7.35 7.32 -7.19
C GLY A 48 6.11 7.12 -6.32
N ASP A 49 4.97 6.63 -6.85
CA ASP A 49 3.74 6.39 -6.05
C ASP A 49 3.88 5.33 -4.93
N LYS A 50 4.96 4.56 -4.97
CA LYS A 50 5.45 3.42 -4.18
C LYS A 50 4.41 2.33 -3.93
N LEU A 51 4.88 1.09 -3.91
CA LEU A 51 4.10 -0.03 -3.40
C LEU A 51 4.95 -0.74 -2.36
N VAL A 52 4.28 -1.45 -1.46
CA VAL A 52 4.86 -2.46 -0.60
C VAL A 52 3.94 -3.67 -0.76
N ASP A 53 4.48 -4.88 -0.78
CA ASP A 53 3.73 -6.12 -0.78
C ASP A 53 3.68 -6.72 0.64
N SER A 54 3.02 -7.85 0.78
CA SER A 54 2.93 -8.65 2.01
C SER A 54 4.25 -9.20 2.53
N ASN A 55 5.36 -8.98 1.83
CA ASN A 55 6.69 -9.47 2.11
C ASN A 55 7.68 -8.30 2.29
N PHE A 56 7.16 -7.07 2.51
CA PHE A 56 7.92 -5.84 2.81
C PHE A 56 8.79 -5.39 1.63
N HIS A 57 8.62 -5.92 0.43
CA HIS A 57 9.37 -5.43 -0.72
C HIS A 57 8.88 -4.02 -1.06
N CYS A 58 9.69 -2.97 -0.85
CA CYS A 58 9.36 -1.67 -1.42
C CYS A 58 9.58 -1.72 -2.92
N PHE A 59 8.70 -1.02 -3.63
CA PHE A 59 8.68 -0.92 -5.07
C PHE A 59 8.46 0.54 -5.46
N VAL A 60 8.83 0.85 -6.70
CA VAL A 60 8.86 2.15 -7.32
C VAL A 60 8.41 1.93 -8.76
N LEU A 61 7.62 2.88 -9.27
CA LEU A 61 7.13 3.01 -10.64
C LEU A 61 8.12 3.94 -11.33
N GLU A 62 8.57 3.60 -12.53
CA GLU A 62 9.52 4.38 -13.31
C GLU A 62 9.04 4.62 -14.76
N GLU A 63 9.79 5.43 -15.51
CA GLU A 63 9.40 6.01 -16.79
C GLU A 63 9.25 5.01 -17.93
N ASP A 64 9.83 3.81 -17.81
CA ASP A 64 9.68 2.71 -18.76
C ASP A 64 8.33 2.01 -18.61
N ALA A 65 7.42 2.63 -17.86
CA ALA A 65 6.14 2.08 -17.41
C ALA A 65 6.36 0.67 -16.89
N HIS A 66 7.35 0.51 -16.02
CA HIS A 66 7.45 -0.65 -15.15
C HIS A 66 7.44 -0.24 -13.68
N TRP A 67 7.14 -1.21 -12.83
CA TRP A 67 7.49 -1.20 -11.43
C TRP A 67 8.80 -1.96 -11.32
N HIS A 68 9.58 -1.66 -10.29
CA HIS A 68 10.89 -2.23 -10.06
C HIS A 68 11.15 -2.48 -8.57
N PRO A 69 12.13 -3.33 -8.23
CA PRO A 69 12.59 -3.56 -6.85
C PRO A 69 13.33 -2.34 -6.31
N ALA A 70 13.02 -1.92 -5.08
CA ALA A 70 13.58 -0.74 -4.41
C ALA A 70 14.13 -1.03 -3.01
N ALA A 71 14.44 -2.31 -2.74
CA ALA A 71 14.93 -2.96 -1.52
C ALA A 71 13.84 -3.16 -0.46
N PRO A 72 13.98 -4.15 0.44
CA PRO A 72 12.95 -4.44 1.44
C PRO A 72 12.86 -3.37 2.54
N LEU A 73 11.74 -3.41 3.25
CA LEU A 73 11.33 -2.45 4.25
C LEU A 73 11.58 -3.05 5.66
N PRO A 74 12.00 -2.26 6.66
CA PRO A 74 12.34 -2.75 8.00
C PRO A 74 11.09 -2.92 8.89
N PRO A 75 11.17 -3.61 10.03
CA PRO A 75 10.00 -3.87 10.86
C PRO A 75 9.36 -2.59 11.41
N GLU A 76 10.12 -1.49 11.49
CA GLU A 76 9.66 -0.16 11.90
C GLU A 76 9.16 0.69 10.74
N GLY A 77 9.53 0.39 9.49
CA GLY A 77 9.17 1.22 8.34
C GLY A 77 7.66 1.24 8.15
N LEU A 78 6.99 0.13 8.48
CA LEU A 78 5.55 -0.01 8.40
C LEU A 78 4.90 1.05 9.28
N ASN A 79 5.34 1.11 10.53
CA ASN A 79 4.89 2.06 11.56
C ASN A 79 5.19 3.50 11.14
N ASP A 80 6.16 3.75 10.27
CA ASP A 80 6.47 5.10 9.75
C ASP A 80 5.47 5.52 8.70
N LEU A 81 5.17 4.65 7.72
CA LEU A 81 4.17 4.93 6.70
C LEU A 81 2.81 5.15 7.36
N ILE A 82 2.42 4.21 8.22
CA ILE A 82 1.16 4.22 8.93
C ILE A 82 1.00 5.55 9.67
N ARG A 83 2.04 6.08 10.32
CA ARG A 83 1.96 7.36 11.00
C ARG A 83 1.42 8.49 10.11
N ALA A 84 1.76 8.54 8.82
CA ALA A 84 1.29 9.59 7.92
C ALA A 84 -0.24 9.52 7.81
N HIS A 85 -0.76 8.32 7.54
CA HIS A 85 -2.19 8.06 7.46
C HIS A 85 -2.86 8.38 8.80
N CYS A 86 -2.27 7.94 9.91
CA CYS A 86 -2.84 8.19 11.23
C CYS A 86 -2.83 9.67 11.57
N ALA A 87 -1.82 10.43 11.14
CA ALA A 87 -1.70 11.84 11.47
C ALA A 87 -2.75 12.65 10.73
N THR A 88 -3.00 12.34 9.45
CA THR A 88 -3.93 13.13 8.66
C THR A 88 -5.36 12.90 9.13
N LEU A 89 -5.70 11.68 9.56
CA LEU A 89 -7.03 11.40 10.11
C LEU A 89 -7.07 11.91 11.56
N GLY A 90 -6.03 11.58 12.32
CA GLY A 90 -5.84 11.91 13.72
C GLY A 90 -6.21 10.72 14.61
N HIS A 91 -5.63 9.54 14.32
CA HIS A 91 -5.89 8.27 15.02
C HIS A 91 -4.66 7.82 15.83
N CYS A 92 -4.76 6.65 16.47
CA CYS A 92 -3.77 6.13 17.41
C CYS A 92 -3.19 4.80 16.90
N CYS A 93 -2.02 4.40 17.42
CA CYS A 93 -1.28 3.18 17.08
C CYS A 93 -1.93 1.89 17.57
N THR A 94 -3.25 1.89 17.82
CA THR A 94 -4.11 0.85 18.36
C THR A 94 -3.47 0.14 19.57
N SER A 95 -2.68 -0.89 19.35
CA SER A 95 -1.83 -1.60 20.28
C SER A 95 -0.90 -2.46 19.43
N LYS A 96 -0.23 -3.45 20.02
CA LYS A 96 0.44 -4.51 19.27
C LYS A 96 1.47 -3.97 18.27
N MET A 97 2.31 -3.04 18.75
CA MET A 97 3.46 -2.51 18.02
C MET A 97 3.04 -1.87 16.70
N HIS A 98 1.98 -1.03 16.76
CA HIS A 98 1.12 -0.61 15.66
C HIS A 98 0.39 -1.83 15.09
N LEU A 99 1.17 -2.73 14.47
CA LEU A 99 0.71 -3.79 13.59
C LEU A 99 1.60 -5.00 13.78
N HIS A 100 1.06 -6.18 13.49
CA HIS A 100 1.82 -7.43 13.63
C HIS A 100 2.44 -7.89 12.32
N SER A 101 1.81 -7.53 11.19
CA SER A 101 2.22 -7.91 9.83
C SER A 101 1.35 -7.14 8.83
N VAL A 102 1.56 -7.32 7.52
CA VAL A 102 0.83 -6.61 6.49
C VAL A 102 -0.66 -6.95 6.51
N MET A 103 -1.00 -8.22 6.79
CA MET A 103 -2.39 -8.65 6.88
C MET A 103 -3.12 -7.86 7.96
N ASP A 104 -2.42 -7.59 9.07
CA ASP A 104 -2.93 -6.84 10.21
C ASP A 104 -3.26 -5.41 9.78
N ALA A 105 -2.34 -4.81 9.01
CA ALA A 105 -2.42 -3.44 8.51
C ALA A 105 -3.70 -3.19 7.72
N ILE A 106 -3.99 -4.04 6.73
CA ILE A 106 -5.13 -3.84 5.85
C ILE A 106 -6.42 -3.88 6.66
N ASP A 107 -6.52 -4.84 7.59
CA ASP A 107 -7.68 -5.01 8.44
C ASP A 107 -7.83 -3.81 9.39
N PHE A 108 -6.70 -3.32 9.94
CA PHE A 108 -6.66 -2.14 10.79
C PHE A 108 -7.28 -0.95 10.06
N LEU A 109 -6.77 -0.66 8.86
CA LEU A 109 -7.20 0.48 8.06
C LEU A 109 -8.66 0.36 7.69
N ASN A 110 -9.09 -0.82 7.25
CA ASN A 110 -10.49 -1.05 6.89
C ASN A 110 -11.39 -0.77 8.09
N ALA A 111 -11.02 -1.24 9.29
CA ALA A 111 -11.82 -1.08 10.49
C ALA A 111 -11.95 0.36 11.01
N LEU A 112 -11.14 1.32 10.53
CA LEU A 112 -11.23 2.72 10.94
C LEU A 112 -12.54 3.31 10.43
N GLU A 113 -12.69 3.35 9.11
CA GLU A 113 -13.81 3.85 8.34
C GLU A 113 -14.19 5.29 8.69
N GLY A 114 -13.20 6.08 9.05
CA GLY A 114 -13.26 7.52 9.27
C GLY A 114 -11.85 8.04 9.47
N MET A 1 1.58 -11.43 -26.27
CA MET A 1 0.66 -10.33 -26.59
C MET A 1 -0.38 -10.11 -25.51
N GLY A 2 -1.01 -11.18 -24.98
CA GLY A 2 -2.09 -11.10 -24.01
C GLY A 2 -1.65 -10.30 -22.77
N ALA A 3 -0.64 -10.80 -22.05
CA ALA A 3 -0.20 -10.21 -20.78
C ALA A 3 -1.38 -10.05 -19.80
N GLY A 4 -1.32 -9.10 -18.86
CA GLY A 4 -2.34 -8.92 -17.85
C GLY A 4 -2.27 -7.53 -17.25
N GLN A 5 -3.00 -7.32 -16.16
CA GLN A 5 -3.19 -6.00 -15.56
C GLN A 5 -2.99 -6.13 -14.06
N THR A 6 -1.75 -6.03 -13.63
CA THR A 6 -1.33 -6.25 -12.24
C THR A 6 -0.12 -5.38 -11.90
N PRO A 7 0.10 -5.07 -10.60
CA PRO A 7 1.26 -4.30 -10.18
C PRO A 7 2.57 -5.08 -10.35
N HIS A 8 2.68 -6.29 -9.78
CA HIS A 8 3.85 -7.15 -10.00
C HIS A 8 3.48 -8.58 -9.61
N PRO A 9 3.98 -9.64 -10.29
CA PRO A 9 3.65 -11.02 -9.95
C PRO A 9 4.34 -11.55 -8.68
N GLN A 10 5.17 -10.74 -8.02
CA GLN A 10 5.86 -11.09 -6.77
C GLN A 10 5.37 -10.24 -5.59
N LEU A 11 4.48 -9.28 -5.83
CA LEU A 11 3.67 -8.64 -4.80
C LEU A 11 2.70 -9.70 -4.25
N ILE A 12 2.83 -10.03 -2.97
CA ILE A 12 1.95 -10.98 -2.30
C ILE A 12 0.92 -10.16 -1.52
N TRP A 13 -0.29 -10.10 -2.06
CA TRP A 13 -1.40 -9.42 -1.42
C TRP A 13 -1.63 -9.91 0.01
N PRO A 14 -2.14 -9.06 0.91
CA PRO A 14 -2.52 -7.68 0.65
C PRO A 14 -1.34 -6.73 0.39
N ALA A 15 -1.68 -5.53 -0.08
CA ALA A 15 -0.73 -4.48 -0.41
C ALA A 15 -1.26 -3.12 0.02
N LEU A 16 -0.38 -2.12 0.00
CA LEU A 16 -0.61 -0.78 0.53
C LEU A 16 0.03 0.23 -0.43
N LEU A 17 -0.79 1.06 -1.08
CA LEU A 17 -0.38 2.12 -2.01
C LEU A 17 -0.29 3.45 -1.26
N LYS A 18 0.67 4.33 -1.58
CA LYS A 18 0.75 5.66 -0.96
C LYS A 18 1.29 6.69 -1.97
N GLN A 19 0.39 7.45 -2.60
CA GLN A 19 0.71 8.36 -3.67
C GLN A 19 1.73 9.44 -3.24
N GLN A 20 2.38 10.05 -4.23
CA GLN A 20 3.29 11.16 -4.05
C GLN A 20 2.55 12.46 -3.79
N GLY A 21 2.50 12.80 -2.51
CA GLY A 21 2.07 14.07 -1.98
C GLY A 21 1.00 13.82 -0.94
N CYS A 22 0.13 12.84 -1.22
CA CYS A 22 -0.91 12.37 -0.34
C CYS A 22 -0.27 11.69 0.88
N ASN A 23 -1.07 11.50 1.92
CA ASN A 23 -0.68 10.89 3.18
C ASN A 23 -1.53 9.65 3.45
N GLU A 24 -2.75 9.67 2.92
CA GLU A 24 -3.78 8.66 3.03
C GLU A 24 -3.27 7.33 2.45
N LEU A 25 -3.10 6.28 3.27
CA LEU A 25 -2.77 4.96 2.76
C LEU A 25 -3.98 4.35 2.06
N LEU A 26 -3.73 3.55 1.03
CA LEU A 26 -4.72 2.80 0.28
C LEU A 26 -4.54 1.30 0.55
N PRO A 27 -5.15 0.72 1.61
CA PRO A 27 -5.14 -0.73 1.82
C PRO A 27 -5.87 -1.46 0.67
N LEU A 28 -5.23 -2.45 0.05
CA LEU A 28 -5.83 -3.39 -0.91
C LEU A 28 -5.79 -4.79 -0.29
N ARG A 29 -6.94 -5.32 0.14
CA ARG A 29 -7.00 -6.63 0.79
C ARG A 29 -6.51 -7.73 -0.15
N THR A 30 -6.96 -7.73 -1.40
CA THR A 30 -6.46 -8.68 -2.38
C THR A 30 -6.44 -8.04 -3.77
N ASN A 31 -6.06 -8.86 -4.75
CA ASN A 31 -5.96 -8.48 -6.14
C ASN A 31 -7.28 -7.88 -6.61
N ASP A 32 -8.42 -8.41 -6.17
CA ASP A 32 -9.73 -7.93 -6.62
C ASP A 32 -10.03 -6.53 -6.07
N ASP A 33 -9.35 -6.11 -5.00
CA ASP A 33 -9.50 -4.76 -4.46
C ASP A 33 -8.71 -3.78 -5.31
N TRP A 34 -7.55 -4.17 -5.85
CA TRP A 34 -6.83 -3.37 -6.83
C TRP A 34 -7.65 -3.23 -8.12
N GLN A 35 -8.41 -4.27 -8.49
CA GLN A 35 -9.40 -4.14 -9.55
C GLN A 35 -10.39 -3.05 -9.19
N ARG A 36 -11.06 -3.15 -8.05
CA ARG A 36 -12.18 -2.25 -7.84
C ARG A 36 -11.64 -0.81 -7.57
N PHE A 37 -10.39 -0.68 -7.15
CA PHE A 37 -9.78 0.60 -6.82
C PHE A 37 -9.98 1.58 -7.97
N CYS A 38 -9.38 1.25 -9.11
CA CYS A 38 -9.49 2.06 -10.29
C CYS A 38 -10.82 1.81 -11.03
N ALA A 39 -11.55 0.71 -10.74
CA ALA A 39 -12.97 0.61 -11.07
C ALA A 39 -13.74 1.82 -10.53
N ASP A 40 -13.47 2.19 -9.27
CA ASP A 40 -14.41 2.95 -8.45
C ASP A 40 -13.90 4.34 -8.08
N SER A 41 -12.66 4.63 -8.48
CA SER A 41 -11.95 5.87 -8.13
C SER A 41 -11.05 6.36 -9.27
N LYS A 42 -10.66 5.47 -10.20
CA LYS A 42 -9.85 5.70 -11.40
C LYS A 42 -8.62 6.59 -11.22
N HIS A 43 -8.06 6.66 -10.00
CA HIS A 43 -7.21 7.77 -9.61
C HIS A 43 -5.98 7.87 -10.52
N LEU A 44 -5.49 9.08 -10.67
CA LEU A 44 -4.29 9.42 -11.39
C LEU A 44 -3.10 8.63 -10.84
N LEU A 45 -2.36 7.97 -11.73
CA LEU A 45 -1.19 7.17 -11.39
C LEU A 45 0.04 7.88 -11.95
N GLN A 46 1.01 8.17 -11.08
CA GLN A 46 2.24 8.89 -11.39
C GLN A 46 3.43 8.06 -10.86
N TYR A 47 4.58 8.10 -11.54
CA TYR A 47 5.71 7.19 -11.33
C TYR A 47 6.34 7.42 -9.95
N GLY A 48 5.87 6.70 -8.94
CA GLY A 48 6.34 6.79 -7.57
C GLY A 48 5.23 6.69 -6.54
N ASP A 49 4.06 6.20 -6.93
CA ASP A 49 2.89 5.85 -6.10
C ASP A 49 3.17 4.84 -4.98
N LYS A 50 4.36 4.20 -4.96
CA LYS A 50 4.93 3.26 -3.98
C LYS A 50 3.94 2.19 -3.51
N LEU A 51 4.23 0.94 -3.81
CA LEU A 51 3.51 -0.17 -3.20
C LEU A 51 4.41 -0.80 -2.15
N VAL A 52 3.81 -1.45 -1.16
CA VAL A 52 4.46 -2.45 -0.31
C VAL A 52 3.46 -3.59 -0.17
N ASP A 53 3.93 -4.84 -0.15
CA ASP A 53 3.13 -6.05 0.01
C ASP A 53 3.27 -6.62 1.43
N SER A 54 2.76 -7.83 1.64
CA SER A 54 2.86 -8.57 2.90
C SER A 54 4.26 -9.14 3.21
N ASN A 55 5.16 -9.22 2.23
CA ASN A 55 6.58 -9.50 2.42
C ASN A 55 7.37 -8.27 2.86
N PHE A 56 6.74 -7.09 2.95
CA PHE A 56 7.39 -5.81 3.15
C PHE A 56 8.30 -5.48 1.95
N HIS A 57 8.11 -6.12 0.78
CA HIS A 57 8.78 -5.72 -0.44
C HIS A 57 8.26 -4.35 -0.82
N CYS A 58 9.06 -3.30 -0.66
CA CYS A 58 8.69 -2.02 -1.24
C CYS A 58 8.90 -2.06 -2.74
N PHE A 59 8.14 -1.22 -3.43
CA PHE A 59 8.11 -1.09 -4.87
C PHE A 59 8.12 0.40 -5.22
N VAL A 60 8.34 0.70 -6.49
CA VAL A 60 8.25 2.02 -7.10
C VAL A 60 7.74 1.77 -8.51
N LEU A 61 6.86 2.65 -9.00
CA LEU A 61 6.43 2.67 -10.39
C LEU A 61 7.52 3.40 -11.17
N GLU A 62 8.08 2.78 -12.21
CA GLU A 62 9.15 3.39 -13.00
C GLU A 62 8.63 3.77 -14.37
N GLU A 63 9.31 4.65 -15.08
CA GLU A 63 8.88 5.19 -16.39
C GLU A 63 8.59 4.11 -17.45
N ASP A 64 9.02 2.85 -17.24
CA ASP A 64 8.66 1.69 -18.06
C ASP A 64 7.19 1.30 -17.91
N ALA A 65 6.42 1.85 -16.94
CA ALA A 65 5.13 1.37 -16.49
C ALA A 65 5.26 0.11 -15.64
N HIS A 66 6.49 -0.30 -15.27
CA HIS A 66 6.71 -1.44 -14.41
C HIS A 66 6.84 -1.03 -12.96
N TRP A 67 6.72 -2.01 -12.07
CA TRP A 67 6.93 -1.81 -10.65
C TRP A 67 8.24 -2.49 -10.29
N HIS A 68 9.30 -1.72 -10.02
CA HIS A 68 10.59 -2.28 -9.67
C HIS A 68 10.57 -2.68 -8.19
N PRO A 69 11.24 -3.78 -7.79
CA PRO A 69 11.47 -4.15 -6.40
C PRO A 69 12.50 -3.23 -5.78
N ALA A 70 12.04 -2.31 -4.93
CA ALA A 70 12.85 -1.47 -4.08
C ALA A 70 13.42 -2.25 -2.89
N ALA A 71 13.65 -3.56 -3.03
CA ALA A 71 14.14 -4.47 -1.99
C ALA A 71 13.12 -4.65 -0.85
N PRO A 72 13.30 -5.64 0.04
CA PRO A 72 12.51 -5.69 1.25
C PRO A 72 12.80 -4.48 2.14
N LEU A 73 11.87 -4.26 3.07
CA LEU A 73 11.87 -3.19 4.04
C LEU A 73 11.82 -3.85 5.42
N PRO A 74 12.48 -3.30 6.46
CA PRO A 74 12.35 -3.83 7.81
C PRO A 74 10.90 -3.72 8.29
N PRO A 75 10.53 -4.50 9.32
CA PRO A 75 9.18 -4.47 9.88
C PRO A 75 8.81 -3.08 10.41
N GLU A 76 9.80 -2.29 10.79
CA GLU A 76 9.67 -0.98 11.42
C GLU A 76 9.60 0.11 10.34
N GLY A 77 10.06 -0.20 9.14
CA GLY A 77 10.00 0.68 7.98
C GLY A 77 8.58 0.84 7.44
N LEU A 78 7.70 -0.13 7.70
CA LEU A 78 6.26 -0.02 7.45
C LEU A 78 5.69 1.20 8.17
N ASN A 79 6.06 1.37 9.44
CA ASN A 79 5.57 2.41 10.33
C ASN A 79 5.87 3.80 9.77
N ASP A 80 6.90 3.97 8.93
CA ASP A 80 7.26 5.24 8.28
C ASP A 80 6.33 5.61 7.14
N LEU A 81 5.66 4.63 6.52
CA LEU A 81 4.67 4.88 5.48
C LEU A 81 3.34 5.17 6.14
N ILE A 82 2.91 4.26 7.01
CA ILE A 82 1.67 4.34 7.78
C ILE A 82 1.63 5.64 8.60
N ARG A 83 2.80 6.18 9.00
CA ARG A 83 2.95 7.46 9.68
C ARG A 83 2.09 8.54 9.03
N ALA A 84 2.10 8.64 7.71
CA ALA A 84 1.37 9.65 6.97
C ALA A 84 -0.15 9.53 7.17
N HIS A 85 -0.72 8.34 7.03
CA HIS A 85 -2.14 8.09 7.26
C HIS A 85 -2.51 8.46 8.69
N CYS A 86 -1.72 8.02 9.67
CA CYS A 86 -2.02 8.30 11.08
C CYS A 86 -1.83 9.79 11.39
N ALA A 87 -0.91 10.48 10.73
CA ALA A 87 -0.62 11.90 10.93
C ALA A 87 -1.60 12.83 10.20
N THR A 88 -2.42 12.32 9.29
CA THR A 88 -3.52 13.08 8.70
C THR A 88 -4.84 12.82 9.44
N LEU A 89 -4.89 11.91 10.42
CA LEU A 89 -6.12 11.52 11.11
C LEU A 89 -6.02 11.74 12.62
N GLY A 90 -4.92 11.31 13.25
CA GLY A 90 -4.66 11.48 14.68
C GLY A 90 -4.47 10.14 15.40
N HIS A 91 -3.52 9.31 14.98
CA HIS A 91 -3.29 7.99 15.60
C HIS A 91 -1.81 7.75 15.92
N CYS A 92 -1.54 6.81 16.85
CA CYS A 92 -0.19 6.37 17.22
C CYS A 92 -0.08 4.85 17.39
N CYS A 93 -0.91 4.30 18.26
CA CYS A 93 -1.03 2.88 18.58
C CYS A 93 -2.03 2.64 19.71
N THR A 94 -2.61 1.45 19.74
CA THR A 94 -3.60 1.01 20.72
C THR A 94 -3.45 -0.49 20.93
N SER A 95 -3.66 -0.97 22.17
CA SER A 95 -3.47 -2.33 22.67
C SER A 95 -2.09 -2.94 22.46
N LYS A 96 -1.64 -3.13 21.23
CA LYS A 96 -0.38 -3.77 20.89
C LYS A 96 0.58 -2.72 20.35
N MET A 97 1.59 -3.13 19.58
CA MET A 97 2.47 -2.21 18.88
C MET A 97 1.66 -1.44 17.81
N HIS A 98 2.32 -0.54 17.07
CA HIS A 98 1.75 0.28 16.00
C HIS A 98 0.86 -0.52 15.07
N LEU A 99 1.44 -1.54 14.43
CA LEU A 99 0.73 -2.54 13.68
C LEU A 99 1.38 -3.88 13.96
N HIS A 100 0.56 -4.92 13.97
CA HIS A 100 0.96 -6.29 14.22
C HIS A 100 1.60 -6.95 13.00
N SER A 101 1.07 -6.62 11.82
CA SER A 101 1.47 -7.15 10.52
C SER A 101 0.77 -6.33 9.42
N VAL A 102 1.10 -6.58 8.15
CA VAL A 102 0.47 -5.92 7.02
C VAL A 102 -1.04 -6.25 6.99
N MET A 103 -1.43 -7.51 7.15
CA MET A 103 -2.85 -7.86 7.08
C MET A 103 -3.63 -7.16 8.18
N ASP A 104 -3.12 -7.19 9.41
CA ASP A 104 -3.77 -6.51 10.54
C ASP A 104 -3.94 -5.01 10.23
N ALA A 105 -2.97 -4.42 9.52
CA ALA A 105 -3.04 -3.05 9.05
C ALA A 105 -4.19 -2.83 8.08
N ILE A 106 -4.45 -3.74 7.14
CA ILE A 106 -5.50 -3.58 6.14
C ILE A 106 -6.83 -3.34 6.84
N ASP A 107 -7.16 -4.19 7.82
CA ASP A 107 -8.43 -4.09 8.51
C ASP A 107 -8.42 -2.90 9.46
N PHE A 108 -7.31 -2.65 10.18
CA PHE A 108 -7.13 -1.45 11.01
C PHE A 108 -7.47 -0.17 10.24
N LEU A 109 -6.76 0.07 9.14
CA LEU A 109 -6.85 1.30 8.33
C LEU A 109 -8.27 1.54 7.81
N ASN A 110 -8.97 0.47 7.48
CA ASN A 110 -10.37 0.54 7.08
C ASN A 110 -11.23 0.94 8.27
N ALA A 111 -11.04 0.30 9.43
CA ALA A 111 -11.81 0.53 10.63
C ALA A 111 -11.54 1.91 11.26
N LEU A 112 -10.51 2.63 10.82
CA LEU A 112 -10.32 4.02 11.22
C LEU A 112 -11.36 4.91 10.54
N GLU A 113 -11.70 4.62 9.29
CA GLU A 113 -12.77 5.29 8.57
C GLU A 113 -14.12 4.74 9.05
N GLY A 114 -15.20 5.37 8.59
CA GLY A 114 -16.57 4.93 8.75
C GLY A 114 -17.31 6.01 9.49
N MET A 1 4.06 -14.70 -14.14
CA MET A 1 4.01 -13.53 -15.03
C MET A 1 2.56 -13.32 -15.44
N GLY A 2 2.07 -12.09 -15.31
CA GLY A 2 0.66 -11.81 -15.15
C GLY A 2 0.09 -10.90 -16.23
N ALA A 3 -1.14 -10.44 -16.00
CA ALA A 3 -1.86 -9.50 -16.84
C ALA A 3 -1.35 -8.08 -16.62
N GLY A 4 -1.72 -7.14 -17.50
CA GLY A 4 -1.26 -5.76 -17.41
C GLY A 4 -1.99 -4.93 -16.35
N GLN A 5 -3.06 -5.47 -15.76
CA GLN A 5 -3.95 -4.73 -14.87
C GLN A 5 -3.54 -4.80 -13.41
N THR A 6 -2.35 -5.31 -13.12
CA THR A 6 -1.89 -5.47 -11.74
C THR A 6 -0.51 -4.80 -11.58
N PRO A 7 -0.09 -4.48 -10.34
CA PRO A 7 1.17 -3.80 -10.10
C PRO A 7 2.27 -4.80 -9.73
N HIS A 8 2.91 -5.42 -10.72
CA HIS A 8 3.98 -6.43 -10.66
C HIS A 8 3.40 -7.80 -10.26
N PRO A 9 3.91 -8.93 -10.79
CA PRO A 9 3.47 -10.27 -10.37
C PRO A 9 4.21 -10.75 -9.12
N GLN A 10 5.33 -10.12 -8.76
CA GLN A 10 6.08 -10.42 -7.54
C GLN A 10 5.38 -9.83 -6.32
N LEU A 11 4.41 -8.92 -6.51
CA LEU A 11 3.54 -8.46 -5.44
C LEU A 11 2.60 -9.59 -4.98
N ILE A 12 2.52 -9.79 -3.66
CA ILE A 12 1.73 -10.81 -3.00
C ILE A 12 0.73 -10.11 -2.07
N TRP A 13 -0.53 -10.03 -2.51
CA TRP A 13 -1.57 -9.29 -1.78
C TRP A 13 -1.79 -9.82 -0.36
N PRO A 14 -2.18 -8.96 0.60
CA PRO A 14 -2.53 -7.56 0.39
C PRO A 14 -1.35 -6.66 0.07
N ALA A 15 -1.65 -5.41 -0.27
CA ALA A 15 -0.67 -4.36 -0.46
C ALA A 15 -1.23 -3.03 0.01
N LEU A 16 -0.33 -2.05 0.16
CA LEU A 16 -0.63 -0.71 0.62
C LEU A 16 0.07 0.26 -0.32
N LEU A 17 -0.72 0.91 -1.18
CA LEU A 17 -0.23 2.00 -2.03
C LEU A 17 0.12 3.16 -1.10
N LYS A 18 1.18 3.90 -1.38
CA LYS A 18 1.41 5.19 -0.74
C LYS A 18 2.07 6.11 -1.75
N GLN A 19 1.23 6.87 -2.44
CA GLN A 19 1.60 7.72 -3.56
C GLN A 19 2.65 8.75 -3.12
N GLN A 20 3.40 9.23 -4.11
CA GLN A 20 4.55 10.10 -3.99
C GLN A 20 4.12 11.44 -3.41
N GLY A 21 4.63 11.79 -2.22
CA GLY A 21 4.35 13.03 -1.53
C GLY A 21 3.00 13.05 -0.81
N CYS A 22 2.13 12.06 -1.03
CA CYS A 22 0.94 11.83 -0.22
C CYS A 22 1.35 11.26 1.14
N ASN A 23 0.40 11.03 2.03
CA ASN A 23 0.60 10.51 3.38
C ASN A 23 -0.50 9.53 3.78
N GLU A 24 -1.67 9.60 3.15
CA GLU A 24 -2.65 8.55 3.28
C GLU A 24 -2.10 7.32 2.54
N LEU A 25 -2.45 6.12 3.03
CA LEU A 25 -2.20 4.84 2.37
C LEU A 25 -3.53 4.37 1.80
N LEU A 26 -3.47 3.62 0.70
CA LEU A 26 -4.57 2.97 0.02
C LEU A 26 -4.55 1.46 0.25
N PRO A 27 -5.18 0.94 1.32
CA PRO A 27 -5.23 -0.51 1.57
C PRO A 27 -5.86 -1.23 0.37
N LEU A 28 -5.20 -2.29 -0.09
CA LEU A 28 -5.69 -3.22 -1.11
C LEU A 28 -5.66 -4.63 -0.50
N ARG A 29 -6.80 -5.13 0.00
CA ARG A 29 -6.88 -6.48 0.56
C ARG A 29 -6.45 -7.52 -0.48
N THR A 30 -6.92 -7.39 -1.71
CA THR A 30 -6.48 -8.21 -2.82
C THR A 30 -6.55 -7.43 -4.11
N ASN A 31 -6.24 -8.12 -5.20
CA ASN A 31 -6.23 -7.60 -6.55
C ASN A 31 -7.56 -6.94 -6.90
N ASP A 32 -8.68 -7.46 -6.40
CA ASP A 32 -10.00 -6.87 -6.66
C ASP A 32 -10.05 -5.44 -6.12
N ASP A 33 -9.48 -5.23 -4.92
CA ASP A 33 -9.46 -3.96 -4.21
C ASP A 33 -8.53 -2.97 -4.91
N TRP A 34 -7.51 -3.46 -5.62
CA TRP A 34 -6.72 -2.68 -6.57
C TRP A 34 -7.58 -2.29 -7.77
N GLN A 35 -8.25 -3.25 -8.41
CA GLN A 35 -9.04 -2.98 -9.62
C GLN A 35 -10.12 -1.93 -9.31
N ARG A 36 -10.75 -1.98 -8.12
CA ARG A 36 -11.75 -1.00 -7.70
C ARG A 36 -11.23 0.45 -7.63
N PHE A 37 -9.91 0.69 -7.69
CA PHE A 37 -9.40 2.05 -7.90
C PHE A 37 -9.54 2.42 -9.37
N CYS A 38 -8.79 1.75 -10.25
CA CYS A 38 -8.70 2.09 -11.67
C CYS A 38 -9.99 1.83 -12.47
N ALA A 39 -10.92 1.09 -11.88
CA ALA A 39 -12.26 0.85 -12.40
C ALA A 39 -13.24 1.98 -12.05
N ASP A 40 -12.95 2.78 -11.02
CA ASP A 40 -14.00 3.53 -10.31
C ASP A 40 -13.55 4.86 -9.72
N SER A 41 -12.30 5.25 -9.91
CA SER A 41 -11.66 6.43 -9.34
C SER A 41 -10.60 6.90 -10.35
N LYS A 42 -9.57 6.07 -10.56
CA LYS A 42 -8.67 6.04 -11.72
C LYS A 42 -7.91 7.34 -12.06
N HIS A 43 -7.70 8.26 -11.11
CA HIS A 43 -7.24 9.61 -11.45
C HIS A 43 -5.88 9.99 -10.90
N LEU A 44 -5.19 9.00 -10.39
CA LEU A 44 -4.13 9.21 -9.45
C LEU A 44 -3.14 8.10 -9.56
N LEU A 45 -2.29 8.17 -10.58
CA LEU A 45 -1.33 7.14 -10.90
C LEU A 45 -0.13 7.84 -11.52
N GLN A 46 0.93 8.00 -10.73
CA GLN A 46 2.08 8.85 -11.04
C GLN A 46 3.36 8.00 -11.02
N TYR A 47 4.38 8.46 -11.72
CA TYR A 47 5.71 7.85 -11.72
C TYR A 47 6.32 8.06 -10.34
N GLY A 48 6.19 7.05 -9.47
CA GLY A 48 6.63 7.09 -8.09
C GLY A 48 5.57 6.63 -7.09
N ASP A 49 4.44 6.09 -7.56
CA ASP A 49 3.22 5.81 -6.79
C ASP A 49 3.38 4.84 -5.60
N LYS A 50 4.44 4.03 -5.63
CA LYS A 50 4.96 3.13 -4.61
C LYS A 50 3.99 2.23 -3.83
N LEU A 51 4.29 0.94 -3.80
CA LEU A 51 3.52 -0.07 -3.12
C LEU A 51 4.44 -0.87 -2.21
N VAL A 52 3.91 -1.41 -1.13
CA VAL A 52 4.52 -2.47 -0.32
C VAL A 52 3.46 -3.56 -0.24
N ASP A 53 3.89 -4.82 -0.29
CA ASP A 53 3.01 -5.98 -0.22
C ASP A 53 3.16 -6.69 1.13
N SER A 54 2.37 -7.74 1.34
CA SER A 54 2.37 -8.53 2.58
C SER A 54 3.69 -9.27 2.80
N ASN A 55 4.58 -9.32 1.80
CA ASN A 55 5.88 -9.96 1.86
C ASN A 55 6.98 -8.92 2.10
N PHE A 56 6.63 -7.65 2.36
CA PHE A 56 7.51 -6.50 2.57
C PHE A 56 8.31 -6.15 1.32
N HIS A 57 7.89 -6.59 0.14
CA HIS A 57 8.54 -6.21 -1.08
C HIS A 57 8.15 -4.77 -1.42
N CYS A 58 9.12 -3.86 -1.46
CA CYS A 58 8.91 -2.53 -1.98
C CYS A 58 8.87 -2.60 -3.51
N PHE A 59 7.93 -1.86 -4.11
CA PHE A 59 7.74 -1.73 -5.56
C PHE A 59 7.31 -0.32 -5.93
N VAL A 60 7.51 0.12 -7.18
CA VAL A 60 6.92 1.36 -7.71
C VAL A 60 6.70 1.35 -9.23
N LEU A 61 5.69 2.11 -9.69
CA LEU A 61 5.36 2.37 -11.11
C LEU A 61 6.43 3.25 -11.72
N GLU A 62 6.90 2.85 -12.90
CA GLU A 62 7.89 3.57 -13.68
C GLU A 62 7.24 4.10 -14.98
N GLU A 63 7.99 4.87 -15.76
CA GLU A 63 7.55 5.52 -17.00
C GLU A 63 7.18 4.51 -18.10
N ASP A 64 7.67 3.28 -17.98
CA ASP A 64 7.43 2.18 -18.92
C ASP A 64 6.09 1.49 -18.66
N ALA A 65 5.30 2.05 -17.73
CA ALA A 65 4.02 1.57 -17.21
C ALA A 65 4.14 0.30 -16.37
N HIS A 66 5.33 -0.32 -16.25
CA HIS A 66 5.54 -1.44 -15.35
C HIS A 66 5.69 -0.98 -13.90
N TRP A 67 5.66 -1.94 -12.97
CA TRP A 67 6.05 -1.72 -11.60
C TRP A 67 7.38 -2.44 -11.39
N HIS A 68 8.27 -1.86 -10.59
CA HIS A 68 9.67 -2.27 -10.46
C HIS A 68 10.10 -2.36 -9.00
N PRO A 69 11.09 -3.23 -8.68
CA PRO A 69 11.50 -3.54 -7.32
C PRO A 69 12.30 -2.41 -6.68
N ALA A 70 12.14 -2.26 -5.36
CA ALA A 70 12.80 -1.25 -4.55
C ALA A 70 13.34 -1.85 -3.23
N ALA A 71 13.85 -3.10 -3.27
CA ALA A 71 14.37 -3.86 -2.12
C ALA A 71 13.25 -4.31 -1.16
N PRO A 72 13.48 -5.24 -0.22
CA PRO A 72 12.51 -5.51 0.83
C PRO A 72 12.49 -4.40 1.89
N LEU A 73 11.59 -4.50 2.86
CA LEU A 73 11.37 -3.52 3.92
C LEU A 73 11.58 -4.17 5.31
N PRO A 74 12.00 -3.41 6.33
CA PRO A 74 12.00 -3.89 7.72
C PRO A 74 10.57 -3.95 8.28
N PRO A 75 10.34 -4.68 9.39
CA PRO A 75 9.02 -4.78 10.00
C PRO A 75 8.59 -3.49 10.69
N GLU A 76 9.52 -2.63 11.12
CA GLU A 76 9.22 -1.33 11.72
C GLU A 76 8.98 -0.27 10.65
N GLY A 77 9.44 -0.55 9.43
CA GLY A 77 9.15 0.26 8.26
C GLY A 77 7.65 0.31 7.98
N LEU A 78 6.87 -0.63 8.55
CA LEU A 78 5.42 -0.62 8.54
C LEU A 78 4.94 0.65 9.26
N ASN A 79 5.42 0.84 10.48
CA ASN A 79 5.12 1.97 11.34
C ASN A 79 5.59 3.30 10.74
N ASP A 80 6.59 3.33 9.85
CA ASP A 80 7.00 4.54 9.12
C ASP A 80 5.89 4.95 8.16
N LEU A 81 5.32 3.99 7.41
CA LEU A 81 4.25 4.28 6.45
C LEU A 81 3.02 4.71 7.24
N ILE A 82 2.59 3.86 8.16
CA ILE A 82 1.42 4.05 9.00
C ILE A 82 1.51 5.39 9.77
N ARG A 83 2.71 5.84 10.13
CA ARG A 83 2.94 7.14 10.77
C ARG A 83 2.18 8.24 10.07
N ALA A 84 2.41 8.41 8.78
CA ALA A 84 1.88 9.57 8.08
C ALA A 84 0.37 9.48 7.93
N HIS A 85 -0.18 8.28 7.73
CA HIS A 85 -1.61 8.04 7.66
C HIS A 85 -2.26 8.45 8.98
N CYS A 86 -1.77 7.93 10.10
CA CYS A 86 -2.31 8.26 11.40
C CYS A 86 -2.11 9.74 11.70
N ALA A 87 -0.99 10.34 11.31
CA ALA A 87 -0.71 11.75 11.57
C ALA A 87 -1.61 12.68 10.77
N THR A 88 -1.96 12.33 9.52
CA THR A 88 -2.82 13.18 8.70
C THR A 88 -4.26 13.16 9.25
N LEU A 89 -4.69 12.03 9.81
CA LEU A 89 -6.02 11.89 10.41
C LEU A 89 -6.02 12.51 11.82
N GLY A 90 -5.12 12.05 12.70
CA GLY A 90 -5.02 12.45 14.11
C GLY A 90 -4.82 11.26 15.08
N HIS A 91 -4.60 10.04 14.59
CA HIS A 91 -4.41 8.85 15.43
C HIS A 91 -2.93 8.70 15.81
N CYS A 92 -2.62 7.79 16.73
CA CYS A 92 -1.26 7.46 17.14
C CYS A 92 -0.96 5.99 17.39
N CYS A 93 -1.94 5.19 17.79
CA CYS A 93 -1.79 3.78 18.18
C CYS A 93 -3.13 3.16 18.55
N THR A 94 -3.06 1.86 18.82
CA THR A 94 -4.18 1.02 19.21
C THR A 94 -3.66 0.02 20.26
N SER A 95 -2.89 -1.00 19.88
CA SER A 95 -2.37 -2.03 20.77
C SER A 95 -1.14 -2.70 20.14
N LYS A 96 -0.54 -3.70 20.81
CA LYS A 96 0.30 -4.73 20.18
C LYS A 96 1.62 -4.21 19.58
N MET A 97 2.05 -3.02 19.96
CA MET A 97 2.95 -2.15 19.22
C MET A 97 2.38 -1.96 17.82
N HIS A 98 1.51 -0.96 17.68
CA HIS A 98 0.74 -0.62 16.50
C HIS A 98 0.03 -1.85 15.87
N LEU A 99 0.75 -2.56 15.01
CA LEU A 99 0.27 -3.48 14.00
C LEU A 99 1.34 -4.56 13.87
N HIS A 100 0.93 -5.82 13.94
CA HIS A 100 1.86 -6.94 13.89
C HIS A 100 2.52 -7.04 12.51
N SER A 101 1.69 -6.93 11.49
CA SER A 101 2.03 -7.16 10.10
C SER A 101 1.11 -6.35 9.16
N VAL A 102 1.38 -6.35 7.86
CA VAL A 102 0.57 -5.77 6.79
C VAL A 102 -0.88 -6.24 6.93
N MET A 103 -1.07 -7.52 7.28
CA MET A 103 -2.38 -8.12 7.50
C MET A 103 -3.20 -7.40 8.57
N ASP A 104 -2.55 -6.97 9.66
CA ASP A 104 -3.24 -6.22 10.71
C ASP A 104 -3.60 -4.84 10.17
N ALA A 105 -2.66 -4.24 9.42
CA ALA A 105 -2.73 -2.87 8.95
C ALA A 105 -3.90 -2.65 7.99
N ILE A 106 -4.11 -3.55 7.04
CA ILE A 106 -5.20 -3.43 6.07
C ILE A 106 -6.53 -3.37 6.83
N ASP A 107 -6.69 -4.23 7.83
CA ASP A 107 -7.89 -4.34 8.64
C ASP A 107 -8.09 -3.08 9.48
N PHE A 108 -7.01 -2.62 10.12
CA PHE A 108 -6.96 -1.40 10.93
C PHE A 108 -7.45 -0.20 10.12
N LEU A 109 -6.77 0.12 9.02
CA LEU A 109 -7.15 1.17 8.08
C LEU A 109 -8.60 1.06 7.65
N ASN A 110 -9.05 -0.15 7.28
CA ASN A 110 -10.43 -0.33 6.85
C ASN A 110 -11.41 -0.03 7.97
N ALA A 111 -11.07 -0.37 9.21
CA ALA A 111 -11.92 -0.11 10.35
C ALA A 111 -11.91 1.37 10.74
N LEU A 112 -10.83 2.11 10.43
CA LEU A 112 -10.68 3.52 10.79
C LEU A 112 -11.76 4.35 10.08
N GLU A 113 -11.74 4.33 8.75
CA GLU A 113 -12.69 4.96 7.83
C GLU A 113 -12.99 6.46 8.08
N GLY A 114 -12.12 7.17 8.79
CA GLY A 114 -12.17 8.62 8.91
C GLY A 114 -12.92 9.06 10.13
N MET A 1 4.01 -12.27 -21.44
CA MET A 1 4.80 -12.90 -20.38
C MET A 1 5.33 -11.77 -19.52
N GLY A 2 4.63 -11.42 -18.44
CA GLY A 2 4.86 -10.17 -17.74
C GLY A 2 3.54 -9.48 -17.45
N ALA A 3 2.86 -9.90 -16.38
CA ALA A 3 1.67 -9.27 -15.80
C ALA A 3 0.59 -8.85 -16.82
N GLY A 4 -0.23 -7.85 -16.46
CA GLY A 4 -1.26 -7.24 -17.27
C GLY A 4 -1.84 -6.09 -16.47
N GLN A 5 -3.01 -6.32 -15.88
CA GLN A 5 -3.75 -5.35 -15.07
C GLN A 5 -3.26 -5.34 -13.62
N THR A 6 -2.10 -5.92 -13.39
CA THR A 6 -1.44 -6.13 -12.12
C THR A 6 -0.15 -5.30 -12.06
N PRO A 7 0.33 -5.00 -10.84
CA PRO A 7 1.57 -4.27 -10.67
C PRO A 7 2.77 -5.21 -10.91
N HIS A 8 2.84 -6.32 -10.18
CA HIS A 8 3.91 -7.31 -10.22
C HIS A 8 3.30 -8.68 -9.88
N PRO A 9 3.77 -9.80 -10.43
CA PRO A 9 3.28 -11.13 -10.07
C PRO A 9 3.66 -11.52 -8.65
N GLN A 10 4.88 -11.17 -8.21
CA GLN A 10 5.39 -11.56 -6.90
C GLN A 10 4.72 -10.80 -5.76
N LEU A 11 4.04 -9.66 -6.06
CA LEU A 11 3.20 -8.97 -5.09
C LEU A 11 2.10 -9.90 -4.60
N ILE A 12 2.04 -10.12 -3.29
CA ILE A 12 1.01 -10.93 -2.63
C ILE A 12 0.13 -9.98 -1.84
N TRP A 13 -1.15 -9.93 -2.22
CA TRP A 13 -2.17 -9.16 -1.51
C TRP A 13 -2.24 -9.55 -0.04
N PRO A 14 -2.66 -8.63 0.84
CA PRO A 14 -3.07 -7.27 0.51
C PRO A 14 -1.89 -6.37 0.16
N ALA A 15 -2.16 -5.13 -0.27
CA ALA A 15 -1.13 -4.16 -0.60
C ALA A 15 -1.49 -2.77 -0.09
N LEU A 16 -0.54 -1.84 -0.21
CA LEU A 16 -0.61 -0.46 0.27
C LEU A 16 0.00 0.47 -0.77
N LEU A 17 -0.82 1.29 -1.44
CA LEU A 17 -0.38 2.41 -2.27
C LEU A 17 -0.22 3.65 -1.38
N LYS A 18 0.68 4.59 -1.69
CA LYS A 18 0.73 5.88 -1.00
C LYS A 18 0.97 6.98 -2.04
N GLN A 19 -0.11 7.46 -2.66
CA GLN A 19 -0.03 8.31 -3.83
C GLN A 19 0.87 9.51 -3.57
N GLN A 20 1.75 9.78 -4.54
CA GLN A 20 2.84 10.71 -4.39
C GLN A 20 2.28 12.10 -4.17
N GLY A 21 2.72 12.72 -3.09
CA GLY A 21 2.28 14.05 -2.67
C GLY A 21 1.21 13.99 -1.59
N CYS A 22 0.51 12.87 -1.43
CA CYS A 22 -0.46 12.67 -0.35
C CYS A 22 0.24 12.09 0.88
N ASN A 23 -0.56 11.83 1.90
CA ASN A 23 -0.15 11.10 3.10
C ASN A 23 -1.11 9.94 3.36
N GLU A 24 -2.26 9.90 2.70
CA GLU A 24 -3.24 8.85 2.98
C GLU A 24 -2.73 7.56 2.33
N LEU A 25 -2.64 6.48 3.11
CA LEU A 25 -2.42 5.13 2.57
C LEU A 25 -3.71 4.63 1.96
N LEU A 26 -3.58 3.83 0.90
CA LEU A 26 -4.65 3.14 0.20
C LEU A 26 -4.57 1.64 0.51
N PRO A 27 -5.19 1.15 1.59
CA PRO A 27 -5.21 -0.28 1.94
C PRO A 27 -6.00 -1.05 0.90
N LEU A 28 -5.36 -1.93 0.12
CA LEU A 28 -6.02 -2.69 -0.93
C LEU A 28 -6.03 -4.15 -0.53
N ARG A 29 -7.23 -4.61 -0.18
CA ARG A 29 -7.52 -5.95 0.32
C ARG A 29 -6.97 -7.03 -0.60
N THR A 30 -7.22 -6.88 -1.90
CA THR A 30 -6.99 -7.90 -2.87
C THR A 30 -7.01 -7.27 -4.25
N ASN A 31 -6.81 -8.11 -5.26
CA ASN A 31 -6.71 -7.69 -6.63
C ASN A 31 -8.02 -7.13 -7.18
N ASP A 32 -9.15 -7.50 -6.58
CA ASP A 32 -10.45 -6.88 -6.85
C ASP A 32 -10.49 -5.45 -6.31
N ASP A 33 -9.83 -5.20 -5.16
CA ASP A 33 -9.75 -3.86 -4.57
C ASP A 33 -8.92 -2.95 -5.47
N TRP A 34 -7.82 -3.49 -6.01
CA TRP A 34 -7.02 -2.79 -7.02
C TRP A 34 -7.89 -2.34 -8.20
N GLN A 35 -8.83 -3.18 -8.65
CA GLN A 35 -9.77 -2.85 -9.73
C GLN A 35 -10.82 -1.84 -9.27
N ARG A 36 -11.31 -1.91 -8.02
CA ARG A 36 -12.19 -0.88 -7.47
C ARG A 36 -11.49 0.47 -7.49
N PHE A 37 -10.26 0.58 -6.98
CA PHE A 37 -9.56 1.85 -6.83
C PHE A 37 -9.56 2.64 -8.14
N CYS A 38 -9.03 2.02 -9.18
CA CYS A 38 -8.85 2.67 -10.47
C CYS A 38 -10.20 3.00 -11.13
N ALA A 39 -11.25 2.28 -10.76
CA ALA A 39 -12.63 2.57 -11.15
C ALA A 39 -13.24 3.74 -10.38
N ASP A 40 -13.15 3.76 -9.04
CA ASP A 40 -14.12 4.46 -8.19
C ASP A 40 -13.65 5.80 -7.67
N SER A 41 -12.36 6.02 -7.74
CA SER A 41 -11.66 7.23 -7.28
C SER A 41 -10.56 7.64 -8.26
N LYS A 42 -9.94 6.65 -8.91
CA LYS A 42 -8.95 6.72 -9.97
C LYS A 42 -7.59 7.21 -9.50
N HIS A 43 -7.53 8.34 -8.79
CA HIS A 43 -6.36 8.93 -8.12
C HIS A 43 -5.06 8.93 -8.93
N LEU A 44 -5.14 8.85 -10.27
CA LEU A 44 -4.04 8.69 -11.20
C LEU A 44 -3.09 7.54 -10.82
N LEU A 45 -2.03 7.39 -11.61
CA LEU A 45 -0.85 6.57 -11.28
C LEU A 45 0.35 7.34 -11.79
N GLN A 46 1.38 7.50 -10.98
CA GLN A 46 2.57 8.29 -11.30
C GLN A 46 3.85 7.61 -10.81
N TYR A 47 5.00 8.06 -11.34
CA TYR A 47 6.30 7.43 -11.15
C TYR A 47 6.85 7.72 -9.75
N GLY A 48 6.25 7.14 -8.72
CA GLY A 48 6.67 7.32 -7.34
C GLY A 48 5.55 7.16 -6.32
N ASP A 49 4.44 6.52 -6.71
CA ASP A 49 3.28 6.27 -5.86
C ASP A 49 3.54 5.20 -4.77
N LYS A 50 4.61 4.40 -4.93
CA LYS A 50 5.04 3.24 -4.13
C LYS A 50 3.94 2.18 -3.94
N LEU A 51 4.36 0.94 -3.71
CA LEU A 51 3.51 -0.14 -3.29
C LEU A 51 4.27 -0.88 -2.21
N VAL A 52 3.56 -1.51 -1.28
CA VAL A 52 4.10 -2.53 -0.39
C VAL A 52 3.07 -3.67 -0.39
N ASP A 53 3.51 -4.91 -0.39
CA ASP A 53 2.67 -6.10 -0.32
C ASP A 53 2.73 -6.76 1.07
N SER A 54 2.01 -7.87 1.24
CA SER A 54 1.95 -8.65 2.48
C SER A 54 3.33 -9.16 2.94
N ASN A 55 4.29 -9.30 2.01
CA ASN A 55 5.63 -9.78 2.30
C ASN A 55 6.59 -8.64 2.64
N PHE A 56 6.11 -7.38 2.65
CA PHE A 56 6.94 -6.19 2.83
C PHE A 56 7.89 -5.99 1.63
N HIS A 57 7.56 -6.53 0.46
CA HIS A 57 8.19 -6.13 -0.80
C HIS A 57 7.74 -4.71 -1.11
N CYS A 58 8.62 -3.71 -0.99
CA CYS A 58 8.34 -2.42 -1.59
C CYS A 58 8.44 -2.54 -3.10
N PHE A 59 7.72 -1.68 -3.81
CA PHE A 59 7.82 -1.48 -5.24
C PHE A 59 7.64 0.01 -5.53
N VAL A 60 8.15 0.50 -6.65
CA VAL A 60 7.85 1.79 -7.23
C VAL A 60 7.61 1.59 -8.74
N LEU A 61 6.68 2.40 -9.25
CA LEU A 61 6.27 2.53 -10.63
C LEU A 61 7.36 3.33 -11.34
N GLU A 62 7.84 2.84 -12.48
CA GLU A 62 8.91 3.49 -13.22
C GLU A 62 8.40 3.82 -14.62
N GLU A 63 9.17 4.59 -15.40
CA GLU A 63 8.77 5.06 -16.73
C GLU A 63 8.51 3.92 -17.71
N ASP A 64 9.11 2.75 -17.43
CA ASP A 64 8.94 1.52 -18.19
C ASP A 64 7.58 0.84 -17.91
N ALA A 65 6.73 1.48 -17.11
CA ALA A 65 5.37 1.11 -16.74
C ALA A 65 5.27 -0.25 -16.07
N HIS A 66 6.36 -0.75 -15.48
CA HIS A 66 6.34 -1.85 -14.52
C HIS A 66 6.48 -1.30 -13.10
N TRP A 67 6.27 -2.18 -12.11
CA TRP A 67 6.55 -1.91 -10.72
C TRP A 67 7.85 -2.62 -10.36
N HIS A 68 8.96 -1.88 -10.43
CA HIS A 68 10.28 -2.41 -10.11
C HIS A 68 10.34 -2.68 -8.59
N PRO A 69 11.03 -3.74 -8.13
CA PRO A 69 11.17 -4.06 -6.72
C PRO A 69 12.06 -3.05 -5.99
N ALA A 70 11.44 -2.18 -5.17
CA ALA A 70 12.08 -1.11 -4.43
C ALA A 70 12.73 -1.62 -3.13
N ALA A 71 13.32 -2.83 -3.17
CA ALA A 71 13.89 -3.60 -2.07
C ALA A 71 12.82 -4.13 -1.10
N PRO A 72 13.14 -5.10 -0.22
CA PRO A 72 12.25 -5.42 0.89
C PRO A 72 12.33 -4.35 1.97
N LEU A 73 11.41 -4.40 2.92
CA LEU A 73 11.27 -3.43 4.00
C LEU A 73 11.39 -4.16 5.34
N PRO A 74 12.00 -3.56 6.38
CA PRO A 74 12.00 -4.13 7.72
C PRO A 74 10.63 -3.98 8.39
N PRO A 75 10.38 -4.67 9.52
CA PRO A 75 9.06 -4.63 10.12
C PRO A 75 8.71 -3.25 10.65
N GLU A 76 9.71 -2.52 11.16
CA GLU A 76 9.59 -1.13 11.59
C GLU A 76 9.34 -0.21 10.40
N GLY A 77 9.81 -0.61 9.21
CA GLY A 77 9.76 0.21 8.04
C GLY A 77 8.34 0.39 7.54
N LEU A 78 7.46 -0.59 7.77
CA LEU A 78 6.02 -0.47 7.52
C LEU A 78 5.47 0.79 8.19
N ASN A 79 5.84 1.00 9.45
CA ASN A 79 5.27 2.07 10.25
C ASN A 79 5.53 3.42 9.61
N ASP A 80 6.63 3.62 8.87
CA ASP A 80 6.87 4.89 8.17
C ASP A 80 5.73 5.22 7.22
N LEU A 81 5.15 4.23 6.55
CA LEU A 81 4.08 4.48 5.61
C LEU A 81 2.85 4.87 6.42
N ILE A 82 2.36 3.96 7.26
CA ILE A 82 1.11 4.16 8.01
C ILE A 82 1.18 5.40 8.91
N ARG A 83 2.37 5.80 9.37
CA ARG A 83 2.62 7.04 10.08
C ARG A 83 2.01 8.24 9.35
N ALA A 84 2.10 8.30 8.01
CA ALA A 84 1.53 9.35 7.19
C ALA A 84 0.01 9.38 7.34
N HIS A 85 -0.68 8.28 6.96
CA HIS A 85 -2.14 8.13 7.03
C HIS A 85 -2.64 8.47 8.43
N CYS A 86 -1.94 7.98 9.47
CA CYS A 86 -2.32 8.26 10.84
C CYS A 86 -2.12 9.71 11.21
N ALA A 87 -1.00 10.33 10.82
CA ALA A 87 -0.67 11.68 11.23
C ALA A 87 -1.67 12.68 10.65
N THR A 88 -2.09 12.48 9.39
CA THR A 88 -3.04 13.36 8.73
C THR A 88 -4.45 13.26 9.34
N LEU A 89 -4.72 12.26 10.20
CA LEU A 89 -6.04 11.98 10.80
C LEU A 89 -6.00 11.91 12.34
N GLY A 90 -4.83 12.01 12.96
CA GLY A 90 -4.66 11.92 14.41
C GLY A 90 -4.82 10.51 14.99
N HIS A 91 -4.66 9.44 14.21
CA HIS A 91 -4.96 8.08 14.68
C HIS A 91 -4.04 7.65 15.83
N CYS A 92 -4.47 6.63 16.56
CA CYS A 92 -3.79 5.98 17.68
C CYS A 92 -2.72 4.97 17.23
N CYS A 93 -2.12 4.23 18.18
CA CYS A 93 -1.21 3.11 17.98
C CYS A 93 -1.33 2.19 19.21
N THR A 94 -1.32 0.87 19.01
CA THR A 94 -1.57 -0.16 20.02
C THR A 94 -0.89 -1.47 19.59
N SER A 95 -1.25 -2.60 20.22
CA SER A 95 -1.16 -3.97 19.70
C SER A 95 0.21 -4.43 19.19
N LYS A 96 1.31 -3.95 19.77
CA LYS A 96 2.70 -4.21 19.35
C LYS A 96 2.98 -3.51 18.01
N MET A 97 3.86 -2.52 18.06
CA MET A 97 4.43 -1.84 16.91
C MET A 97 3.36 -1.35 15.95
N HIS A 98 2.31 -0.75 16.51
CA HIS A 98 1.14 -0.24 15.81
C HIS A 98 0.43 -1.46 15.18
N LEU A 99 0.83 -1.89 13.98
CA LEU A 99 0.39 -3.08 13.30
C LEU A 99 1.52 -4.09 13.25
N HIS A 100 1.35 -5.21 13.92
CA HIS A 100 2.26 -6.34 13.85
C HIS A 100 2.42 -6.89 12.43
N SER A 101 1.41 -6.76 11.56
CA SER A 101 1.39 -7.39 10.24
C SER A 101 0.59 -6.53 9.25
N VAL A 102 0.72 -6.78 7.95
CA VAL A 102 0.00 -6.03 6.92
C VAL A 102 -1.52 -6.24 7.10
N MET A 103 -1.93 -7.45 7.50
CA MET A 103 -3.29 -7.83 7.81
C MET A 103 -3.87 -6.99 8.94
N ASP A 104 -3.06 -6.71 9.97
CA ASP A 104 -3.47 -5.88 11.11
C ASP A 104 -3.85 -4.50 10.58
N ALA A 105 -2.95 -3.91 9.78
CA ALA A 105 -3.06 -2.58 9.21
C ALA A 105 -4.29 -2.42 8.31
N ILE A 106 -4.53 -3.30 7.33
CA ILE A 106 -5.64 -3.15 6.38
C ILE A 106 -6.96 -3.01 7.16
N ASP A 107 -7.15 -3.92 8.11
CA ASP A 107 -8.39 -4.08 8.85
C ASP A 107 -8.60 -2.89 9.77
N PHE A 108 -7.51 -2.44 10.41
CA PHE A 108 -7.43 -1.22 11.20
C PHE A 108 -7.95 -0.04 10.37
N LEU A 109 -7.26 0.37 9.29
CA LEU A 109 -7.70 1.40 8.37
C LEU A 109 -9.17 1.23 7.97
N ASN A 110 -9.59 0.02 7.64
CA ASN A 110 -10.97 -0.22 7.23
C ASN A 110 -11.96 0.09 8.35
N ALA A 111 -11.64 -0.25 9.59
CA ALA A 111 -12.54 -0.07 10.72
C ALA A 111 -12.43 1.34 11.33
N LEU A 112 -11.43 2.13 10.95
CA LEU A 112 -11.30 3.51 11.36
C LEU A 112 -12.34 4.36 10.67
N GLU A 113 -12.61 4.06 9.41
CA GLU A 113 -13.66 4.64 8.59
C GLU A 113 -15.03 4.38 9.25
N GLY A 114 -16.07 5.11 8.84
CA GLY A 114 -17.41 4.92 9.40
C GLY A 114 -18.32 6.04 9.01
N MET A 1 -2.64 -16.92 -12.68
CA MET A 1 -3.65 -16.86 -13.76
C MET A 1 -3.00 -16.53 -15.10
N GLY A 2 -2.31 -15.38 -15.28
CA GLY A 2 -1.55 -15.11 -16.48
C GLY A 2 -1.36 -13.61 -16.74
N ALA A 3 -0.39 -12.98 -16.08
CA ALA A 3 -0.07 -11.55 -16.21
C ALA A 3 -1.26 -10.65 -15.82
N GLY A 4 -1.19 -9.35 -16.10
CA GLY A 4 -2.26 -8.39 -15.83
C GLY A 4 -1.71 -7.01 -15.50
N GLN A 5 -2.58 -6.01 -15.39
CA GLN A 5 -2.20 -4.60 -15.20
C GLN A 5 -1.91 -4.29 -13.72
N THR A 6 -1.72 -5.33 -12.90
CA THR A 6 -1.37 -5.24 -11.50
C THR A 6 0.01 -4.59 -11.29
N PRO A 7 0.32 -4.10 -10.08
CA PRO A 7 1.55 -3.38 -9.81
C PRO A 7 2.67 -4.39 -9.53
N HIS A 8 3.25 -4.97 -10.58
CA HIS A 8 4.29 -6.02 -10.57
C HIS A 8 3.67 -7.39 -10.19
N PRO A 9 4.22 -8.52 -10.68
CA PRO A 9 3.76 -9.86 -10.29
C PRO A 9 4.56 -10.43 -9.10
N GLN A 10 5.77 -9.91 -8.83
CA GLN A 10 6.52 -10.23 -7.60
C GLN A 10 5.79 -9.68 -6.36
N LEU A 11 4.86 -8.72 -6.54
CA LEU A 11 3.97 -8.28 -5.49
C LEU A 11 2.96 -9.39 -5.13
N ILE A 12 2.81 -9.64 -3.82
CA ILE A 12 2.01 -10.71 -3.24
C ILE A 12 0.95 -10.07 -2.33
N TRP A 13 -0.29 -9.96 -2.84
CA TRP A 13 -1.42 -9.39 -2.10
C TRP A 13 -1.58 -10.00 -0.71
N PRO A 14 -2.14 -9.25 0.26
CA PRO A 14 -2.62 -7.88 0.11
C PRO A 14 -1.50 -6.86 -0.10
N ALA A 15 -1.83 -5.65 -0.55
CA ALA A 15 -0.83 -4.60 -0.70
C ALA A 15 -1.36 -3.25 -0.26
N LEU A 16 -0.44 -2.27 -0.22
CA LEU A 16 -0.61 -0.93 0.31
C LEU A 16 0.12 0.03 -0.62
N LEU A 17 -0.64 0.78 -1.43
CA LEU A 17 -0.15 1.92 -2.20
C LEU A 17 0.00 3.11 -1.23
N LYS A 18 0.90 4.08 -1.48
CA LYS A 18 1.00 5.25 -0.60
C LYS A 18 1.36 6.54 -1.35
N GLN A 19 0.39 7.26 -1.93
CA GLN A 19 0.65 8.33 -2.90
C GLN A 19 1.78 9.31 -2.52
N GLN A 20 2.51 9.75 -3.54
CA GLN A 20 3.61 10.68 -3.43
C GLN A 20 3.07 12.09 -3.23
N GLY A 21 2.81 12.41 -1.96
CA GLY A 21 2.39 13.71 -1.46
C GLY A 21 1.29 13.56 -0.41
N CYS A 22 0.41 12.57 -0.58
CA CYS A 22 -0.87 12.59 0.16
C CYS A 22 -0.75 12.03 1.57
N ASN A 23 0.28 11.23 1.90
CA ASN A 23 0.51 10.60 3.21
C ASN A 23 -0.47 9.47 3.52
N GLU A 24 -1.63 9.44 2.87
CA GLU A 24 -2.62 8.37 2.96
C GLU A 24 -2.09 7.07 2.37
N LEU A 25 -2.56 5.94 2.88
CA LEU A 25 -2.33 4.59 2.37
C LEU A 25 -3.61 4.09 1.71
N LEU A 26 -3.44 3.18 0.75
CA LEU A 26 -4.52 2.54 0.00
C LEU A 26 -4.51 1.03 0.25
N PRO A 27 -5.18 0.52 1.30
CA PRO A 27 -5.25 -0.92 1.59
C PRO A 27 -6.02 -1.64 0.48
N LEU A 28 -5.45 -2.70 -0.09
CA LEU A 28 -6.08 -3.45 -1.19
C LEU A 28 -5.96 -4.93 -0.87
N ARG A 29 -7.10 -5.59 -0.65
CA ARG A 29 -7.18 -6.96 -0.12
C ARG A 29 -6.58 -7.98 -1.08
N THR A 30 -6.92 -7.92 -2.37
CA THR A 30 -6.46 -8.86 -3.40
C THR A 30 -6.19 -8.09 -4.70
N ASN A 31 -5.76 -8.79 -5.76
CA ASN A 31 -5.70 -8.27 -7.13
C ASN A 31 -7.07 -7.71 -7.54
N ASP A 32 -8.16 -8.33 -7.11
CA ASP A 32 -9.52 -7.89 -7.46
C ASP A 32 -9.81 -6.53 -6.84
N ASP A 33 -9.22 -6.23 -5.68
CA ASP A 33 -9.33 -4.93 -5.04
C ASP A 33 -8.56 -3.89 -5.83
N TRP A 34 -7.37 -4.24 -6.33
CA TRP A 34 -6.62 -3.36 -7.22
C TRP A 34 -7.43 -3.08 -8.50
N GLN A 35 -8.08 -4.09 -9.09
CA GLN A 35 -8.97 -3.92 -10.25
C GLN A 35 -10.13 -2.97 -9.91
N ARG A 36 -10.66 -3.06 -8.70
CA ARG A 36 -11.71 -2.20 -8.16
C ARG A 36 -11.30 -0.74 -8.06
N PHE A 37 -10.00 -0.44 -8.08
CA PHE A 37 -9.52 0.92 -8.01
C PHE A 37 -9.79 1.60 -9.34
N CYS A 38 -9.12 1.16 -10.41
CA CYS A 38 -9.25 1.75 -11.74
C CYS A 38 -10.68 1.66 -12.28
N ALA A 39 -11.44 0.65 -11.86
CA ALA A 39 -12.83 0.45 -12.24
C ALA A 39 -13.77 1.37 -11.46
N ASP A 40 -13.32 2.05 -10.39
CA ASP A 40 -14.17 2.84 -9.53
C ASP A 40 -13.42 4.11 -9.08
N SER A 41 -13.47 5.12 -9.94
CA SER A 41 -12.73 6.37 -9.89
C SER A 41 -11.27 6.13 -10.32
N LYS A 42 -10.89 6.63 -11.50
CA LYS A 42 -9.52 6.60 -12.00
C LYS A 42 -8.71 7.67 -11.26
N HIS A 43 -8.55 7.47 -9.96
CA HIS A 43 -7.73 8.29 -9.09
C HIS A 43 -6.37 8.50 -9.77
N LEU A 44 -5.88 9.74 -9.77
CA LEU A 44 -4.56 10.09 -10.28
C LEU A 44 -3.50 9.16 -9.70
N LEU A 45 -2.46 8.87 -10.47
CA LEU A 45 -1.34 8.03 -10.03
C LEU A 45 -0.05 8.76 -10.42
N GLN A 46 0.84 8.96 -9.45
CA GLN A 46 2.12 9.63 -9.58
C GLN A 46 3.22 8.58 -9.47
N TYR A 47 4.35 8.79 -10.16
CA TYR A 47 5.49 7.88 -10.06
C TYR A 47 6.13 8.03 -8.70
N GLY A 48 6.79 6.97 -8.23
CA GLY A 48 7.33 6.94 -6.89
C GLY A 48 6.28 6.85 -5.78
N ASP A 49 5.03 6.48 -6.10
CA ASP A 49 3.98 6.28 -5.10
C ASP A 49 4.32 5.19 -4.07
N LYS A 50 5.18 4.24 -4.43
CA LYS A 50 5.58 3.06 -3.65
C LYS A 50 4.43 2.05 -3.54
N LEU A 51 4.76 0.77 -3.60
CA LEU A 51 3.88 -0.33 -3.22
C LEU A 51 4.65 -1.11 -2.16
N VAL A 52 3.92 -1.68 -1.20
CA VAL A 52 4.41 -2.62 -0.22
C VAL A 52 3.39 -3.75 -0.15
N ASP A 53 3.86 -4.99 0.03
CA ASP A 53 3.06 -6.20 0.09
C ASP A 53 3.33 -6.99 1.38
N SER A 54 2.67 -8.15 1.55
CA SER A 54 2.84 -9.01 2.72
C SER A 54 4.24 -9.63 2.85
N ASN A 55 5.02 -9.68 1.78
CA ASN A 55 6.40 -10.14 1.81
C ASN A 55 7.35 -9.01 2.18
N PHE A 56 6.85 -7.79 2.43
CA PHE A 56 7.62 -6.55 2.56
C PHE A 56 8.49 -6.33 1.31
N HIS A 57 8.07 -6.77 0.14
CA HIS A 57 8.69 -6.35 -1.10
C HIS A 57 8.31 -4.89 -1.32
N CYS A 58 9.29 -3.98 -1.29
CA CYS A 58 9.05 -2.63 -1.75
C CYS A 58 9.05 -2.65 -3.28
N PHE A 59 8.24 -1.77 -3.87
CA PHE A 59 8.24 -1.46 -5.29
C PHE A 59 8.14 0.04 -5.45
N VAL A 60 8.54 0.55 -6.60
CA VAL A 60 8.55 1.95 -7.04
C VAL A 60 8.05 1.95 -8.48
N LEU A 61 7.16 2.89 -8.80
CA LEU A 61 6.63 3.13 -10.15
C LEU A 61 7.70 3.90 -10.91
N GLU A 62 7.91 3.59 -12.18
CA GLU A 62 8.83 4.32 -13.05
C GLU A 62 8.05 5.02 -14.15
N GLU A 63 8.66 6.02 -14.78
CA GLU A 63 8.01 6.83 -15.83
C GLU A 63 7.42 5.96 -16.96
N ASP A 64 8.00 4.76 -17.12
CA ASP A 64 7.60 3.65 -17.97
C ASP A 64 6.18 3.13 -17.70
N ALA A 65 5.52 3.51 -16.59
CA ALA A 65 4.23 3.00 -16.18
C ALA A 65 4.32 1.50 -15.86
N HIS A 66 5.44 1.10 -15.26
CA HIS A 66 5.62 -0.17 -14.58
C HIS A 66 6.10 0.04 -13.15
N TRP A 67 6.18 -1.05 -12.37
CA TRP A 67 6.66 -1.06 -11.01
C TRP A 67 7.92 -1.90 -10.96
N HIS A 68 9.07 -1.35 -10.53
CA HIS A 68 10.28 -2.11 -10.45
C HIS A 68 10.40 -2.63 -9.00
N PRO A 69 11.12 -3.73 -8.76
CA PRO A 69 11.46 -4.18 -7.41
C PRO A 69 12.38 -3.16 -6.76
N ALA A 70 11.98 -2.60 -5.63
CA ALA A 70 12.70 -1.59 -4.89
C ALA A 70 13.29 -2.19 -3.60
N ALA A 71 13.79 -3.42 -3.70
CA ALA A 71 14.41 -4.21 -2.64
C ALA A 71 13.39 -4.67 -1.56
N PRO A 72 13.74 -5.63 -0.69
CA PRO A 72 12.94 -5.90 0.50
C PRO A 72 13.10 -4.77 1.54
N LEU A 73 12.38 -4.89 2.65
CA LEU A 73 12.21 -3.84 3.64
C LEU A 73 12.19 -4.39 5.07
N PRO A 74 12.75 -3.68 6.07
CA PRO A 74 12.69 -4.11 7.46
C PRO A 74 11.28 -4.09 8.06
N PRO A 75 11.07 -4.73 9.22
CA PRO A 75 9.81 -4.68 9.96
C PRO A 75 9.44 -3.27 10.42
N GLU A 76 10.40 -2.35 10.54
CA GLU A 76 10.14 -0.96 10.89
C GLU A 76 9.80 -0.11 9.68
N GLY A 77 10.11 -0.57 8.47
CA GLY A 77 9.80 0.21 7.28
C GLY A 77 8.29 0.33 7.06
N LEU A 78 7.51 -0.70 7.42
CA LEU A 78 6.05 -0.63 7.50
C LEU A 78 5.67 0.55 8.38
N ASN A 79 6.13 0.52 9.63
CA ASN A 79 5.92 1.53 10.67
C ASN A 79 6.14 2.96 10.16
N ASP A 80 7.14 3.15 9.29
CA ASP A 80 7.53 4.45 8.75
C ASP A 80 6.49 5.00 7.78
N LEU A 81 5.88 4.12 6.97
CA LEU A 81 4.82 4.43 6.04
C LEU A 81 3.53 4.75 6.78
N ILE A 82 3.10 3.89 7.71
CA ILE A 82 1.85 4.07 8.46
C ILE A 82 1.88 5.41 9.19
N ARG A 83 3.07 5.83 9.69
CA ARG A 83 3.30 7.13 10.28
C ARG A 83 2.72 8.27 9.46
N ALA A 84 2.81 8.22 8.13
CA ALA A 84 2.27 9.24 7.24
C ALA A 84 0.76 9.34 7.43
N HIS A 85 0.02 8.26 7.16
CA HIS A 85 -1.43 8.22 7.24
C HIS A 85 -1.90 8.59 8.65
N CYS A 86 -1.18 8.12 9.67
CA CYS A 86 -1.49 8.46 11.05
C CYS A 86 -1.30 9.96 11.31
N ALA A 87 -0.24 10.57 10.78
CA ALA A 87 0.06 11.98 10.95
C ALA A 87 -0.94 12.87 10.22
N THR A 88 -1.42 12.49 9.03
CA THR A 88 -2.41 13.30 8.32
C THR A 88 -3.71 13.35 9.12
N LEU A 89 -4.12 12.23 9.71
CA LEU A 89 -5.38 12.11 10.43
C LEU A 89 -5.19 12.65 11.84
N GLY A 90 -4.47 11.92 12.69
CA GLY A 90 -4.24 12.26 14.09
C GLY A 90 -4.22 11.01 14.96
N HIS A 91 -3.58 9.93 14.50
CA HIS A 91 -3.55 8.64 15.17
C HIS A 91 -2.13 8.16 15.43
N CYS A 92 -1.99 7.01 16.09
CA CYS A 92 -0.73 6.28 16.18
C CYS A 92 -0.99 4.79 16.17
N CYS A 93 -1.81 4.37 17.11
CA CYS A 93 -2.06 2.97 17.39
C CYS A 93 -3.50 2.79 17.86
N THR A 94 -3.87 1.56 18.22
CA THR A 94 -5.19 1.23 18.72
C THR A 94 -5.09 0.04 19.68
N SER A 95 -4.30 -0.99 19.34
CA SER A 95 -4.32 -2.27 20.03
C SER A 95 -2.92 -2.77 20.40
N LYS A 96 -1.97 -2.84 19.45
CA LYS A 96 -0.65 -3.42 19.70
C LYS A 96 0.42 -2.72 18.87
N MET A 97 1.12 -1.76 19.48
CA MET A 97 2.04 -0.87 18.81
C MET A 97 1.31 -0.25 17.59
N HIS A 98 2.05 0.22 16.59
CA HIS A 98 1.49 0.67 15.32
C HIS A 98 0.62 -0.47 14.77
N LEU A 99 1.25 -1.59 14.39
CA LEU A 99 0.64 -2.74 13.75
C LEU A 99 1.39 -3.99 14.15
N HIS A 100 0.67 -5.10 14.12
CA HIS A 100 1.24 -6.44 14.20
C HIS A 100 1.89 -6.88 12.89
N SER A 101 1.21 -6.69 11.76
CA SER A 101 1.61 -7.20 10.42
C SER A 101 0.74 -6.60 9.31
N VAL A 102 0.96 -6.94 8.03
CA VAL A 102 0.26 -6.33 6.89
C VAL A 102 -1.23 -6.69 6.91
N MET A 103 -1.58 -7.95 7.19
CA MET A 103 -2.98 -8.37 7.21
C MET A 103 -3.76 -7.50 8.21
N ASP A 104 -3.18 -7.33 9.41
CA ASP A 104 -3.74 -6.51 10.48
C ASP A 104 -3.92 -5.07 9.99
N ALA A 105 -3.00 -4.55 9.17
CA ALA A 105 -3.09 -3.21 8.61
C ALA A 105 -4.28 -3.05 7.69
N ILE A 106 -4.51 -4.00 6.78
CA ILE A 106 -5.58 -3.93 5.80
C ILE A 106 -6.91 -3.82 6.53
N ASP A 107 -7.13 -4.66 7.54
CA ASP A 107 -8.38 -4.69 8.28
C ASP A 107 -8.48 -3.51 9.26
N PHE A 108 -7.35 -3.05 9.81
CA PHE A 108 -7.29 -1.85 10.65
C PHE A 108 -7.75 -0.64 9.87
N LEU A 109 -7.12 -0.36 8.72
CA LEU A 109 -7.41 0.83 7.93
C LEU A 109 -8.89 0.85 7.54
N ASN A 110 -9.41 -0.30 7.14
CA ASN A 110 -10.83 -0.46 6.82
C ASN A 110 -11.76 -0.38 8.03
N ALA A 111 -11.24 -0.33 9.26
CA ALA A 111 -12.02 -0.18 10.46
C ALA A 111 -11.86 1.22 11.08
N LEU A 112 -10.97 2.06 10.59
CA LEU A 112 -10.67 3.37 11.06
C LEU A 112 -11.43 4.40 10.20
N GLU A 113 -11.35 4.22 8.88
CA GLU A 113 -11.54 5.28 7.89
C GLU A 113 -12.90 5.99 7.99
N GLY A 114 -12.98 7.20 7.46
CA GLY A 114 -14.25 7.91 7.33
C GLY A 114 -14.02 9.40 7.26
N MET A 1 1.15 -15.61 -9.76
CA MET A 1 1.61 -15.11 -11.07
C MET A 1 0.44 -14.44 -11.78
N GLY A 2 0.71 -13.65 -12.82
CA GLY A 2 -0.32 -13.06 -13.66
C GLY A 2 -0.05 -11.59 -13.91
N ALA A 3 0.72 -11.27 -14.95
CA ALA A 3 1.06 -9.90 -15.33
C ALA A 3 0.15 -9.42 -16.46
N GLY A 4 -0.92 -8.69 -16.13
CA GLY A 4 -1.76 -8.03 -17.13
C GLY A 4 -2.81 -7.11 -16.52
N GLN A 5 -3.24 -7.38 -15.28
CA GLN A 5 -4.21 -6.58 -14.53
C GLN A 5 -3.54 -6.03 -13.25
N THR A 6 -2.22 -6.09 -13.20
CA THR A 6 -1.42 -5.96 -12.00
C THR A 6 -0.30 -4.95 -12.19
N PRO A 7 0.17 -4.32 -11.10
CA PRO A 7 1.37 -3.52 -11.14
C PRO A 7 2.61 -4.38 -11.39
N HIS A 8 2.85 -5.40 -10.54
CA HIS A 8 3.94 -6.38 -10.61
C HIS A 8 3.38 -7.76 -10.25
N PRO A 9 3.97 -8.89 -10.71
CA PRO A 9 3.56 -10.23 -10.27
C PRO A 9 4.25 -10.69 -8.98
N GLN A 10 5.36 -10.05 -8.57
CA GLN A 10 6.10 -10.43 -7.36
C GLN A 10 5.44 -9.90 -6.09
N LEU A 11 4.55 -8.91 -6.23
CA LEU A 11 3.62 -8.51 -5.19
C LEU A 11 2.59 -9.61 -4.92
N ILE A 12 2.34 -9.89 -3.64
CA ILE A 12 1.37 -10.84 -3.12
C ILE A 12 0.44 -10.06 -2.19
N TRP A 13 -0.80 -9.84 -2.66
CA TRP A 13 -1.83 -9.10 -1.95
C TRP A 13 -2.04 -9.65 -0.53
N PRO A 14 -2.48 -8.81 0.41
CA PRO A 14 -2.78 -7.40 0.21
C PRO A 14 -1.57 -6.50 -0.05
N ALA A 15 -1.86 -5.26 -0.46
CA ALA A 15 -0.87 -4.27 -0.86
C ALA A 15 -1.31 -2.87 -0.45
N LEU A 16 -0.39 -1.91 -0.60
CA LEU A 16 -0.46 -0.58 0.00
C LEU A 16 0.15 0.46 -0.91
N LEU A 17 -0.69 1.24 -1.60
CA LEU A 17 -0.24 2.32 -2.48
C LEU A 17 0.13 3.53 -1.63
N LYS A 18 1.08 4.38 -2.07
CA LYS A 18 1.38 5.63 -1.37
C LYS A 18 1.88 6.68 -2.35
N GLN A 19 0.95 7.39 -2.97
CA GLN A 19 1.22 8.26 -4.11
C GLN A 19 2.23 9.34 -3.74
N GLN A 20 2.91 9.93 -4.74
CA GLN A 20 3.86 11.00 -4.50
C GLN A 20 3.16 12.26 -4.00
N GLY A 21 3.63 12.73 -2.86
CA GLY A 21 3.17 13.93 -2.19
C GLY A 21 1.96 13.65 -1.29
N CYS A 22 1.11 12.69 -1.65
CA CYS A 22 0.04 12.20 -0.79
C CYS A 22 0.65 11.43 0.40
N ASN A 23 -0.20 11.12 1.37
CA ASN A 23 0.16 10.49 2.64
C ASN A 23 -0.87 9.47 3.09
N GLU A 24 -2.07 9.50 2.52
CA GLU A 24 -3.10 8.53 2.80
C GLU A 24 -2.65 7.21 2.16
N LEU A 25 -2.20 6.25 2.97
CA LEU A 25 -1.92 4.90 2.51
C LEU A 25 -3.22 4.33 1.95
N LEU A 26 -3.13 3.65 0.82
CA LEU A 26 -4.26 3.12 0.06
C LEU A 26 -4.22 1.59 0.15
N PRO A 27 -4.83 0.97 1.18
CA PRO A 27 -4.89 -0.49 1.30
C PRO A 27 -5.67 -1.09 0.11
N LEU A 28 -5.13 -2.12 -0.52
CA LEU A 28 -5.80 -2.97 -1.51
C LEU A 28 -5.79 -4.37 -0.94
N ARG A 29 -6.97 -4.94 -0.69
CA ARG A 29 -7.05 -6.23 -0.04
C ARG A 29 -6.67 -7.34 -1.01
N THR A 30 -7.21 -7.34 -2.23
CA THR A 30 -6.93 -8.34 -3.25
C THR A 30 -6.68 -7.69 -4.62
N ASN A 31 -6.39 -8.48 -5.67
CA ASN A 31 -6.23 -7.98 -7.04
C ASN A 31 -7.52 -7.31 -7.50
N ASP A 32 -8.65 -7.90 -7.14
CA ASP A 32 -9.99 -7.37 -7.43
C ASP A 32 -10.17 -5.95 -6.88
N ASP A 33 -9.38 -5.57 -5.86
CA ASP A 33 -9.56 -4.32 -5.15
C ASP A 33 -8.65 -3.24 -5.73
N TRP A 34 -7.47 -3.61 -6.24
CA TRP A 34 -6.66 -2.72 -7.07
C TRP A 34 -7.46 -2.32 -8.31
N GLN A 35 -8.18 -3.28 -8.91
CA GLN A 35 -9.09 -2.96 -9.98
C GLN A 35 -10.06 -1.88 -9.51
N ARG A 36 -10.84 -2.13 -8.45
CA ARG A 36 -11.99 -1.24 -8.25
C ARG A 36 -11.52 0.14 -7.78
N PHE A 37 -10.35 0.20 -7.15
CA PHE A 37 -9.72 1.46 -6.74
C PHE A 37 -9.61 2.41 -7.91
N CYS A 38 -9.06 1.92 -9.02
CA CYS A 38 -8.79 2.75 -10.20
C CYS A 38 -9.93 2.72 -11.21
N ALA A 39 -10.91 1.85 -10.95
CA ALA A 39 -12.25 1.82 -11.53
C ALA A 39 -13.14 2.96 -11.03
N ASP A 40 -12.68 3.79 -10.09
CA ASP A 40 -13.50 4.71 -9.34
C ASP A 40 -12.60 5.90 -9.13
N SER A 41 -13.02 7.01 -9.70
CA SER A 41 -12.39 8.32 -9.64
C SER A 41 -12.04 8.66 -8.18
N LYS A 42 -10.80 8.37 -7.79
CA LYS A 42 -10.31 8.48 -6.42
C LYS A 42 -8.98 9.23 -6.47
N HIS A 43 -7.90 8.55 -6.89
CA HIS A 43 -6.54 9.09 -6.83
C HIS A 43 -5.83 8.72 -8.14
N LEU A 44 -4.75 9.43 -8.46
CA LEU A 44 -4.17 9.52 -9.80
C LEU A 44 -2.83 8.81 -9.80
N LEU A 45 -2.64 7.81 -10.65
CA LEU A 45 -1.36 7.11 -10.72
C LEU A 45 -0.35 7.98 -11.44
N GLN A 46 0.81 8.19 -10.85
CA GLN A 46 1.90 9.03 -11.35
C GLN A 46 3.22 8.34 -11.00
N TYR A 47 4.31 8.74 -11.64
CA TYR A 47 5.62 8.12 -11.38
C TYR A 47 5.97 8.21 -9.90
N GLY A 48 6.52 7.12 -9.38
CA GLY A 48 6.92 7.06 -7.99
C GLY A 48 5.81 6.62 -7.03
N ASP A 49 4.64 6.19 -7.52
CA ASP A 49 3.42 5.93 -6.74
C ASP A 49 3.56 4.92 -5.59
N LYS A 50 4.52 3.99 -5.73
CA LYS A 50 4.99 2.95 -4.79
C LYS A 50 3.93 1.97 -4.30
N LEU A 51 4.38 0.76 -3.96
CA LEU A 51 3.59 -0.28 -3.37
C LEU A 51 4.44 -0.98 -2.33
N VAL A 52 3.81 -1.61 -1.34
CA VAL A 52 4.37 -2.68 -0.53
C VAL A 52 3.30 -3.78 -0.54
N ASP A 53 3.71 -5.02 -0.32
CA ASP A 53 2.86 -6.21 -0.22
C ASP A 53 3.07 -6.93 1.11
N SER A 54 2.34 -8.04 1.31
CA SER A 54 2.45 -8.87 2.49
C SER A 54 3.78 -9.64 2.63
N ASN A 55 4.58 -9.79 1.58
CA ASN A 55 5.95 -10.30 1.72
C ASN A 55 6.89 -9.22 2.25
N PHE A 56 6.45 -7.95 2.36
CA PHE A 56 7.30 -6.79 2.59
C PHE A 56 8.24 -6.56 1.40
N HIS A 57 7.79 -6.89 0.19
CA HIS A 57 8.42 -6.48 -1.05
C HIS A 57 7.92 -5.08 -1.40
N CYS A 58 8.79 -4.06 -1.31
CA CYS A 58 8.45 -2.75 -1.83
C CYS A 58 8.67 -2.74 -3.35
N PHE A 59 7.87 -1.94 -4.06
CA PHE A 59 7.95 -1.73 -5.51
C PHE A 59 7.56 -0.30 -5.87
N VAL A 60 7.85 0.20 -7.07
CA VAL A 60 7.33 1.48 -7.56
C VAL A 60 7.23 1.57 -9.09
N LEU A 61 6.27 2.36 -9.59
CA LEU A 61 6.03 2.67 -11.01
C LEU A 61 7.13 3.60 -11.51
N GLU A 62 7.67 3.32 -12.70
CA GLU A 62 8.73 4.11 -13.33
C GLU A 62 8.19 4.74 -14.63
N GLU A 63 9.02 5.50 -15.36
CA GLU A 63 8.64 6.21 -16.59
C GLU A 63 8.16 5.28 -17.72
N ASP A 64 8.52 3.99 -17.66
CA ASP A 64 8.25 3.01 -18.70
C ASP A 64 6.91 2.29 -18.52
N ALA A 65 6.03 2.84 -17.69
CA ALA A 65 4.77 2.28 -17.23
C ALA A 65 4.92 0.95 -16.46
N HIS A 66 6.14 0.45 -16.28
CA HIS A 66 6.40 -0.75 -15.50
C HIS A 66 6.46 -0.44 -14.01
N TRP A 67 6.52 -1.47 -13.19
CA TRP A 67 6.82 -1.35 -11.77
C TRP A 67 8.14 -2.06 -11.51
N HIS A 68 8.91 -1.57 -10.55
CA HIS A 68 10.29 -1.95 -10.30
C HIS A 68 10.55 -2.17 -8.81
N PRO A 69 11.64 -2.85 -8.41
CA PRO A 69 11.93 -3.18 -7.02
C PRO A 69 12.36 -1.96 -6.21
N ALA A 70 11.78 -1.80 -5.02
CA ALA A 70 12.13 -0.76 -4.04
C ALA A 70 12.73 -1.36 -2.76
N ALA A 71 13.40 -2.52 -2.89
CA ALA A 71 14.03 -3.30 -1.84
C ALA A 71 12.99 -3.98 -0.92
N PRO A 72 13.37 -4.97 -0.09
CA PRO A 72 12.47 -5.46 0.95
C PRO A 72 12.32 -4.41 2.06
N LEU A 73 11.43 -4.65 3.01
CA LEU A 73 11.13 -3.76 4.12
C LEU A 73 11.25 -4.53 5.44
N PRO A 74 11.74 -3.93 6.53
CA PRO A 74 11.75 -4.58 7.85
C PRO A 74 10.34 -4.57 8.46
N PRO A 75 10.10 -5.31 9.55
CA PRO A 75 8.78 -5.33 10.18
C PRO A 75 8.35 -3.97 10.72
N GLU A 76 9.28 -3.10 11.14
CA GLU A 76 8.93 -1.77 11.65
C GLU A 76 8.72 -0.78 10.51
N GLY A 77 9.27 -1.05 9.33
CA GLY A 77 9.08 -0.18 8.17
C GLY A 77 7.62 -0.08 7.74
N LEU A 78 6.77 -1.00 8.19
CA LEU A 78 5.31 -1.00 8.02
C LEU A 78 4.73 0.25 8.66
N ASN A 79 5.08 0.44 9.93
CA ASN A 79 4.50 1.41 10.83
C ASN A 79 4.95 2.80 10.41
N ASP A 80 6.18 2.91 9.90
CA ASP A 80 6.76 4.11 9.30
C ASP A 80 5.88 4.67 8.19
N LEU A 81 5.45 3.78 7.30
CA LEU A 81 4.56 4.14 6.21
C LEU A 81 3.21 4.57 6.78
N ILE A 82 2.55 3.71 7.55
CA ILE A 82 1.21 3.99 8.08
C ILE A 82 1.18 5.26 8.93
N ARG A 83 2.30 5.68 9.53
CA ARG A 83 2.43 6.92 10.24
C ARG A 83 1.84 8.08 9.45
N ALA A 84 2.03 8.14 8.12
CA ALA A 84 1.51 9.23 7.32
C ALA A 84 -0.02 9.24 7.27
N HIS A 85 -0.63 8.07 7.03
CA HIS A 85 -2.08 7.89 6.94
C HIS A 85 -2.71 8.26 8.29
N CYS A 86 -2.13 7.78 9.39
CA CYS A 86 -2.67 8.06 10.72
C CYS A 86 -2.48 9.52 11.08
N ALA A 87 -1.29 10.09 10.85
CA ALA A 87 -1.01 11.46 11.21
C ALA A 87 -1.91 12.43 10.45
N THR A 88 -2.09 12.23 9.15
CA THR A 88 -2.87 13.20 8.36
C THR A 88 -4.35 13.21 8.76
N LEU A 89 -4.85 12.16 9.45
CA LEU A 89 -6.28 11.99 9.74
C LEU A 89 -6.56 12.18 11.23
N GLY A 90 -5.65 11.75 12.11
CA GLY A 90 -5.78 11.85 13.56
C GLY A 90 -5.85 10.49 14.25
N HIS A 91 -5.43 9.41 13.57
CA HIS A 91 -5.58 8.05 14.09
C HIS A 91 -4.61 7.79 15.26
N CYS A 92 -4.96 6.77 16.05
CA CYS A 92 -4.20 6.23 17.16
C CYS A 92 -3.03 5.36 16.67
N CYS A 93 -2.27 4.75 17.60
CA CYS A 93 -1.32 3.69 17.29
C CYS A 93 -0.95 2.85 18.52
N THR A 94 -1.55 1.67 18.66
CA THR A 94 -1.50 0.87 19.89
C THR A 94 -1.48 -0.62 19.53
N SER A 95 -1.20 -1.49 20.51
CA SER A 95 -1.23 -2.95 20.40
C SER A 95 0.01 -3.44 19.64
N LYS A 96 0.95 -4.06 20.36
CA LYS A 96 2.16 -4.65 19.81
C LYS A 96 2.84 -3.74 18.78
N MET A 97 3.19 -2.53 19.23
CA MET A 97 3.68 -1.44 18.40
C MET A 97 2.81 -1.25 17.15
N HIS A 98 1.54 -0.89 17.37
CA HIS A 98 0.54 -0.58 16.36
C HIS A 98 0.07 -1.80 15.57
N LEU A 99 0.98 -2.40 14.80
CA LEU A 99 0.66 -3.29 13.70
C LEU A 99 1.69 -4.41 13.70
N HIS A 100 1.27 -5.66 13.88
CA HIS A 100 2.16 -6.81 13.75
C HIS A 100 2.56 -7.01 12.28
N SER A 101 1.60 -6.90 11.38
CA SER A 101 1.71 -7.36 10.00
C SER A 101 0.95 -6.41 9.06
N VAL A 102 1.17 -6.53 7.75
CA VAL A 102 0.35 -5.84 6.75
C VAL A 102 -1.12 -6.22 6.97
N MET A 103 -1.39 -7.46 7.38
CA MET A 103 -2.71 -7.96 7.73
C MET A 103 -3.41 -7.08 8.75
N ASP A 104 -2.70 -6.71 9.83
CA ASP A 104 -3.23 -5.85 10.89
C ASP A 104 -3.65 -4.52 10.27
N ALA A 105 -2.72 -3.94 9.50
CA ALA A 105 -2.83 -2.62 8.93
C ALA A 105 -4.00 -2.49 7.97
N ILE A 106 -4.15 -3.42 7.03
CA ILE A 106 -5.21 -3.34 6.02
C ILE A 106 -6.57 -3.28 6.73
N ASP A 107 -6.78 -4.14 7.73
CA ASP A 107 -8.05 -4.19 8.46
C ASP A 107 -8.28 -2.93 9.27
N PHE A 108 -7.22 -2.44 9.94
CA PHE A 108 -7.23 -1.21 10.71
C PHE A 108 -7.80 -0.06 9.88
N LEU A 109 -7.18 0.27 8.74
CA LEU A 109 -7.65 1.26 7.79
C LEU A 109 -9.08 0.97 7.33
N ASN A 110 -9.38 -0.28 6.99
CA ASN A 110 -10.71 -0.65 6.52
C ASN A 110 -11.78 -0.37 7.57
N ALA A 111 -11.44 -0.49 8.86
CA ALA A 111 -12.35 -0.25 9.97
C ALA A 111 -12.58 1.24 10.24
N LEU A 112 -11.69 2.12 9.76
CA LEU A 112 -11.73 3.56 9.97
C LEU A 112 -12.59 4.25 8.92
N GLU A 113 -12.43 3.85 7.66
CA GLU A 113 -13.13 4.42 6.52
C GLU A 113 -14.63 4.08 6.54
N GLY A 114 -15.41 4.65 5.61
CA GLY A 114 -16.83 4.45 5.45
C GLY A 114 -17.36 5.61 4.62
N MET A 1 1.25 -11.67 -20.49
CA MET A 1 0.23 -11.61 -21.53
C MET A 1 -0.80 -12.70 -21.27
N GLY A 2 -2.07 -12.33 -21.08
CA GLY A 2 -3.14 -13.27 -20.79
C GLY A 2 -3.05 -13.82 -19.37
N ALA A 3 -2.49 -13.04 -18.43
CA ALA A 3 -2.28 -13.49 -17.06
C ALA A 3 -3.41 -13.09 -16.12
N GLY A 4 -3.90 -11.87 -16.28
CA GLY A 4 -4.70 -11.16 -15.30
C GLY A 4 -4.38 -9.67 -15.42
N GLN A 5 -4.70 -8.87 -14.41
CA GLN A 5 -4.36 -7.44 -14.36
C GLN A 5 -3.82 -7.09 -12.98
N THR A 6 -2.50 -7.13 -12.81
CA THR A 6 -1.79 -6.84 -11.55
C THR A 6 -0.71 -5.78 -11.74
N PRO A 7 -0.17 -5.16 -10.66
CA PRO A 7 0.91 -4.17 -10.76
C PRO A 7 2.26 -4.84 -11.04
N HIS A 8 2.58 -5.91 -10.28
CA HIS A 8 3.79 -6.69 -10.36
C HIS A 8 3.40 -8.12 -9.97
N PRO A 9 4.05 -9.18 -10.52
CA PRO A 9 3.71 -10.55 -10.14
C PRO A 9 4.26 -10.94 -8.76
N GLN A 10 5.43 -10.41 -8.37
CA GLN A 10 6.02 -10.72 -7.07
C GLN A 10 5.47 -9.85 -5.94
N LEU A 11 4.61 -8.86 -6.23
CA LEU A 11 3.82 -8.20 -5.19
C LEU A 11 2.81 -9.21 -4.65
N ILE A 12 2.75 -9.41 -3.33
CA ILE A 12 1.86 -10.40 -2.69
C ILE A 12 0.83 -9.65 -1.84
N TRP A 13 -0.45 -9.82 -2.15
CA TRP A 13 -1.53 -9.11 -1.47
C TRP A 13 -1.62 -9.51 0.02
N PRO A 14 -2.13 -8.61 0.87
CA PRO A 14 -2.63 -7.28 0.53
C PRO A 14 -1.52 -6.27 0.24
N ALA A 15 -1.87 -5.11 -0.31
CA ALA A 15 -0.93 -4.03 -0.63
C ALA A 15 -1.37 -2.72 0.00
N LEU A 16 -0.45 -1.76 0.00
CA LEU A 16 -0.59 -0.43 0.56
C LEU A 16 0.14 0.53 -0.37
N LEU A 17 -0.61 1.25 -1.20
CA LEU A 17 -0.09 2.35 -2.00
C LEU A 17 0.04 3.56 -1.07
N LYS A 18 1.14 4.32 -1.17
CA LYS A 18 1.28 5.60 -0.48
C LYS A 18 1.85 6.58 -1.49
N GLN A 19 0.97 7.29 -2.19
CA GLN A 19 1.37 8.18 -3.27
C GLN A 19 2.39 9.22 -2.80
N GLN A 20 3.27 9.60 -3.72
CA GLN A 20 4.33 10.53 -3.49
C GLN A 20 3.79 11.95 -3.40
N GLY A 21 3.59 12.38 -2.16
CA GLY A 21 3.03 13.65 -1.78
C GLY A 21 1.99 13.44 -0.69
N CYS A 22 1.09 12.50 -0.94
CA CYS A 22 0.00 12.14 -0.05
C CYS A 22 0.53 11.54 1.24
N ASN A 23 -0.40 11.31 2.18
CA ASN A 23 -0.13 10.65 3.46
C ASN A 23 -1.15 9.54 3.67
N GLU A 24 -2.35 9.76 3.13
CA GLU A 24 -3.53 8.93 3.23
C GLU A 24 -3.28 7.61 2.50
N LEU A 25 -2.87 6.57 3.22
CA LEU A 25 -2.62 5.23 2.67
C LEU A 25 -3.84 4.75 1.89
N LEU A 26 -3.61 4.04 0.79
CA LEU A 26 -4.62 3.37 -0.03
C LEU A 26 -4.43 1.84 0.12
N PRO A 27 -5.04 1.20 1.13
CA PRO A 27 -5.07 -0.24 1.34
C PRO A 27 -5.77 -0.98 0.18
N LEU A 28 -5.21 -2.09 -0.28
CA LEU A 28 -5.79 -3.03 -1.23
C LEU A 28 -5.81 -4.42 -0.60
N ARG A 29 -6.99 -4.97 -0.33
CA ARG A 29 -7.22 -6.29 0.25
C ARG A 29 -6.66 -7.37 -0.67
N THR A 30 -7.12 -7.39 -1.92
CA THR A 30 -6.68 -8.33 -2.94
C THR A 30 -6.52 -7.59 -4.27
N ASN A 31 -6.16 -8.31 -5.33
CA ASN A 31 -6.26 -7.75 -6.67
C ASN A 31 -7.69 -7.35 -7.03
N ASP A 32 -8.70 -8.03 -6.46
CA ASP A 32 -10.12 -7.69 -6.66
C ASP A 32 -10.42 -6.29 -6.13
N ASP A 33 -9.60 -5.79 -5.20
CA ASP A 33 -9.69 -4.47 -4.59
C ASP A 33 -8.97 -3.45 -5.48
N TRP A 34 -7.76 -3.74 -5.96
CA TRP A 34 -7.05 -2.87 -6.90
C TRP A 34 -7.91 -2.58 -8.15
N GLN A 35 -8.64 -3.58 -8.62
CA GLN A 35 -9.62 -3.47 -9.70
C GLN A 35 -10.75 -2.50 -9.32
N ARG A 36 -11.28 -2.59 -8.10
CA ARG A 36 -12.31 -1.67 -7.61
C ARG A 36 -11.78 -0.25 -7.50
N PHE A 37 -10.58 -0.08 -6.98
CA PHE A 37 -9.95 1.23 -6.80
C PHE A 37 -9.88 1.99 -8.12
N CYS A 38 -9.34 1.36 -9.17
CA CYS A 38 -9.25 2.04 -10.45
C CYS A 38 -10.65 2.32 -11.02
N ALA A 39 -11.63 1.45 -10.76
CA ALA A 39 -12.99 1.61 -11.26
C ALA A 39 -13.81 2.65 -10.48
N ASP A 40 -13.39 3.07 -9.29
CA ASP A 40 -14.22 3.87 -8.37
C ASP A 40 -13.47 5.11 -7.86
N SER A 41 -12.43 5.53 -8.59
CA SER A 41 -11.63 6.73 -8.34
C SER A 41 -10.80 7.11 -9.56
N LYS A 42 -10.14 6.13 -10.19
CA LYS A 42 -9.32 6.32 -11.39
C LYS A 42 -8.31 7.48 -11.25
N HIS A 43 -7.70 7.62 -10.08
CA HIS A 43 -6.68 8.65 -9.86
C HIS A 43 -5.47 8.45 -10.78
N LEU A 44 -4.58 9.44 -10.80
CA LEU A 44 -3.27 9.38 -11.41
C LEU A 44 -2.35 8.39 -10.70
N LEU A 45 -1.38 7.84 -11.43
CA LEU A 45 -0.30 7.01 -10.90
C LEU A 45 0.96 7.47 -11.62
N GLN A 46 2.03 7.74 -10.86
CA GLN A 46 3.23 8.41 -11.34
C GLN A 46 4.49 7.73 -10.84
N TYR A 47 5.61 8.05 -11.48
CA TYR A 47 6.89 7.39 -11.25
C TYR A 47 7.34 7.77 -9.86
N GLY A 48 7.31 6.82 -8.93
CA GLY A 48 7.69 7.03 -7.54
C GLY A 48 6.54 6.81 -6.55
N ASP A 49 5.30 6.56 -6.97
CA ASP A 49 4.10 6.55 -6.09
C ASP A 49 4.01 5.40 -5.06
N LYS A 50 4.98 4.48 -5.08
CA LYS A 50 5.33 3.42 -4.12
C LYS A 50 4.19 2.49 -3.70
N LEU A 51 4.35 1.20 -3.98
CA LEU A 51 3.55 0.14 -3.39
C LEU A 51 4.42 -0.60 -2.39
N VAL A 52 3.78 -1.12 -1.37
CA VAL A 52 4.32 -2.08 -0.42
C VAL A 52 3.26 -3.18 -0.33
N ASP A 53 3.70 -4.40 -0.10
CA ASP A 53 3.05 -5.69 -0.15
C ASP A 53 3.28 -6.45 1.16
N SER A 54 2.64 -7.62 1.26
CA SER A 54 2.71 -8.48 2.44
C SER A 54 4.15 -8.93 2.76
N ASN A 55 4.96 -9.14 1.71
CA ASN A 55 6.33 -9.65 1.80
C ASN A 55 7.37 -8.55 2.09
N PHE A 56 6.97 -7.28 2.26
CA PHE A 56 7.87 -6.14 2.49
C PHE A 56 8.84 -5.93 1.30
N HIS A 57 8.52 -6.41 0.09
CA HIS A 57 9.13 -5.94 -1.15
C HIS A 57 8.63 -4.52 -1.48
N CYS A 58 9.42 -3.47 -1.27
CA CYS A 58 9.02 -2.15 -1.76
C CYS A 58 8.96 -2.22 -3.29
N PHE A 59 8.04 -1.49 -3.91
CA PHE A 59 7.92 -1.34 -5.35
C PHE A 59 7.72 0.13 -5.66
N VAL A 60 8.19 0.57 -6.81
CA VAL A 60 8.05 1.91 -7.36
C VAL A 60 7.72 1.74 -8.85
N LEU A 61 6.81 2.57 -9.35
CA LEU A 61 6.44 2.69 -10.75
C LEU A 61 7.60 3.36 -11.49
N GLU A 62 7.93 2.90 -12.69
CA GLU A 62 8.99 3.46 -13.53
C GLU A 62 8.39 4.17 -14.74
N GLU A 63 9.20 4.92 -15.49
CA GLU A 63 8.77 5.62 -16.69
C GLU A 63 8.26 4.64 -17.74
N ASP A 64 8.91 3.47 -17.84
CA ASP A 64 8.52 2.36 -18.73
C ASP A 64 7.27 1.61 -18.27
N ALA A 65 6.57 2.17 -17.26
CA ALA A 65 5.21 1.85 -16.85
C ALA A 65 5.07 0.53 -16.09
N HIS A 66 6.19 -0.11 -15.76
CA HIS A 66 6.24 -1.27 -14.89
C HIS A 66 6.47 -0.84 -13.45
N TRP A 67 6.31 -1.77 -12.50
CA TRP A 67 6.58 -1.55 -11.09
C TRP A 67 7.88 -2.26 -10.73
N HIS A 68 9.00 -1.54 -10.72
CA HIS A 68 10.29 -2.12 -10.39
C HIS A 68 10.34 -2.48 -8.89
N PRO A 69 11.00 -3.59 -8.50
CA PRO A 69 11.28 -3.95 -7.11
C PRO A 69 12.29 -2.98 -6.48
N ALA A 70 11.81 -2.06 -5.66
CA ALA A 70 12.57 -1.03 -4.98
C ALA A 70 13.22 -1.54 -3.67
N ALA A 71 13.68 -2.80 -3.66
CA ALA A 71 14.35 -3.51 -2.56
C ALA A 71 13.42 -3.77 -1.36
N PRO A 72 13.79 -4.66 -0.42
CA PRO A 72 12.92 -4.96 0.72
C PRO A 72 12.86 -3.83 1.75
N LEU A 73 11.99 -4.01 2.74
CA LEU A 73 11.56 -3.04 3.71
C LEU A 73 11.67 -3.66 5.13
N PRO A 74 12.04 -2.90 6.18
CA PRO A 74 12.20 -3.41 7.55
C PRO A 74 10.89 -3.34 8.36
N PRO A 75 10.80 -4.01 9.52
CA PRO A 75 9.62 -3.97 10.37
C PRO A 75 9.23 -2.57 10.83
N GLU A 76 10.15 -1.61 10.78
CA GLU A 76 9.93 -0.24 11.24
C GLU A 76 9.68 0.70 10.07
N GLY A 77 10.03 0.28 8.85
CA GLY A 77 9.75 1.01 7.63
C GLY A 77 8.25 1.13 7.41
N LEU A 78 7.52 0.05 7.70
CA LEU A 78 6.07 0.00 7.57
C LEU A 78 5.48 1.05 8.50
N ASN A 79 5.90 1.04 9.76
CA ASN A 79 5.41 1.92 10.81
C ASN A 79 5.73 3.39 10.50
N ASP A 80 6.69 3.69 9.63
CA ASP A 80 6.94 5.05 9.12
C ASP A 80 5.92 5.43 8.05
N LEU A 81 5.65 4.54 7.08
CA LEU A 81 4.61 4.74 6.07
C LEU A 81 3.26 4.94 6.74
N ILE A 82 2.86 4.00 7.59
CA ILE A 82 1.58 3.99 8.30
C ILE A 82 1.43 5.27 9.15
N ARG A 83 2.53 5.82 9.70
CA ARG A 83 2.49 7.08 10.41
C ARG A 83 1.83 8.18 9.59
N ALA A 84 1.97 8.17 8.26
CA ALA A 84 1.42 9.21 7.42
C ALA A 84 -0.12 9.23 7.53
N HIS A 85 -0.77 8.09 7.30
CA HIS A 85 -2.22 7.96 7.38
C HIS A 85 -2.68 8.20 8.82
N CYS A 86 -1.93 7.71 9.82
CA CYS A 86 -2.34 7.88 11.21
C CYS A 86 -2.22 9.33 11.66
N ALA A 87 -1.16 10.04 11.27
CA ALA A 87 -0.93 11.40 11.70
C ALA A 87 -1.83 12.39 10.95
N THR A 88 -2.21 12.11 9.70
CA THR A 88 -3.12 13.00 9.01
C THR A 88 -4.48 12.94 9.73
N LEU A 89 -4.91 11.73 10.14
CA LEU A 89 -6.21 11.53 10.77
C LEU A 89 -6.12 11.91 12.24
N GLY A 90 -5.43 11.13 13.08
CA GLY A 90 -5.14 11.49 14.46
C GLY A 90 -4.94 10.28 15.37
N HIS A 91 -4.26 9.22 14.91
CA HIS A 91 -4.14 7.95 15.62
C HIS A 91 -2.73 7.74 16.20
N CYS A 92 -2.60 6.90 17.24
CA CYS A 92 -1.40 6.81 18.08
C CYS A 92 -1.12 5.39 18.62
N CYS A 93 -1.42 4.35 17.82
CA CYS A 93 -1.45 2.91 18.08
C CYS A 93 -2.42 2.55 19.22
N THR A 94 -2.65 1.27 19.49
CA THR A 94 -3.59 0.83 20.52
C THR A 94 -2.91 -0.16 21.48
N SER A 95 -2.40 -1.29 21.00
CA SER A 95 -1.86 -2.35 21.84
C SER A 95 -0.71 -3.11 21.20
N LYS A 96 -0.12 -2.57 20.13
CA LYS A 96 1.00 -3.17 19.43
C LYS A 96 1.96 -2.07 18.99
N MET A 97 3.06 -2.49 18.37
CA MET A 97 4.10 -1.65 17.78
C MET A 97 3.52 -1.09 16.49
N HIS A 98 2.64 -0.08 16.57
CA HIS A 98 1.64 0.23 15.55
C HIS A 98 0.72 -0.99 15.33
N LEU A 99 1.23 -2.09 14.77
CA LEU A 99 0.53 -3.15 14.05
C LEU A 99 1.18 -4.51 14.34
N HIS A 100 0.53 -5.57 13.89
CA HIS A 100 0.99 -6.95 13.96
C HIS A 100 1.45 -7.50 12.60
N SER A 101 0.90 -6.95 11.51
CA SER A 101 1.11 -7.43 10.13
C SER A 101 0.48 -6.47 9.10
N VAL A 102 0.71 -6.70 7.81
CA VAL A 102 0.09 -5.91 6.74
C VAL A 102 -1.42 -6.18 6.76
N MET A 103 -1.85 -7.44 6.87
CA MET A 103 -3.27 -7.79 6.91
C MET A 103 -4.00 -7.07 8.05
N ASP A 104 -3.34 -6.96 9.20
CA ASP A 104 -3.91 -6.28 10.36
C ASP A 104 -4.02 -4.78 10.12
N ALA A 105 -3.08 -4.23 9.34
CA ALA A 105 -3.11 -2.84 8.89
C ALA A 105 -4.33 -2.61 7.99
N ILE A 106 -4.56 -3.50 7.03
CA ILE A 106 -5.73 -3.44 6.16
C ILE A 106 -7.01 -3.44 7.02
N ASP A 107 -7.04 -4.19 8.12
CA ASP A 107 -8.21 -4.18 9.01
C ASP A 107 -8.33 -2.86 9.78
N PHE A 108 -7.21 -2.40 10.34
CA PHE A 108 -7.10 -1.16 11.11
C PHE A 108 -7.60 0.04 10.33
N LEU A 109 -7.05 0.25 9.13
CA LEU A 109 -7.29 1.43 8.29
C LEU A 109 -8.77 1.50 7.89
N ASN A 110 -9.36 0.33 7.67
CA ASN A 110 -10.73 0.18 7.20
C ASN A 110 -11.69 0.50 8.34
N ALA A 111 -11.41 -0.02 9.54
CA ALA A 111 -12.19 0.18 10.76
C ALA A 111 -12.22 1.63 11.27
N LEU A 112 -11.60 2.57 10.55
CA LEU A 112 -11.73 4.01 10.79
C LEU A 112 -13.02 4.57 10.18
N GLU A 113 -13.60 3.90 9.19
CA GLU A 113 -14.76 4.40 8.46
C GLU A 113 -16.04 4.02 9.20
N GLY A 114 -16.53 4.96 10.00
CA GLY A 114 -17.93 5.00 10.41
C GLY A 114 -18.77 5.48 9.25
N MET A 1 8.57 -5.49 -13.57
CA MET A 1 7.94 -5.93 -14.82
C MET A 1 6.60 -6.59 -14.48
N GLY A 2 5.47 -6.14 -15.05
CA GLY A 2 4.14 -6.56 -14.62
C GLY A 2 3.11 -6.36 -15.73
N ALA A 3 2.53 -5.15 -15.80
CA ALA A 3 1.52 -4.71 -16.76
C ALA A 3 0.23 -5.56 -16.75
N GLY A 4 -0.74 -5.17 -17.59
CA GLY A 4 -1.90 -5.99 -17.92
C GLY A 4 -3.04 -5.81 -16.92
N GLN A 5 -2.99 -6.53 -15.79
CA GLN A 5 -4.15 -6.70 -14.91
C GLN A 5 -3.83 -6.89 -13.42
N THR A 6 -2.56 -6.79 -13.12
CA THR A 6 -1.99 -6.69 -11.79
C THR A 6 -0.78 -5.74 -11.82
N PRO A 7 -0.37 -5.21 -10.66
CA PRO A 7 0.82 -4.37 -10.57
C PRO A 7 2.11 -5.17 -10.82
N HIS A 8 2.29 -6.32 -10.17
CA HIS A 8 3.54 -7.08 -10.28
C HIS A 8 3.31 -8.55 -9.89
N PRO A 9 3.98 -9.54 -10.53
CA PRO A 9 3.89 -10.94 -10.13
C PRO A 9 4.62 -11.25 -8.82
N GLN A 10 5.56 -10.39 -8.41
CA GLN A 10 6.27 -10.57 -7.13
C GLN A 10 5.47 -9.96 -5.96
N LEU A 11 4.41 -9.20 -6.23
CA LEU A 11 3.46 -8.72 -5.22
C LEU A 11 2.50 -9.83 -4.84
N ILE A 12 2.31 -10.06 -3.54
CA ILE A 12 1.39 -11.02 -2.97
C ILE A 12 0.40 -10.23 -2.10
N TRP A 13 -0.88 -10.21 -2.49
CA TRP A 13 -1.92 -9.51 -1.73
C TRP A 13 -2.00 -10.00 -0.29
N PRO A 14 -2.49 -9.15 0.64
CA PRO A 14 -2.91 -7.77 0.41
C PRO A 14 -1.77 -6.82 0.06
N ALA A 15 -2.12 -5.58 -0.33
CA ALA A 15 -1.15 -4.53 -0.60
C ALA A 15 -1.58 -3.19 0.00
N LEU A 16 -0.67 -2.22 -0.07
CA LEU A 16 -0.78 -0.87 0.46
C LEU A 16 -0.07 0.06 -0.53
N LEU A 17 -0.82 0.88 -1.28
CA LEU A 17 -0.25 1.93 -2.11
C LEU A 17 0.00 3.17 -1.22
N LYS A 18 1.02 3.98 -1.49
CA LYS A 18 1.21 5.27 -0.80
C LYS A 18 1.83 6.29 -1.77
N GLN A 19 0.98 7.02 -2.48
CA GLN A 19 1.35 7.94 -3.56
C GLN A 19 2.46 8.88 -3.15
N GLN A 20 3.24 9.34 -4.13
CA GLN A 20 4.27 10.35 -3.87
C GLN A 20 3.67 11.73 -3.56
N GLY A 21 2.36 11.91 -3.78
CA GLY A 21 1.65 13.16 -3.57
C GLY A 21 0.94 13.24 -2.21
N CYS A 22 0.74 12.12 -1.52
CA CYS A 22 -0.06 12.04 -0.30
C CYS A 22 0.70 11.32 0.80
N ASN A 23 0.01 11.15 1.92
CA ASN A 23 0.52 10.58 3.15
C ASN A 23 -0.45 9.53 3.69
N GLU A 24 -1.71 9.55 3.25
CA GLU A 24 -2.66 8.46 3.48
C GLU A 24 -2.19 7.25 2.66
N LEU A 25 -2.56 6.04 3.07
CA LEU A 25 -2.34 4.79 2.34
C LEU A 25 -3.62 4.39 1.65
N LEU A 26 -3.51 3.47 0.71
CA LEU A 26 -4.61 2.78 0.04
C LEU A 26 -4.52 1.29 0.34
N PRO A 27 -5.11 0.77 1.43
CA PRO A 27 -5.18 -0.67 1.69
C PRO A 27 -5.98 -1.37 0.59
N LEU A 28 -5.43 -2.42 -0.01
CA LEU A 28 -6.10 -3.29 -0.97
C LEU A 28 -6.09 -4.72 -0.40
N ARG A 29 -7.25 -5.22 0.02
CA ARG A 29 -7.42 -6.50 0.71
C ARG A 29 -7.10 -7.70 -0.19
N THR A 30 -7.64 -7.71 -1.40
CA THR A 30 -7.50 -8.78 -2.40
C THR A 30 -7.51 -8.10 -3.75
N ASN A 31 -7.16 -8.83 -4.80
CA ASN A 31 -7.03 -8.35 -6.17
C ASN A 31 -8.27 -7.63 -6.70
N ASP A 32 -9.44 -8.06 -6.24
CA ASP A 32 -10.74 -7.45 -6.53
C ASP A 32 -10.78 -5.97 -6.12
N ASP A 33 -10.09 -5.64 -5.03
CA ASP A 33 -10.03 -4.32 -4.41
C ASP A 33 -9.30 -3.35 -5.36
N TRP A 34 -8.13 -3.74 -5.91
CA TRP A 34 -7.39 -2.94 -6.88
C TRP A 34 -8.21 -2.71 -8.14
N GLN A 35 -8.93 -3.73 -8.62
CA GLN A 35 -9.82 -3.57 -9.76
C GLN A 35 -10.89 -2.53 -9.43
N ARG A 36 -11.61 -2.72 -8.32
CA ARG A 36 -12.66 -1.80 -7.88
C ARG A 36 -12.14 -0.37 -7.69
N PHE A 37 -10.89 -0.18 -7.25
CA PHE A 37 -10.31 1.15 -7.10
C PHE A 37 -10.41 1.94 -8.41
N CYS A 38 -9.70 1.58 -9.48
CA CYS A 38 -9.75 2.33 -10.73
C CYS A 38 -11.07 2.09 -11.49
N ALA A 39 -11.91 1.13 -11.06
CA ALA A 39 -13.27 1.05 -11.55
C ALA A 39 -14.08 2.24 -11.03
N ASP A 40 -13.98 2.57 -9.74
CA ASP A 40 -14.88 3.54 -9.08
C ASP A 40 -14.24 4.90 -8.81
N SER A 41 -12.93 4.95 -8.87
CA SER A 41 -12.06 6.02 -8.43
C SER A 41 -10.80 5.97 -9.31
N LYS A 42 -10.86 6.51 -10.53
CA LYS A 42 -9.71 6.66 -11.40
C LYS A 42 -8.83 7.82 -10.92
N HIS A 43 -8.34 7.72 -9.69
CA HIS A 43 -7.39 8.62 -9.09
C HIS A 43 -6.14 8.70 -9.97
N LEU A 44 -5.46 9.84 -9.95
CA LEU A 44 -4.19 10.08 -10.62
C LEU A 44 -3.17 9.04 -10.15
N LEU A 45 -2.47 8.36 -11.07
CA LEU A 45 -1.40 7.39 -10.79
C LEU A 45 -0.12 7.91 -11.42
N GLN A 46 1.01 7.77 -10.73
CA GLN A 46 2.26 8.45 -11.06
C GLN A 46 3.45 7.56 -10.76
N TYR A 47 4.51 7.76 -11.53
CA TYR A 47 5.78 7.11 -11.30
C TYR A 47 6.27 7.56 -9.94
N GLY A 48 6.65 6.58 -9.12
CA GLY A 48 7.08 6.83 -7.75
C GLY A 48 6.02 6.56 -6.69
N ASP A 49 4.85 6.01 -7.06
CA ASP A 49 3.67 5.96 -6.19
C ASP A 49 3.70 4.92 -5.07
N LYS A 50 4.72 4.06 -5.07
CA LYS A 50 5.11 3.04 -4.08
C LYS A 50 4.03 2.03 -3.68
N LEU A 51 4.38 0.75 -3.71
CA LEU A 51 3.51 -0.34 -3.26
C LEU A 51 4.22 -1.11 -2.16
N VAL A 52 3.46 -1.76 -1.30
CA VAL A 52 3.91 -2.64 -0.23
C VAL A 52 2.99 -3.86 -0.23
N ASP A 53 3.52 -5.09 -0.19
CA ASP A 53 2.77 -6.35 -0.15
C ASP A 53 2.81 -7.06 1.21
N SER A 54 2.17 -8.23 1.30
CA SER A 54 2.08 -9.13 2.45
C SER A 54 3.44 -9.62 3.00
N ASN A 55 4.52 -9.44 2.27
CA ASN A 55 5.87 -9.93 2.55
C ASN A 55 6.84 -8.77 2.62
N PHE A 56 6.32 -7.53 2.67
CA PHE A 56 7.07 -6.30 2.74
C PHE A 56 7.86 -6.07 1.43
N HIS A 57 7.56 -6.76 0.33
CA HIS A 57 8.08 -6.42 -1.00
C HIS A 57 7.61 -5.01 -1.35
N CYS A 58 8.55 -4.07 -1.34
CA CYS A 58 8.30 -2.71 -1.78
C CYS A 58 8.40 -2.70 -3.31
N PHE A 59 7.65 -1.82 -3.97
CA PHE A 59 7.79 -1.57 -5.40
C PHE A 59 7.66 -0.07 -5.63
N VAL A 60 8.08 0.37 -6.81
CA VAL A 60 7.94 1.72 -7.37
C VAL A 60 7.43 1.54 -8.80
N LEU A 61 6.48 2.37 -9.23
CA LEU A 61 6.03 2.45 -10.62
C LEU A 61 7.06 3.29 -11.38
N GLU A 62 7.43 2.88 -12.58
CA GLU A 62 8.32 3.62 -13.48
C GLU A 62 7.61 3.91 -14.82
N GLU A 63 8.24 4.75 -15.65
CA GLU A 63 7.68 5.31 -16.89
C GLU A 63 7.46 4.21 -17.95
N ASP A 64 8.12 3.06 -17.79
CA ASP A 64 7.91 1.86 -18.61
C ASP A 64 6.64 1.10 -18.17
N ALA A 65 5.75 1.77 -17.39
CA ALA A 65 4.45 1.33 -16.89
C ALA A 65 4.49 0.11 -15.97
N HIS A 66 5.67 -0.42 -15.69
CA HIS A 66 5.86 -1.51 -14.78
C HIS A 66 5.98 -0.96 -13.38
N TRP A 67 5.67 -1.82 -12.42
CA TRP A 67 6.21 -1.73 -11.09
C TRP A 67 7.55 -2.43 -11.17
N HIS A 68 8.56 -1.91 -10.47
CA HIS A 68 9.85 -2.55 -10.30
C HIS A 68 9.98 -2.92 -8.82
N PRO A 69 10.62 -4.06 -8.46
CA PRO A 69 10.87 -4.48 -7.09
C PRO A 69 11.90 -3.58 -6.42
N ALA A 70 11.44 -2.67 -5.56
CA ALA A 70 12.25 -1.75 -4.78
C ALA A 70 12.86 -2.43 -3.53
N ALA A 71 13.12 -3.74 -3.64
CA ALA A 71 13.59 -4.66 -2.60
C ALA A 71 12.52 -4.85 -1.51
N PRO A 72 12.67 -5.89 -0.65
CA PRO A 72 11.86 -5.98 0.54
C PRO A 72 12.14 -4.80 1.48
N LEU A 73 11.30 -4.69 2.51
CA LEU A 73 11.32 -3.59 3.45
C LEU A 73 11.47 -4.14 4.87
N PRO A 74 12.17 -3.43 5.78
CA PRO A 74 12.29 -3.81 7.17
C PRO A 74 10.93 -3.84 7.87
N PRO A 75 10.81 -4.57 8.99
CA PRO A 75 9.56 -4.66 9.73
C PRO A 75 9.07 -3.30 10.22
N GLU A 76 9.98 -2.35 10.43
CA GLU A 76 9.67 -1.04 11.01
C GLU A 76 9.45 0.01 9.92
N GLY A 77 9.81 -0.31 8.67
CA GLY A 77 9.59 0.55 7.52
C GLY A 77 8.11 0.60 7.13
N LEU A 78 7.36 -0.47 7.42
CA LEU A 78 5.90 -0.46 7.38
C LEU A 78 5.43 0.70 8.26
N ASN A 79 5.81 0.67 9.54
CA ASN A 79 5.30 1.56 10.57
C ASN A 79 5.64 3.02 10.29
N ASP A 80 6.63 3.33 9.45
CA ASP A 80 6.95 4.69 8.98
C ASP A 80 5.94 5.15 7.93
N LEU A 81 5.61 4.29 6.96
CA LEU A 81 4.56 4.60 5.98
C LEU A 81 3.23 4.78 6.69
N ILE A 82 2.89 3.90 7.65
CA ILE A 82 1.71 4.05 8.51
C ILE A 82 1.77 5.39 9.23
N ARG A 83 2.94 5.81 9.73
CA ARG A 83 3.12 7.06 10.46
C ARG A 83 2.54 8.26 9.72
N ALA A 84 2.73 8.36 8.40
CA ALA A 84 2.22 9.49 7.64
C ALA A 84 0.68 9.46 7.60
N HIS A 85 0.06 8.30 7.36
CA HIS A 85 -1.39 8.13 7.35
C HIS A 85 -1.93 8.55 8.72
N CYS A 86 -1.30 8.09 9.80
CA CYS A 86 -1.70 8.52 11.12
C CYS A 86 -1.56 10.02 11.29
N ALA A 87 -0.46 10.60 10.83
CA ALA A 87 -0.19 11.99 11.10
C ALA A 87 -1.11 12.93 10.32
N THR A 88 -1.62 12.52 9.14
CA THR A 88 -2.54 13.39 8.42
C THR A 88 -3.87 13.44 9.17
N LEU A 89 -4.35 12.29 9.69
CA LEU A 89 -5.65 12.23 10.32
C LEU A 89 -5.53 12.56 11.81
N GLY A 90 -4.81 11.73 12.57
CA GLY A 90 -4.48 11.95 13.98
C GLY A 90 -4.11 10.67 14.74
N HIS A 91 -3.92 9.52 14.09
CA HIS A 91 -4.19 8.21 14.69
C HIS A 91 -2.92 7.39 15.00
N CYS A 92 -1.92 7.98 15.65
CA CYS A 92 -0.70 7.25 15.99
C CYS A 92 -0.99 6.03 16.90
N CYS A 93 0.03 5.19 17.11
CA CYS A 93 -0.08 3.86 17.71
C CYS A 93 -0.87 3.87 19.02
N THR A 94 -1.52 2.75 19.30
CA THR A 94 -2.33 2.56 20.48
C THR A 94 -1.91 1.27 21.19
N SER A 95 -1.59 0.25 20.40
CA SER A 95 -1.35 -1.10 20.83
C SER A 95 -0.19 -1.69 20.04
N LYS A 96 0.44 -2.71 20.64
CA LYS A 96 1.57 -3.47 20.10
C LYS A 96 2.65 -2.60 19.47
N MET A 97 3.51 -3.22 18.67
CA MET A 97 4.45 -2.53 17.78
C MET A 97 3.69 -1.91 16.60
N HIS A 98 2.74 -1.01 16.86
CA HIS A 98 1.84 -0.41 15.88
C HIS A 98 0.87 -1.48 15.33
N LEU A 99 1.37 -2.45 14.53
CA LEU A 99 0.58 -3.41 13.75
C LEU A 99 1.29 -4.76 13.76
N HIS A 100 0.51 -5.84 13.84
CA HIS A 100 1.04 -7.20 13.99
C HIS A 100 1.60 -7.74 12.66
N SER A 101 1.08 -7.26 11.53
CA SER A 101 1.40 -7.73 10.18
C SER A 101 0.60 -6.94 9.15
N VAL A 102 0.77 -7.22 7.86
CA VAL A 102 0.09 -6.52 6.77
C VAL A 102 -1.41 -6.78 6.88
N MET A 103 -1.82 -8.03 7.09
CA MET A 103 -3.24 -8.36 7.15
C MET A 103 -3.92 -7.65 8.32
N ASP A 104 -3.18 -7.45 9.41
CA ASP A 104 -3.64 -6.74 10.59
C ASP A 104 -3.76 -5.25 10.29
N ALA A 105 -2.82 -4.70 9.49
CA ALA A 105 -2.79 -3.32 9.02
C ALA A 105 -3.98 -3.00 8.12
N ILE A 106 -4.33 -3.89 7.21
CA ILE A 106 -5.44 -3.69 6.28
C ILE A 106 -6.73 -3.54 7.08
N ASP A 107 -6.98 -4.49 8.01
CA ASP A 107 -8.21 -4.51 8.80
C ASP A 107 -8.26 -3.30 9.73
N PHE A 108 -7.11 -2.93 10.31
CA PHE A 108 -6.93 -1.72 11.11
C PHE A 108 -7.37 -0.49 10.33
N LEU A 109 -6.81 -0.25 9.15
CA LEU A 109 -7.12 0.93 8.35
C LEU A 109 -8.58 0.95 7.93
N ASN A 110 -9.16 -0.20 7.59
CA ASN A 110 -10.57 -0.28 7.23
C ASN A 110 -11.43 0.07 8.45
N ALA A 111 -11.06 -0.41 9.63
CA ALA A 111 -11.81 -0.17 10.85
C ALA A 111 -11.71 1.28 11.34
N LEU A 112 -10.80 2.10 10.81
CA LEU A 112 -10.76 3.53 11.12
C LEU A 112 -12.06 4.21 10.68
N GLU A 113 -12.62 3.73 9.58
CA GLU A 113 -13.70 4.37 8.83
C GLU A 113 -15.07 4.20 9.50
N GLY A 114 -16.00 5.07 9.15
CA GLY A 114 -17.42 5.00 9.42
C GLY A 114 -18.13 5.88 8.41
N MET A 1 9.10 -6.47 -13.99
CA MET A 1 8.29 -7.33 -14.87
C MET A 1 6.99 -6.62 -15.22
N GLY A 2 6.58 -6.64 -16.48
CA GLY A 2 5.40 -5.92 -16.94
C GLY A 2 4.11 -6.44 -16.30
N ALA A 3 3.13 -5.54 -16.23
CA ALA A 3 1.78 -5.78 -15.79
C ALA A 3 0.86 -4.78 -16.47
N GLY A 4 -0.44 -5.07 -16.46
CA GLY A 4 -1.49 -4.12 -16.74
C GLY A 4 -2.75 -4.62 -16.04
N GLN A 5 -3.76 -3.74 -15.92
CA GLN A 5 -5.01 -3.80 -15.17
C GLN A 5 -4.98 -4.32 -13.72
N THR A 6 -3.78 -4.61 -13.26
CA THR A 6 -3.32 -5.14 -11.99
C THR A 6 -1.86 -4.72 -11.76
N PRO A 7 -1.35 -4.84 -10.52
CA PRO A 7 0.03 -4.49 -10.15
C PRO A 7 1.04 -5.58 -10.58
N HIS A 8 2.27 -5.53 -10.05
CA HIS A 8 3.38 -6.39 -10.46
C HIS A 8 2.97 -7.87 -10.41
N PRO A 9 3.44 -8.73 -11.33
CA PRO A 9 3.09 -10.15 -11.39
C PRO A 9 3.69 -11.02 -10.28
N GLN A 10 4.36 -10.40 -9.30
CA GLN A 10 4.95 -11.06 -8.14
C GLN A 10 4.47 -10.45 -6.82
N LEU A 11 3.70 -9.35 -6.83
CA LEU A 11 2.97 -8.89 -5.65
C LEU A 11 2.08 -10.03 -5.11
N ILE A 12 1.82 -10.03 -3.81
CA ILE A 12 0.91 -10.95 -3.14
C ILE A 12 -0.06 -10.07 -2.35
N TRP A 13 -1.34 -10.45 -2.32
CA TRP A 13 -2.34 -9.71 -1.56
C TRP A 13 -2.30 -10.12 -0.08
N PRO A 14 -2.84 -9.29 0.82
CA PRO A 14 -3.24 -7.91 0.55
C PRO A 14 -2.04 -6.99 0.28
N ALA A 15 -2.32 -5.76 -0.17
CA ALA A 15 -1.32 -4.75 -0.49
C ALA A 15 -1.71 -3.38 0.04
N LEU A 16 -0.77 -2.45 -0.05
CA LEU A 16 -0.78 -1.12 0.52
C LEU A 16 -0.11 -0.17 -0.47
N LEU A 17 -0.89 0.62 -1.20
CA LEU A 17 -0.38 1.69 -2.08
C LEU A 17 -0.08 2.92 -1.22
N LYS A 18 0.81 3.83 -1.65
CA LYS A 18 1.01 5.10 -0.92
C LYS A 18 1.12 6.29 -1.90
N GLN A 19 -0.02 6.75 -2.44
CA GLN A 19 -0.13 7.71 -3.53
C GLN A 19 0.81 8.89 -3.31
N GLN A 20 1.74 9.11 -4.24
CA GLN A 20 2.88 9.96 -4.03
C GLN A 20 2.44 11.43 -3.98
N GLY A 21 2.30 11.95 -2.75
CA GLY A 21 1.78 13.26 -2.40
C GLY A 21 0.77 13.11 -1.26
N CYS A 22 -0.15 12.15 -1.37
CA CYS A 22 -1.32 11.97 -0.51
C CYS A 22 -1.00 11.56 0.92
N ASN A 23 0.06 10.77 1.15
CA ASN A 23 0.48 10.19 2.44
C ASN A 23 -0.45 9.13 3.01
N GLU A 24 -1.74 9.19 2.67
CA GLU A 24 -2.77 8.19 2.89
C GLU A 24 -2.29 6.83 2.37
N LEU A 25 -2.13 5.84 3.22
CA LEU A 25 -1.93 4.46 2.80
C LEU A 25 -3.28 3.95 2.30
N LEU A 26 -3.25 3.24 1.18
CA LEU A 26 -4.40 2.69 0.46
C LEU A 26 -4.44 1.17 0.68
N PRO A 27 -5.08 0.66 1.73
CA PRO A 27 -5.22 -0.78 1.94
C PRO A 27 -6.02 -1.39 0.79
N LEU A 28 -5.72 -2.63 0.42
CA LEU A 28 -6.39 -3.39 -0.62
C LEU A 28 -6.54 -4.80 -0.07
N ARG A 29 -7.75 -5.34 0.14
CA ARG A 29 -7.98 -6.65 0.78
C ARG A 29 -7.84 -7.83 -0.18
N THR A 30 -8.32 -7.74 -1.42
CA THR A 30 -7.98 -8.74 -2.44
C THR A 30 -7.88 -8.04 -3.79
N ASN A 31 -7.64 -8.82 -4.85
CA ASN A 31 -7.49 -8.37 -6.23
C ASN A 31 -8.71 -7.61 -6.73
N ASP A 32 -9.89 -7.86 -6.16
CA ASP A 32 -11.13 -7.11 -6.45
C ASP A 32 -11.04 -5.67 -5.93
N ASP A 33 -10.28 -5.44 -4.86
CA ASP A 33 -10.15 -4.13 -4.22
C ASP A 33 -9.37 -3.17 -5.11
N TRP A 34 -8.40 -3.71 -5.86
CA TRP A 34 -7.69 -2.96 -6.92
C TRP A 34 -8.66 -2.48 -8.01
N GLN A 35 -9.73 -3.24 -8.30
CA GLN A 35 -10.77 -2.79 -9.24
C GLN A 35 -11.56 -1.61 -8.67
N ARG A 36 -11.92 -1.62 -7.37
CA ARG A 36 -12.67 -0.51 -6.75
C ARG A 36 -11.93 0.81 -6.99
N PHE A 37 -10.62 0.82 -6.79
CA PHE A 37 -9.82 2.01 -7.01
C PHE A 37 -9.97 2.52 -8.45
N CYS A 38 -9.81 1.69 -9.47
CA CYS A 38 -9.90 2.18 -10.84
C CYS A 38 -11.32 2.50 -11.29
N ALA A 39 -12.32 2.04 -10.54
CA ALA A 39 -13.69 2.50 -10.67
C ALA A 39 -13.83 3.94 -10.16
N ASP A 40 -13.11 4.38 -9.11
CA ASP A 40 -13.43 5.65 -8.42
C ASP A 40 -12.31 6.70 -8.41
N SER A 41 -11.11 6.25 -8.72
CA SER A 41 -9.82 6.93 -8.71
C SER A 41 -9.02 6.53 -9.95
N LYS A 42 -9.66 5.84 -10.91
CA LYS A 42 -9.25 5.67 -12.31
C LYS A 42 -7.77 5.32 -12.47
N HIS A 43 -7.25 4.50 -11.56
CA HIS A 43 -5.86 4.04 -11.55
C HIS A 43 -4.84 5.15 -11.72
N LEU A 44 -5.17 6.36 -11.26
CA LEU A 44 -4.18 7.40 -11.06
C LEU A 44 -3.11 6.79 -10.18
N LEU A 45 -1.90 6.67 -10.71
CA LEU A 45 -0.74 6.06 -10.09
C LEU A 45 0.39 6.94 -10.59
N GLN A 46 1.09 7.61 -9.68
CA GLN A 46 2.06 8.64 -10.03
C GLN A 46 3.45 8.23 -9.54
N TYR A 47 4.51 8.84 -10.10
CA TYR A 47 5.84 8.28 -9.94
C TYR A 47 6.25 8.36 -8.49
N GLY A 48 6.60 7.19 -7.94
CA GLY A 48 6.96 7.08 -6.54
C GLY A 48 5.85 6.45 -5.68
N ASP A 49 4.71 6.07 -6.26
CA ASP A 49 3.47 5.70 -5.56
C ASP A 49 3.64 4.58 -4.54
N LYS A 50 4.60 3.69 -4.79
CA LYS A 50 4.99 2.51 -4.01
C LYS A 50 3.87 1.54 -3.71
N LEU A 51 4.26 0.29 -3.48
CA LEU A 51 3.37 -0.76 -3.08
C LEU A 51 4.10 -1.64 -2.06
N VAL A 52 3.38 -2.09 -1.03
CA VAL A 52 3.88 -2.98 0.02
C VAL A 52 2.82 -4.08 0.24
N ASP A 53 3.22 -5.34 0.07
CA ASP A 53 2.52 -6.61 0.21
C ASP A 53 2.86 -7.28 1.54
N SER A 54 2.16 -8.38 1.81
CA SER A 54 2.37 -9.27 2.96
C SER A 54 3.78 -9.89 3.06
N ASN A 55 4.71 -9.57 2.15
CA ASN A 55 6.03 -10.16 2.04
C ASN A 55 7.12 -9.07 2.14
N PHE A 56 6.73 -7.82 2.40
CA PHE A 56 7.61 -6.68 2.67
C PHE A 56 8.54 -6.35 1.48
N HIS A 57 8.27 -6.88 0.27
CA HIS A 57 8.83 -6.39 -0.99
C HIS A 57 8.30 -4.98 -1.27
N CYS A 58 9.12 -3.94 -1.17
CA CYS A 58 8.68 -2.67 -1.72
C CYS A 58 8.72 -2.77 -3.24
N PHE A 59 7.71 -2.19 -3.90
CA PHE A 59 7.71 -1.91 -5.31
C PHE A 59 7.43 -0.43 -5.53
N VAL A 60 7.74 0.16 -6.67
CA VAL A 60 7.37 1.52 -7.02
C VAL A 60 7.21 1.70 -8.52
N LEU A 61 6.37 2.66 -8.88
CA LEU A 61 6.01 3.02 -10.23
C LEU A 61 7.13 3.83 -10.84
N GLU A 62 7.55 3.48 -12.06
CA GLU A 62 8.61 4.19 -12.77
C GLU A 62 8.02 5.03 -13.91
N GLU A 63 8.83 5.83 -14.61
CA GLU A 63 8.40 6.57 -15.81
C GLU A 63 8.11 5.64 -17.01
N ASP A 64 8.32 4.32 -16.87
CA ASP A 64 7.79 3.32 -17.81
C ASP A 64 6.37 2.91 -17.46
N ALA A 65 5.78 3.48 -16.40
CA ALA A 65 4.59 3.05 -15.69
C ALA A 65 4.60 1.57 -15.27
N HIS A 66 5.74 0.90 -15.40
CA HIS A 66 5.97 -0.40 -14.80
C HIS A 66 6.27 -0.22 -13.32
N TRP A 67 6.38 -1.34 -12.63
CA TRP A 67 6.66 -1.38 -11.21
C TRP A 67 8.02 -2.03 -11.03
N HIS A 68 8.83 -1.47 -10.13
CA HIS A 68 10.23 -1.78 -9.93
C HIS A 68 10.46 -2.30 -8.52
N PRO A 69 11.37 -3.27 -8.30
CA PRO A 69 11.67 -3.85 -7.00
C PRO A 69 12.56 -2.93 -6.19
N ALA A 70 11.96 -2.21 -5.24
CA ALA A 70 12.63 -1.28 -4.34
C ALA A 70 13.25 -1.97 -3.12
N ALA A 71 13.59 -3.26 -3.24
CA ALA A 71 14.16 -4.16 -2.25
C ALA A 71 13.17 -4.46 -1.11
N PRO A 72 13.42 -5.49 -0.28
CA PRO A 72 12.60 -5.77 0.87
C PRO A 72 12.77 -4.71 1.97
N LEU A 73 11.96 -4.86 3.01
CA LEU A 73 11.80 -3.94 4.13
C LEU A 73 12.00 -4.71 5.44
N PRO A 74 12.39 -4.09 6.57
CA PRO A 74 12.27 -4.71 7.88
C PRO A 74 10.79 -4.74 8.32
N PRO A 75 10.42 -5.52 9.35
CA PRO A 75 9.05 -5.57 9.86
C PRO A 75 8.56 -4.20 10.34
N GLU A 76 9.44 -3.41 10.93
CA GLU A 76 9.08 -2.14 11.54
C GLU A 76 8.94 -1.07 10.47
N GLY A 77 9.63 -1.26 9.34
CA GLY A 77 9.69 -0.29 8.27
C GLY A 77 8.34 -0.03 7.61
N LEU A 78 7.40 -0.98 7.70
CA LEU A 78 5.99 -0.80 7.34
C LEU A 78 5.40 0.39 8.12
N ASN A 79 5.68 0.44 9.41
CA ASN A 79 5.02 1.33 10.34
C ASN A 79 5.55 2.76 10.17
N ASP A 80 6.68 2.96 9.50
CA ASP A 80 7.10 4.28 9.00
C ASP A 80 6.18 4.75 7.86
N LEU A 81 5.84 3.88 6.91
CA LEU A 81 4.89 4.23 5.84
C LEU A 81 3.57 4.63 6.49
N ILE A 82 3.00 3.73 7.29
CA ILE A 82 1.73 3.91 7.98
C ILE A 82 1.72 5.21 8.80
N ARG A 83 2.85 5.63 9.38
CA ARG A 83 2.98 6.88 10.07
C ARG A 83 2.40 8.06 9.29
N ALA A 84 2.57 8.11 7.97
CA ALA A 84 2.07 9.21 7.15
C ALA A 84 0.54 9.17 7.02
N HIS A 85 -0.06 8.00 6.82
CA HIS A 85 -1.51 7.81 6.87
C HIS A 85 -2.03 8.29 8.23
N CYS A 86 -1.46 7.75 9.31
CA CYS A 86 -2.00 8.02 10.63
C CYS A 86 -1.79 9.47 11.03
N ALA A 87 -0.74 10.12 10.53
CA ALA A 87 -0.43 11.51 10.81
C ALA A 87 -1.29 12.47 10.00
N THR A 88 -1.80 12.06 8.84
CA THR A 88 -2.57 12.94 7.98
C THR A 88 -4.07 12.84 8.29
N LEU A 89 -4.51 11.78 8.98
CA LEU A 89 -5.90 11.58 9.37
C LEU A 89 -6.11 11.79 10.87
N GLY A 90 -5.06 11.65 11.69
CA GLY A 90 -5.15 11.76 13.13
C GLY A 90 -5.67 10.48 13.75
N HIS A 91 -5.01 9.36 13.43
CA HIS A 91 -5.35 8.05 13.97
C HIS A 91 -4.29 7.62 14.99
N CYS A 92 -3.01 7.92 14.75
CA CYS A 92 -1.89 7.45 15.56
C CYS A 92 -1.90 5.91 15.71
N CYS A 93 -1.11 5.40 16.66
CA CYS A 93 -0.93 3.98 16.98
C CYS A 93 -1.97 3.50 18.01
N THR A 94 -1.90 2.21 18.35
CA THR A 94 -2.80 1.54 19.28
C THR A 94 -1.98 0.68 20.23
N SER A 95 -1.52 -0.48 19.77
CA SER A 95 -0.63 -1.40 20.46
C SER A 95 0.48 -1.84 19.49
N LYS A 96 1.39 -2.68 20.00
CA LYS A 96 2.54 -3.28 19.32
C LYS A 96 3.35 -2.31 18.45
N MET A 97 3.43 -1.05 18.85
CA MET A 97 4.13 0.02 18.14
C MET A 97 3.49 0.16 16.76
N HIS A 98 2.28 0.72 16.70
CA HIS A 98 1.40 0.80 15.53
C HIS A 98 0.78 -0.55 15.19
N LEU A 99 1.54 -1.46 14.61
CA LEU A 99 1.04 -2.60 13.85
C LEU A 99 2.01 -3.75 13.94
N HIS A 100 1.48 -4.96 13.78
CA HIS A 100 2.30 -6.16 13.69
C HIS A 100 2.81 -6.38 12.27
N SER A 101 1.97 -6.13 11.27
CA SER A 101 2.22 -6.44 9.87
C SER A 101 1.14 -5.83 8.97
N VAL A 102 1.21 -6.14 7.67
CA VAL A 102 0.25 -5.70 6.66
C VAL A 102 -1.16 -6.13 7.05
N MET A 103 -1.36 -7.37 7.50
CA MET A 103 -2.68 -7.92 7.74
C MET A 103 -3.40 -7.11 8.82
N ASP A 104 -2.67 -6.83 9.90
CA ASP A 104 -3.11 -5.96 10.98
C ASP A 104 -3.40 -4.56 10.44
N ALA A 105 -2.58 -4.06 9.51
CA ALA A 105 -2.77 -2.76 8.88
C ALA A 105 -4.09 -2.68 8.12
N ILE A 106 -4.34 -3.61 7.20
CA ILE A 106 -5.55 -3.63 6.38
C ILE A 106 -6.77 -3.57 7.31
N ASP A 107 -6.77 -4.40 8.35
CA ASP A 107 -7.85 -4.49 9.33
C ASP A 107 -8.05 -3.16 10.03
N PHE A 108 -6.95 -2.61 10.55
CA PHE A 108 -6.86 -1.34 11.25
C PHE A 108 -7.44 -0.23 10.39
N LEU A 109 -6.84 0.07 9.24
CA LEU A 109 -7.25 1.11 8.32
C LEU A 109 -8.73 0.98 7.93
N ASN A 110 -9.20 -0.22 7.62
CA ASN A 110 -10.62 -0.40 7.28
C ASN A 110 -11.52 -0.11 8.49
N ALA A 111 -11.07 -0.41 9.71
CA ALA A 111 -11.82 -0.14 10.93
C ALA A 111 -11.68 1.32 11.41
N LEU A 112 -10.66 2.04 10.94
CA LEU A 112 -10.50 3.48 11.19
C LEU A 112 -11.43 4.30 10.32
N GLU A 113 -11.76 3.75 9.15
CA GLU A 113 -12.73 4.36 8.25
C GLU A 113 -14.15 4.25 8.79
N GLY A 114 -15.04 5.09 8.23
CA GLY A 114 -16.46 5.05 8.50
C GLY A 114 -17.14 3.99 7.67
N MET A 1 -2.05 -18.27 -18.43
CA MET A 1 -2.04 -16.82 -18.16
C MET A 1 -2.39 -16.08 -19.45
N GLY A 2 -1.95 -14.83 -19.59
CA GLY A 2 -2.23 -13.94 -20.69
C GLY A 2 -1.64 -12.60 -20.29
N ALA A 3 -2.20 -12.00 -19.23
CA ALA A 3 -1.56 -10.95 -18.45
C ALA A 3 -2.03 -11.10 -17.01
N GLY A 4 -1.29 -10.53 -16.06
CA GLY A 4 -1.82 -10.29 -14.71
C GLY A 4 -2.33 -8.86 -14.58
N GLN A 5 -1.77 -7.93 -15.38
CA GLN A 5 -1.98 -6.50 -15.32
C GLN A 5 -1.73 -5.87 -13.93
N THR A 6 -1.19 -6.65 -13.00
CA THR A 6 -0.96 -6.33 -11.60
C THR A 6 0.26 -5.43 -11.43
N PRO A 7 0.38 -4.73 -10.28
CA PRO A 7 1.59 -4.01 -9.91
C PRO A 7 2.69 -5.02 -9.51
N HIS A 8 3.22 -5.75 -10.50
CA HIS A 8 4.21 -6.81 -10.44
C HIS A 8 3.66 -8.14 -9.90
N PRO A 9 4.18 -9.31 -10.34
CA PRO A 9 3.80 -10.61 -9.79
C PRO A 9 4.49 -10.92 -8.45
N GLN A 10 5.68 -10.40 -8.17
CA GLN A 10 6.34 -10.59 -6.88
C GLN A 10 5.64 -9.84 -5.74
N LEU A 11 4.87 -8.78 -6.07
CA LEU A 11 3.95 -8.19 -5.13
C LEU A 11 2.89 -9.24 -4.78
N ILE A 12 2.58 -9.35 -3.50
CA ILE A 12 1.55 -10.22 -3.00
C ILE A 12 0.37 -9.37 -2.54
N TRP A 13 -0.71 -9.98 -2.06
CA TRP A 13 -1.81 -9.23 -1.46
C TRP A 13 -2.04 -9.72 -0.04
N PRO A 14 -2.53 -8.85 0.86
CA PRO A 14 -2.82 -7.44 0.59
C PRO A 14 -1.57 -6.57 0.34
N ALA A 15 -1.80 -5.38 -0.25
CA ALA A 15 -0.80 -4.38 -0.65
C ALA A 15 -1.30 -2.98 -0.36
N LEU A 16 -0.35 -2.06 -0.50
CA LEU A 16 -0.29 -0.77 0.12
C LEU A 16 0.19 0.23 -0.90
N LEU A 17 -0.69 1.16 -1.30
CA LEU A 17 -0.24 2.30 -2.09
C LEU A 17 -0.08 3.52 -1.19
N LYS A 18 0.83 4.45 -1.54
CA LYS A 18 0.95 5.73 -0.85
C LYS A 18 1.24 6.81 -1.89
N GLN A 19 0.20 7.42 -2.48
CA GLN A 19 0.37 8.34 -3.61
C GLN A 19 1.39 9.41 -3.28
N GLN A 20 2.26 9.73 -4.23
CA GLN A 20 3.27 10.74 -4.11
C GLN A 20 2.60 12.07 -3.82
N GLY A 21 2.78 12.55 -2.58
CA GLY A 21 2.24 13.77 -2.05
C GLY A 21 1.17 13.54 -1.00
N CYS A 22 0.33 12.51 -1.14
CA CYS A 22 -0.67 12.20 -0.12
C CYS A 22 0.02 11.67 1.13
N ASN A 23 -0.77 11.54 2.18
CA ASN A 23 -0.36 10.91 3.43
C ASN A 23 -1.21 9.66 3.65
N GLU A 24 -2.32 9.53 2.94
CA GLU A 24 -3.32 8.51 3.18
C GLU A 24 -2.81 7.17 2.62
N LEU A 25 -2.47 6.23 3.51
CA LEU A 25 -2.12 4.88 3.11
C LEU A 25 -3.38 4.20 2.57
N LEU A 26 -3.22 3.48 1.47
CA LEU A 26 -4.22 2.87 0.63
C LEU A 26 -4.27 1.34 0.77
N PRO A 27 -5.05 0.80 1.71
CA PRO A 27 -5.23 -0.64 1.81
C PRO A 27 -5.97 -1.22 0.59
N LEU A 28 -5.33 -2.15 -0.12
CA LEU A 28 -5.92 -3.00 -1.17
C LEU A 28 -5.91 -4.43 -0.60
N ARG A 29 -7.07 -4.97 -0.24
CA ARG A 29 -7.19 -6.35 0.28
C ARG A 29 -6.68 -7.35 -0.76
N THR A 30 -7.13 -7.24 -2.02
CA THR A 30 -6.70 -8.11 -3.09
C THR A 30 -6.54 -7.30 -4.39
N ASN A 31 -6.03 -7.95 -5.44
CA ASN A 31 -5.84 -7.36 -6.75
C ASN A 31 -7.14 -6.78 -7.31
N ASP A 32 -8.28 -7.41 -7.06
CA ASP A 32 -9.53 -6.91 -7.62
C ASP A 32 -9.85 -5.53 -7.05
N ASP A 33 -9.45 -5.21 -5.81
CA ASP A 33 -9.62 -3.85 -5.30
C ASP A 33 -8.71 -2.87 -6.02
N TRP A 34 -7.46 -3.29 -6.28
CA TRP A 34 -6.50 -2.50 -7.05
C TRP A 34 -7.07 -2.17 -8.43
N GLN A 35 -7.71 -3.14 -9.11
CA GLN A 35 -8.38 -2.89 -10.38
C GLN A 35 -9.52 -1.89 -10.17
N ARG A 36 -10.45 -2.19 -9.26
CA ARG A 36 -11.66 -1.39 -9.04
C ARG A 36 -11.37 0.04 -8.59
N PHE A 37 -10.21 0.29 -7.98
CA PHE A 37 -9.74 1.61 -7.64
C PHE A 37 -9.64 2.45 -8.91
N CYS A 38 -8.76 2.08 -9.86
CA CYS A 38 -8.59 2.88 -11.07
C CYS A 38 -9.86 2.87 -11.93
N ALA A 39 -10.62 1.76 -11.87
CA ALA A 39 -11.88 1.62 -12.57
C ALA A 39 -12.97 2.51 -11.94
N ASP A 40 -12.68 3.23 -10.85
CA ASP A 40 -13.54 4.26 -10.28
C ASP A 40 -12.77 5.57 -10.05
N SER A 41 -11.85 5.91 -10.96
CA SER A 41 -11.01 7.10 -10.90
C SER A 41 -9.97 6.96 -9.78
N LYS A 42 -10.36 7.21 -8.53
CA LYS A 42 -9.53 7.16 -7.34
C LYS A 42 -8.17 7.84 -7.55
N HIS A 43 -8.21 9.12 -7.96
CA HIS A 43 -7.05 9.98 -8.05
C HIS A 43 -6.14 9.52 -9.20
N LEU A 44 -4.89 9.99 -9.23
CA LEU A 44 -3.98 9.81 -10.36
C LEU A 44 -3.05 8.62 -10.09
N LEU A 45 -2.09 8.38 -11.00
CA LEU A 45 -0.97 7.49 -10.80
C LEU A 45 0.28 8.27 -11.21
N GLN A 46 1.29 8.33 -10.36
CA GLN A 46 2.54 9.06 -10.59
C GLN A 46 3.69 8.06 -10.57
N TYR A 47 4.67 8.23 -11.46
CA TYR A 47 5.91 7.45 -11.39
C TYR A 47 6.60 7.81 -10.08
N GLY A 48 6.61 6.89 -9.13
CA GLY A 48 7.19 7.09 -7.82
C GLY A 48 6.27 6.65 -6.68
N ASP A 49 5.00 6.40 -6.98
CA ASP A 49 3.88 6.24 -6.03
C ASP A 49 4.01 5.09 -5.01
N LYS A 50 5.00 4.22 -5.20
CA LYS A 50 5.43 3.09 -4.38
C LYS A 50 4.32 2.09 -4.03
N LEU A 51 4.53 0.81 -4.34
CA LEU A 51 3.78 -0.27 -3.73
C LEU A 51 4.64 -0.86 -2.64
N VAL A 52 3.98 -1.37 -1.61
CA VAL A 52 4.46 -2.25 -0.57
C VAL A 52 3.46 -3.41 -0.54
N ASP A 53 3.91 -4.59 -0.13
CA ASP A 53 3.11 -5.80 -0.03
C ASP A 53 3.33 -6.51 1.30
N SER A 54 2.63 -7.63 1.51
CA SER A 54 2.77 -8.43 2.72
C SER A 54 4.11 -9.18 2.83
N ASN A 55 4.93 -9.22 1.77
CA ASN A 55 6.32 -9.71 1.81
C ASN A 55 7.29 -8.61 2.23
N PHE A 56 6.82 -7.36 2.44
CA PHE A 56 7.67 -6.20 2.65
C PHE A 56 8.56 -5.97 1.42
N HIS A 57 8.20 -6.45 0.23
CA HIS A 57 8.83 -6.06 -1.03
C HIS A 57 8.34 -4.66 -1.41
N CYS A 58 9.24 -3.67 -1.43
CA CYS A 58 8.88 -2.39 -2.02
C CYS A 58 8.97 -2.51 -3.53
N PHE A 59 8.19 -1.68 -4.23
CA PHE A 59 8.22 -1.49 -5.66
C PHE A 59 8.05 -0.01 -5.94
N VAL A 60 8.57 0.48 -7.06
CA VAL A 60 8.46 1.83 -7.58
C VAL A 60 8.19 1.72 -9.09
N LEU A 61 7.37 2.62 -9.59
CA LEU A 61 6.91 2.74 -10.99
C LEU A 61 7.99 3.42 -11.84
N GLU A 62 8.31 2.91 -13.04
CA GLU A 62 9.24 3.56 -13.98
C GLU A 62 8.51 4.10 -15.22
N GLU A 63 9.15 4.89 -16.06
CA GLU A 63 8.55 5.44 -17.28
C GLU A 63 8.11 4.34 -18.27
N ASP A 64 8.60 3.13 -18.09
CA ASP A 64 8.21 1.91 -18.79
C ASP A 64 6.84 1.39 -18.34
N ALA A 65 6.16 2.02 -17.37
CA ALA A 65 4.90 1.60 -16.76
C ALA A 65 5.11 0.42 -15.81
N HIS A 66 6.27 -0.24 -15.82
CA HIS A 66 6.53 -1.33 -14.91
C HIS A 66 6.80 -0.84 -13.50
N TRP A 67 6.57 -1.75 -12.57
CA TRP A 67 6.84 -1.62 -11.17
C TRP A 67 8.08 -2.45 -10.92
N HIS A 68 9.24 -1.79 -10.93
CA HIS A 68 10.53 -2.39 -10.67
C HIS A 68 10.75 -2.53 -9.17
N PRO A 69 11.68 -3.40 -8.74
CA PRO A 69 11.92 -3.68 -7.34
C PRO A 69 12.64 -2.50 -6.70
N ALA A 70 12.39 -2.27 -5.42
CA ALA A 70 12.85 -1.09 -4.69
C ALA A 70 13.33 -1.48 -3.29
N ALA A 71 13.98 -2.63 -3.18
CA ALA A 71 14.47 -3.31 -1.97
C ALA A 71 13.34 -3.77 -1.04
N PRO A 72 13.62 -4.66 -0.07
CA PRO A 72 12.67 -4.97 0.99
C PRO A 72 12.52 -3.79 1.96
N LEU A 73 11.69 -3.99 2.99
CA LEU A 73 11.27 -2.97 3.95
C LEU A 73 11.51 -3.50 5.38
N PRO A 74 11.91 -2.67 6.36
CA PRO A 74 12.24 -3.11 7.72
C PRO A 74 10.97 -3.23 8.57
N PRO A 75 11.00 -3.89 9.73
CA PRO A 75 9.81 -4.07 10.55
C PRO A 75 9.18 -2.74 11.00
N GLU A 76 9.99 -1.68 11.15
CA GLU A 76 9.51 -0.34 11.49
C GLU A 76 9.04 0.45 10.25
N GLY A 77 9.47 0.08 9.04
CA GLY A 77 9.19 0.86 7.85
C GLY A 77 7.70 0.91 7.55
N LEU A 78 6.97 -0.12 8.02
CA LEU A 78 5.53 -0.24 7.95
C LEU A 78 4.91 0.91 8.75
N ASN A 79 5.34 1.08 10.00
CA ASN A 79 4.85 2.14 10.87
C ASN A 79 5.20 3.51 10.27
N ASP A 80 6.36 3.62 9.61
CA ASP A 80 6.88 4.83 8.95
C ASP A 80 6.04 5.24 7.74
N LEU A 81 5.44 4.26 7.03
CA LEU A 81 4.39 4.51 6.06
C LEU A 81 3.15 5.00 6.82
N ILE A 82 2.56 4.13 7.65
CA ILE A 82 1.27 4.32 8.32
C ILE A 82 1.23 5.63 9.13
N ARG A 83 2.38 6.09 9.62
CA ARG A 83 2.57 7.37 10.29
C ARG A 83 1.87 8.49 9.54
N ALA A 84 2.02 8.59 8.23
CA ALA A 84 1.39 9.63 7.42
C ALA A 84 -0.13 9.52 7.47
N HIS A 85 -0.70 8.32 7.30
CA HIS A 85 -2.13 8.08 7.33
C HIS A 85 -2.70 8.51 8.69
N CYS A 86 -2.06 8.06 9.78
CA CYS A 86 -2.53 8.39 11.12
C CYS A 86 -2.32 9.87 11.43
N ALA A 87 -1.33 10.54 10.81
CA ALA A 87 -1.07 11.96 10.98
C ALA A 87 -2.04 12.86 10.18
N THR A 88 -2.79 12.32 9.22
CA THR A 88 -3.75 13.10 8.45
C THR A 88 -5.18 12.93 9.00
N LEU A 89 -5.43 11.90 9.82
CA LEU A 89 -6.74 11.64 10.44
C LEU A 89 -6.68 11.92 11.94
N GLY A 90 -5.60 11.52 12.60
CA GLY A 90 -5.39 11.67 14.03
C GLY A 90 -5.58 10.35 14.75
N HIS A 91 -4.73 9.37 14.48
CA HIS A 91 -4.76 8.07 15.14
C HIS A 91 -3.38 7.67 15.66
N CYS A 92 -3.35 6.59 16.42
CA CYS A 92 -2.17 5.85 16.81
C CYS A 92 -2.56 4.37 16.89
N CYS A 93 -1.58 3.49 16.84
CA CYS A 93 -1.67 2.09 17.18
C CYS A 93 -0.66 1.80 18.28
N THR A 94 -0.88 0.73 19.03
CA THR A 94 0.00 0.34 20.12
C THR A 94 -0.15 -1.17 20.35
N SER A 95 -1.38 -1.70 20.36
CA SER A 95 -1.69 -3.10 20.57
C SER A 95 -0.87 -4.00 19.64
N LYS A 96 0.19 -4.61 20.17
CA LYS A 96 1.20 -5.37 19.41
C LYS A 96 1.87 -4.46 18.37
N MET A 97 2.76 -3.59 18.86
CA MET A 97 3.69 -2.78 18.10
C MET A 97 3.00 -1.99 17.00
N HIS A 98 1.98 -1.20 17.36
CA HIS A 98 1.04 -0.57 16.40
C HIS A 98 0.35 -1.71 15.64
N LEU A 99 1.00 -2.29 14.62
CA LEU A 99 0.39 -3.14 13.62
C LEU A 99 1.25 -4.39 13.43
N HIS A 100 0.77 -5.51 13.96
CA HIS A 100 1.36 -6.85 13.92
C HIS A 100 1.86 -7.29 12.54
N SER A 101 1.09 -6.96 11.50
CA SER A 101 1.28 -7.47 10.16
C SER A 101 0.55 -6.54 9.20
N VAL A 102 0.85 -6.68 7.91
CA VAL A 102 0.18 -5.95 6.86
C VAL A 102 -1.31 -6.30 6.87
N MET A 103 -1.67 -7.57 7.03
CA MET A 103 -3.05 -8.03 7.10
C MET A 103 -3.81 -7.32 8.22
N ASP A 104 -3.20 -7.20 9.40
CA ASP A 104 -3.82 -6.50 10.52
C ASP A 104 -3.96 -5.01 10.21
N ALA A 105 -2.95 -4.42 9.55
CA ALA A 105 -3.00 -3.04 9.11
C ALA A 105 -4.19 -2.76 8.18
N ILE A 106 -4.56 -3.70 7.30
CA ILE A 106 -5.72 -3.52 6.43
C ILE A 106 -6.94 -3.26 7.29
N ASP A 107 -7.29 -4.17 8.21
CA ASP A 107 -8.57 -4.10 8.91
C ASP A 107 -8.58 -3.05 10.01
N PHE A 108 -7.41 -2.66 10.50
CA PHE A 108 -7.24 -1.45 11.29
C PHE A 108 -7.78 -0.25 10.50
N LEU A 109 -7.17 0.02 9.35
CA LEU A 109 -7.52 1.18 8.53
C LEU A 109 -8.95 1.10 8.04
N ASN A 110 -9.40 -0.12 7.70
CA ASN A 110 -10.73 -0.34 7.15
C ASN A 110 -11.84 0.01 8.14
N ALA A 111 -11.52 0.12 9.45
CA ALA A 111 -12.47 0.42 10.51
C ALA A 111 -12.44 1.89 10.96
N LEU A 112 -11.50 2.70 10.45
CA LEU A 112 -11.47 4.13 10.71
C LEU A 112 -12.67 4.82 10.04
N GLU A 113 -13.02 4.38 8.83
CA GLU A 113 -14.22 4.73 8.09
C GLU A 113 -15.44 3.99 8.69
N GLY A 114 -16.66 4.36 8.29
CA GLY A 114 -17.85 3.56 8.57
C GLY A 114 -19.13 4.30 8.24
N MET A 1 -7.71 -17.36 -9.18
CA MET A 1 -6.39 -16.71 -9.30
C MET A 1 -6.50 -15.48 -10.20
N GLY A 2 -5.93 -14.35 -9.76
CA GLY A 2 -5.91 -13.08 -10.47
C GLY A 2 -4.48 -12.74 -10.89
N ALA A 3 -4.32 -12.36 -12.15
CA ALA A 3 -3.09 -11.90 -12.80
C ALA A 3 -3.54 -11.26 -14.13
N GLY A 4 -2.72 -10.38 -14.72
CA GLY A 4 -3.13 -9.62 -15.90
C GLY A 4 -2.52 -8.23 -15.93
N GLN A 5 -2.99 -7.33 -15.07
CA GLN A 5 -2.64 -5.91 -15.02
C GLN A 5 -2.09 -5.52 -13.63
N THR A 6 -1.70 -6.50 -12.84
CA THR A 6 -1.01 -6.37 -11.57
C THR A 6 0.22 -5.46 -11.75
N PRO A 7 0.57 -4.64 -10.74
CA PRO A 7 1.70 -3.72 -10.87
C PRO A 7 3.02 -4.47 -11.02
N HIS A 8 3.16 -5.66 -10.42
CA HIS A 8 4.35 -6.48 -10.52
C HIS A 8 4.00 -7.93 -10.12
N PRO A 9 4.74 -8.97 -10.56
CA PRO A 9 4.53 -10.34 -10.07
C PRO A 9 5.26 -10.62 -8.75
N GLN A 10 6.34 -9.90 -8.42
CA GLN A 10 6.95 -9.98 -7.08
C GLN A 10 6.01 -9.45 -5.99
N LEU A 11 4.99 -8.66 -6.37
CA LEU A 11 3.96 -8.16 -5.45
C LEU A 11 2.95 -9.27 -5.17
N ILE A 12 2.77 -9.60 -3.90
CA ILE A 12 1.87 -10.63 -3.41
C ILE A 12 0.93 -9.96 -2.42
N TRP A 13 -0.33 -9.81 -2.83
CA TRP A 13 -1.39 -9.14 -2.08
C TRP A 13 -1.57 -9.71 -0.67
N PRO A 14 -2.12 -8.90 0.27
CA PRO A 14 -2.51 -7.51 0.06
C PRO A 14 -1.34 -6.55 -0.16
N ALA A 15 -1.64 -5.32 -0.57
CA ALA A 15 -0.66 -4.26 -0.77
C ALA A 15 -1.17 -2.93 -0.22
N LEU A 16 -0.27 -1.97 -0.13
CA LEU A 16 -0.46 -0.65 0.44
C LEU A 16 0.20 0.35 -0.50
N LEU A 17 -0.60 1.14 -1.22
CA LEU A 17 -0.10 2.23 -2.06
C LEU A 17 0.20 3.44 -1.18
N LYS A 18 1.25 4.21 -1.48
CA LYS A 18 1.48 5.52 -0.85
C LYS A 18 2.12 6.47 -1.86
N GLN A 19 1.28 7.26 -2.54
CA GLN A 19 1.75 8.21 -3.54
C GLN A 19 2.75 9.17 -2.92
N GLN A 20 3.68 9.65 -3.74
CA GLN A 20 4.60 10.72 -3.37
C GLN A 20 3.87 12.05 -3.10
N GLY A 21 2.59 12.14 -3.41
CA GLY A 21 1.76 13.33 -3.31
C GLY A 21 0.71 13.28 -2.20
N CYS A 22 0.63 12.20 -1.40
CA CYS A 22 -0.32 12.10 -0.29
C CYS A 22 0.30 11.37 0.89
N ASN A 23 -0.47 11.26 1.96
CA ASN A 23 -0.11 10.53 3.17
C ASN A 23 -1.15 9.44 3.42
N GLU A 24 -2.31 9.48 2.76
CA GLU A 24 -3.30 8.43 2.90
C GLU A 24 -2.70 7.15 2.31
N LEU A 25 -2.52 6.13 3.14
CA LEU A 25 -2.18 4.79 2.70
C LEU A 25 -3.44 4.19 2.11
N LEU A 26 -3.28 3.52 0.98
CA LEU A 26 -4.35 2.98 0.15
C LEU A 26 -4.32 1.45 0.25
N PRO A 27 -4.98 0.84 1.25
CA PRO A 27 -5.00 -0.60 1.45
C PRO A 27 -5.71 -1.28 0.29
N LEU A 28 -5.14 -2.38 -0.20
CA LEU A 28 -5.67 -3.14 -1.34
C LEU A 28 -5.66 -4.61 -0.94
N ARG A 29 -6.81 -5.13 -0.50
CA ARG A 29 -6.99 -6.51 -0.03
C ARG A 29 -6.43 -7.53 -1.01
N THR A 30 -6.70 -7.35 -2.31
CA THR A 30 -6.26 -8.26 -3.35
C THR A 30 -6.30 -7.55 -4.69
N ASN A 31 -5.97 -8.31 -5.74
CA ASN A 31 -6.02 -7.88 -7.13
C ASN A 31 -7.38 -7.26 -7.46
N ASP A 32 -8.46 -7.82 -6.92
CA ASP A 32 -9.81 -7.36 -7.15
C ASP A 32 -10.04 -5.92 -6.63
N ASP A 33 -9.35 -5.54 -5.55
CA ASP A 33 -9.37 -4.18 -5.01
C ASP A 33 -8.62 -3.25 -5.96
N TRP A 34 -7.49 -3.71 -6.52
CA TRP A 34 -6.74 -2.96 -7.52
C TRP A 34 -7.56 -2.74 -8.79
N GLN A 35 -8.41 -3.70 -9.17
CA GLN A 35 -9.39 -3.50 -10.23
C GLN A 35 -10.30 -2.34 -9.84
N ARG A 36 -11.04 -2.51 -8.74
CA ARG A 36 -12.05 -1.56 -8.27
C ARG A 36 -11.47 -0.19 -7.89
N PHE A 37 -10.16 -0.05 -7.73
CA PHE A 37 -9.51 1.23 -7.48
C PHE A 37 -9.72 2.12 -8.70
N CYS A 38 -8.99 1.88 -9.79
CA CYS A 38 -9.07 2.70 -10.99
C CYS A 38 -10.47 2.64 -11.60
N ALA A 39 -11.15 1.50 -11.46
CA ALA A 39 -12.48 1.30 -11.98
C ALA A 39 -13.54 2.05 -11.16
N ASP A 40 -13.19 2.71 -10.04
CA ASP A 40 -14.14 3.55 -9.30
C ASP A 40 -13.63 4.91 -8.83
N SER A 41 -12.33 5.13 -8.92
CA SER A 41 -11.62 6.38 -8.74
C SER A 41 -10.41 6.35 -9.66
N LYS A 42 -10.47 7.09 -10.77
CA LYS A 42 -9.38 7.31 -11.71
C LYS A 42 -8.39 8.29 -11.09
N HIS A 43 -7.85 7.92 -9.94
CA HIS A 43 -6.88 8.67 -9.17
C HIS A 43 -5.72 9.04 -10.08
N LEU A 44 -5.11 10.19 -9.82
CA LEU A 44 -3.91 10.63 -10.51
C LEU A 44 -2.84 9.58 -10.22
N LEU A 45 -2.18 9.03 -11.24
CA LEU A 45 -1.11 8.04 -11.09
C LEU A 45 0.19 8.67 -11.57
N GLN A 46 1.30 8.46 -10.86
CA GLN A 46 2.54 9.22 -11.04
C GLN A 46 3.75 8.33 -10.85
N TYR A 47 4.84 8.69 -11.53
CA TYR A 47 6.15 8.11 -11.27
C TYR A 47 6.53 8.49 -9.87
N GLY A 48 6.65 7.49 -9.00
CA GLY A 48 6.86 7.71 -7.59
C GLY A 48 5.76 7.15 -6.71
N ASP A 49 4.73 6.52 -7.29
CA ASP A 49 3.47 6.22 -6.59
C ASP A 49 3.58 5.24 -5.43
N LYS A 50 4.65 4.42 -5.40
CA LYS A 50 5.06 3.40 -4.43
C LYS A 50 3.99 2.44 -3.92
N LEU A 51 4.37 1.17 -3.85
CA LEU A 51 3.62 0.15 -3.16
C LEU A 51 4.52 -0.56 -2.14
N VAL A 52 3.91 -1.24 -1.18
CA VAL A 52 4.50 -2.32 -0.39
C VAL A 52 3.48 -3.46 -0.41
N ASP A 53 3.92 -4.71 -0.30
CA ASP A 53 3.09 -5.91 -0.27
C ASP A 53 3.38 -6.75 0.98
N SER A 54 2.70 -7.89 1.11
CA SER A 54 2.90 -8.80 2.25
C SER A 54 4.28 -9.44 2.31
N ASN A 55 5.06 -9.43 1.22
CA ASN A 55 6.47 -9.84 1.25
C ASN A 55 7.36 -8.77 1.86
N PHE A 56 6.86 -7.55 2.08
CA PHE A 56 7.64 -6.35 2.41
C PHE A 56 8.56 -5.94 1.26
N HIS A 57 8.25 -6.37 0.04
CA HIS A 57 8.87 -5.85 -1.15
C HIS A 57 8.26 -4.47 -1.38
N CYS A 58 9.05 -3.40 -1.19
CA CYS A 58 8.64 -2.10 -1.68
C CYS A 58 8.75 -2.12 -3.21
N PHE A 59 7.93 -1.31 -3.87
CA PHE A 59 7.85 -1.16 -5.32
C PHE A 59 7.56 0.31 -5.63
N VAL A 60 7.81 0.81 -6.83
CA VAL A 60 7.38 2.13 -7.28
C VAL A 60 7.26 2.20 -8.79
N LEU A 61 6.37 3.05 -9.29
CA LEU A 61 6.08 3.26 -10.70
C LEU A 61 7.21 4.12 -11.29
N GLU A 62 7.57 3.83 -12.53
CA GLU A 62 8.71 4.41 -13.23
C GLU A 62 8.24 5.14 -14.49
N GLU A 63 9.11 5.94 -15.13
CA GLU A 63 8.83 6.67 -16.37
C GLU A 63 8.44 5.72 -17.49
N ASP A 64 9.00 4.50 -17.47
CA ASP A 64 8.65 3.43 -18.42
C ASP A 64 7.31 2.78 -18.10
N ALA A 65 6.62 3.29 -17.07
CA ALA A 65 5.29 2.91 -16.59
C ALA A 65 5.17 1.42 -16.25
N HIS A 66 6.30 0.76 -16.05
CA HIS A 66 6.42 -0.44 -15.24
C HIS A 66 6.62 -0.03 -13.79
N TRP A 67 6.81 -1.00 -12.91
CA TRP A 67 7.19 -0.80 -11.53
C TRP A 67 8.61 -1.33 -11.35
N HIS A 68 9.33 -0.79 -10.36
CA HIS A 68 10.66 -1.23 -9.98
C HIS A 68 10.69 -1.58 -8.48
N PRO A 69 11.56 -2.52 -8.06
CA PRO A 69 11.73 -2.90 -6.66
C PRO A 69 12.42 -1.77 -5.90
N ALA A 70 11.69 -1.13 -5.01
CA ALA A 70 12.20 -0.15 -4.05
C ALA A 70 12.86 -0.86 -2.84
N ALA A 71 13.50 -2.01 -3.07
CA ALA A 71 14.18 -2.83 -2.06
C ALA A 71 13.19 -3.49 -1.08
N PRO A 72 13.60 -4.48 -0.27
CA PRO A 72 12.78 -4.93 0.85
C PRO A 72 12.72 -3.86 1.96
N LEU A 73 11.93 -4.15 2.99
CA LEU A 73 11.62 -3.24 4.10
C LEU A 73 11.82 -3.98 5.43
N PRO A 74 12.30 -3.34 6.51
CA PRO A 74 12.43 -3.98 7.81
C PRO A 74 11.04 -4.08 8.48
N PRO A 75 10.90 -4.85 9.57
CA PRO A 75 9.63 -4.96 10.29
C PRO A 75 9.12 -3.61 10.79
N GLU A 76 9.95 -2.79 11.44
CA GLU A 76 9.54 -1.50 12.00
C GLU A 76 9.45 -0.44 10.91
N GLY A 77 9.87 -0.80 9.69
CA GLY A 77 9.56 -0.06 8.49
C GLY A 77 8.06 -0.03 8.18
N LEU A 78 7.27 -1.00 8.65
CA LEU A 78 5.81 -1.06 8.44
C LEU A 78 5.18 0.19 9.03
N ASN A 79 5.58 0.49 10.25
CA ASN A 79 5.13 1.64 11.02
C ASN A 79 5.61 2.96 10.42
N ASP A 80 6.48 2.99 9.41
CA ASP A 80 6.79 4.20 8.65
C ASP A 80 5.74 4.46 7.57
N LEU A 81 5.19 3.41 6.95
CA LEU A 81 4.16 3.55 5.93
C LEU A 81 2.92 4.09 6.63
N ILE A 82 2.26 3.27 7.45
CA ILE A 82 0.99 3.63 8.10
C ILE A 82 1.11 4.91 8.95
N ARG A 83 2.32 5.31 9.37
CA ARG A 83 2.58 6.58 10.03
C ARG A 83 1.87 7.74 9.33
N ALA A 84 2.00 7.80 8.00
CA ALA A 84 1.54 8.93 7.21
C ALA A 84 0.01 9.02 7.27
N HIS A 85 -0.65 7.89 7.04
CA HIS A 85 -2.09 7.71 7.13
C HIS A 85 -2.58 8.14 8.51
N CYS A 86 -1.94 7.65 9.58
CA CYS A 86 -2.34 8.01 10.92
C CYS A 86 -2.17 9.51 11.13
N ALA A 87 -1.05 10.11 10.73
CA ALA A 87 -0.79 11.52 10.91
C ALA A 87 -1.81 12.39 10.18
N THR A 88 -2.21 12.02 8.96
CA THR A 88 -3.20 12.76 8.17
C THR A 88 -4.63 12.47 8.65
N LEU A 89 -4.83 11.74 9.75
CA LEU A 89 -6.13 11.53 10.39
C LEU A 89 -6.10 11.89 11.88
N GLY A 90 -4.92 11.91 12.51
CA GLY A 90 -4.71 12.17 13.93
C GLY A 90 -4.56 10.90 14.77
N HIS A 91 -4.49 9.70 14.16
CA HIS A 91 -4.47 8.45 14.91
C HIS A 91 -3.08 8.20 15.51
N CYS A 92 -3.00 7.30 16.49
CA CYS A 92 -1.77 6.80 17.06
C CYS A 92 -2.05 5.43 17.68
N CYS A 93 -1.75 4.35 16.96
CA CYS A 93 -1.85 2.96 17.41
C CYS A 93 -3.18 2.62 18.11
N THR A 94 -3.22 1.45 18.75
CA THR A 94 -4.36 0.89 19.43
C THR A 94 -3.83 -0.28 20.25
N SER A 95 -3.70 -1.47 19.66
CA SER A 95 -2.98 -2.61 20.24
C SER A 95 -1.54 -2.62 19.74
N LYS A 96 -0.75 -3.52 20.32
CA LYS A 96 0.61 -3.94 19.93
C LYS A 96 1.56 -2.79 19.59
N MET A 97 2.68 -3.11 18.94
CA MET A 97 3.69 -2.20 18.44
C MET A 97 3.14 -1.45 17.21
N HIS A 98 2.00 -0.79 17.35
CA HIS A 98 1.14 -0.25 16.30
C HIS A 98 0.50 -1.35 15.44
N LEU A 99 1.31 -2.26 14.87
CA LEU A 99 0.97 -3.21 13.82
C LEU A 99 1.75 -4.48 14.06
N HIS A 100 1.42 -5.51 13.28
CA HIS A 100 1.92 -6.87 13.41
C HIS A 100 2.40 -7.39 12.06
N SER A 101 1.79 -6.92 10.97
CA SER A 101 2.04 -7.34 9.59
C SER A 101 1.26 -6.44 8.63
N VAL A 102 1.50 -6.54 7.32
CA VAL A 102 0.70 -5.85 6.31
C VAL A 102 -0.75 -6.30 6.43
N MET A 103 -1.00 -7.60 6.59
CA MET A 103 -2.32 -8.15 6.83
C MET A 103 -3.03 -7.35 7.92
N ASP A 104 -2.37 -7.21 9.07
CA ASP A 104 -2.94 -6.55 10.24
C ASP A 104 -3.21 -5.07 10.00
N ALA A 105 -2.43 -4.44 9.11
CA ALA A 105 -2.61 -3.07 8.68
C ALA A 105 -3.88 -2.93 7.82
N ILE A 106 -4.05 -3.81 6.83
CA ILE A 106 -5.22 -3.82 5.94
C ILE A 106 -6.50 -4.02 6.77
N ASP A 107 -6.39 -4.79 7.87
CA ASP A 107 -7.49 -5.00 8.81
C ASP A 107 -7.79 -3.72 9.57
N PHE A 108 -6.76 -3.09 10.14
CA PHE A 108 -6.83 -1.83 10.88
C PHE A 108 -7.47 -0.73 10.05
N LEU A 109 -6.90 -0.38 8.89
CA LEU A 109 -7.41 0.66 8.01
C LEU A 109 -8.89 0.47 7.66
N ASN A 110 -9.33 -0.77 7.40
CA ASN A 110 -10.76 -1.04 7.13
C ASN A 110 -11.63 -0.93 8.39
N ALA A 111 -11.06 -1.21 9.56
CA ALA A 111 -11.77 -1.09 10.84
C ALA A 111 -11.88 0.38 11.27
N LEU A 112 -10.94 1.23 10.86
CA LEU A 112 -10.94 2.65 11.20
C LEU A 112 -12.16 3.32 10.59
N GLU A 113 -12.33 3.15 9.27
CA GLU A 113 -13.41 3.78 8.51
C GLU A 113 -14.77 3.39 9.07
N GLY A 114 -15.67 4.35 9.19
CA GLY A 114 -17.08 4.13 9.48
C GLY A 114 -17.67 5.39 10.08
N MET A 1 -1.41 -13.39 -12.96
CA MET A 1 -2.68 -14.03 -12.58
C MET A 1 -3.61 -14.24 -13.77
N GLY A 2 -3.56 -13.40 -14.81
CA GLY A 2 -4.35 -13.56 -16.01
C GLY A 2 -3.91 -12.54 -17.06
N ALA A 3 -4.66 -12.44 -18.16
CA ALA A 3 -4.48 -11.38 -19.15
C ALA A 3 -5.15 -10.11 -18.63
N GLY A 4 -4.52 -9.48 -17.64
CA GLY A 4 -4.97 -8.26 -16.98
C GLY A 4 -3.82 -7.26 -16.86
N GLN A 5 -4.01 -6.21 -16.07
CA GLN A 5 -3.00 -5.17 -15.84
C GLN A 5 -2.75 -5.05 -14.34
N THR A 6 -1.86 -5.91 -13.87
CA THR A 6 -1.41 -6.05 -12.48
C THR A 6 -0.23 -5.09 -12.22
N PRO A 7 -0.11 -4.49 -11.02
CA PRO A 7 0.95 -3.54 -10.72
C PRO A 7 2.32 -4.20 -10.74
N HIS A 8 2.50 -5.35 -10.09
CA HIS A 8 3.70 -6.17 -10.20
C HIS A 8 3.24 -7.63 -10.07
N PRO A 9 3.88 -8.59 -10.75
CA PRO A 9 3.54 -10.00 -10.59
C PRO A 9 4.07 -10.55 -9.27
N GLN A 10 5.22 -10.06 -8.81
CA GLN A 10 5.88 -10.47 -7.57
C GLN A 10 5.23 -9.87 -6.33
N LEU A 11 4.27 -8.95 -6.48
CA LEU A 11 3.43 -8.45 -5.39
C LEU A 11 2.65 -9.62 -4.79
N ILE A 12 3.03 -10.04 -3.58
CA ILE A 12 2.28 -11.03 -2.82
C ILE A 12 1.15 -10.29 -2.07
N TRP A 13 -0.08 -10.34 -2.58
CA TRP A 13 -1.23 -9.70 -1.93
C TRP A 13 -1.41 -10.20 -0.47
N PRO A 14 -2.04 -9.41 0.40
CA PRO A 14 -2.51 -8.05 0.14
C PRO A 14 -1.38 -7.04 -0.07
N ALA A 15 -1.72 -5.84 -0.53
CA ALA A 15 -0.78 -4.75 -0.72
C ALA A 15 -1.35 -3.44 -0.18
N LEU A 16 -0.48 -2.43 -0.12
CA LEU A 16 -0.76 -1.07 0.30
C LEU A 16 -0.04 -0.17 -0.69
N LEU A 17 -0.80 0.49 -1.57
CA LEU A 17 -0.30 1.67 -2.29
C LEU A 17 -0.19 2.79 -1.24
N LYS A 18 0.78 3.70 -1.35
CA LYS A 18 0.83 4.85 -0.44
C LYS A 18 1.29 6.05 -1.24
N GLN A 19 0.36 6.77 -1.85
CA GLN A 19 0.66 7.62 -2.98
C GLN A 19 1.64 8.73 -2.61
N GLN A 20 2.29 9.24 -3.65
CA GLN A 20 3.25 10.30 -3.55
C GLN A 20 2.43 11.57 -3.34
N GLY A 21 2.89 12.37 -2.40
CA GLY A 21 2.24 13.58 -1.96
C GLY A 21 1.26 13.28 -0.81
N CYS A 22 0.32 12.36 -1.02
CA CYS A 22 -0.89 12.31 -0.21
C CYS A 22 -0.74 11.64 1.16
N ASN A 23 0.34 10.92 1.47
CA ASN A 23 0.64 10.32 2.80
C ASN A 23 -0.37 9.24 3.24
N GLU A 24 -1.56 9.21 2.67
CA GLU A 24 -2.64 8.27 2.92
C GLU A 24 -2.30 6.92 2.29
N LEU A 25 -2.87 5.86 2.82
CA LEU A 25 -2.65 4.49 2.40
C LEU A 25 -3.85 4.01 1.61
N LEU A 26 -3.64 3.03 0.74
CA LEU A 26 -4.66 2.39 -0.08
C LEU A 26 -4.63 0.88 0.17
N PRO A 27 -5.33 0.36 1.19
CA PRO A 27 -5.35 -1.06 1.57
C PRO A 27 -6.05 -1.91 0.50
N LEU A 28 -5.32 -2.80 -0.16
CA LEU A 28 -5.78 -3.59 -1.30
C LEU A 28 -5.75 -5.06 -0.90
N ARG A 29 -6.91 -5.67 -0.62
CA ARG A 29 -7.00 -7.06 -0.18
C ARG A 29 -6.37 -8.02 -1.19
N THR A 30 -6.69 -7.80 -2.46
CA THR A 30 -6.53 -8.78 -3.53
C THR A 30 -6.30 -8.03 -4.84
N ASN A 31 -6.02 -8.77 -5.92
CA ASN A 31 -5.90 -8.13 -7.22
C ASN A 31 -7.26 -7.63 -7.72
N ASP A 32 -8.38 -8.25 -7.32
CA ASP A 32 -9.74 -7.72 -7.55
C ASP A 32 -9.87 -6.31 -6.96
N ASP A 33 -9.16 -6.03 -5.87
CA ASP A 33 -9.19 -4.73 -5.21
C ASP A 33 -8.51 -3.69 -6.09
N TRP A 34 -7.37 -4.03 -6.70
CA TRP A 34 -6.69 -3.14 -7.66
C TRP A 34 -7.58 -2.81 -8.88
N GLN A 35 -8.45 -3.75 -9.28
CA GLN A 35 -9.42 -3.53 -10.35
C GLN A 35 -10.42 -2.46 -9.91
N ARG A 36 -11.07 -2.70 -8.77
CA ARG A 36 -12.06 -1.81 -8.20
C ARG A 36 -11.46 -0.43 -7.97
N PHE A 37 -10.23 -0.34 -7.45
CA PHE A 37 -9.49 0.89 -7.28
C PHE A 37 -9.45 1.75 -8.55
N CYS A 38 -9.10 1.15 -9.70
CA CYS A 38 -9.01 1.94 -10.93
C CYS A 38 -10.41 2.28 -11.48
N ALA A 39 -11.42 1.46 -11.19
CA ALA A 39 -12.78 1.79 -11.58
C ALA A 39 -13.35 2.94 -10.74
N ASP A 40 -13.08 2.92 -9.43
CA ASP A 40 -13.93 3.58 -8.42
C ASP A 40 -13.17 4.59 -7.55
N SER A 41 -11.88 4.78 -7.80
CA SER A 41 -11.06 5.79 -7.13
C SER A 41 -10.25 6.53 -8.18
N LYS A 42 -9.22 5.86 -8.74
CA LYS A 42 -8.35 6.36 -9.81
C LYS A 42 -7.89 7.81 -9.58
N HIS A 43 -7.46 8.13 -8.36
CA HIS A 43 -6.79 9.36 -7.97
C HIS A 43 -5.38 9.39 -8.59
N LEU A 44 -5.30 9.48 -9.92
CA LEU A 44 -4.09 9.45 -10.74
C LEU A 44 -3.17 8.27 -10.40
N LEU A 45 -2.00 8.21 -11.05
CA LEU A 45 -0.84 7.43 -10.64
C LEU A 45 0.38 8.27 -10.99
N GLN A 46 1.27 8.51 -10.03
CA GLN A 46 2.55 9.15 -10.28
C GLN A 46 3.67 8.14 -10.13
N TYR A 47 4.75 8.34 -10.91
CA TYR A 47 5.94 7.49 -10.97
C TYR A 47 6.75 7.61 -9.67
N GLY A 48 6.21 7.05 -8.60
CA GLY A 48 6.75 7.20 -7.28
C GLY A 48 5.72 6.88 -6.21
N ASP A 49 4.53 6.45 -6.61
CA ASP A 49 3.38 6.24 -5.72
C ASP A 49 3.56 5.13 -4.69
N LYS A 50 4.62 4.32 -4.82
CA LYS A 50 5.08 3.25 -3.92
C LYS A 50 4.02 2.15 -3.74
N LEU A 51 4.48 0.90 -3.70
CA LEU A 51 3.65 -0.21 -3.28
C LEU A 51 4.47 -0.99 -2.26
N VAL A 52 3.76 -1.69 -1.39
CA VAL A 52 4.27 -2.63 -0.40
C VAL A 52 3.30 -3.80 -0.51
N ASP A 53 3.80 -5.00 -0.81
CA ASP A 53 3.13 -6.31 -0.72
C ASP A 53 3.12 -6.88 0.72
N SER A 54 2.82 -8.17 0.93
CA SER A 54 2.87 -8.83 2.24
C SER A 54 4.29 -9.10 2.76
N ASN A 55 5.21 -9.31 1.82
CA ASN A 55 6.56 -9.80 2.04
C ASN A 55 7.52 -8.67 2.46
N PHE A 56 7.02 -7.44 2.59
CA PHE A 56 7.78 -6.21 2.85
C PHE A 56 8.71 -5.87 1.67
N HIS A 57 8.44 -6.33 0.45
CA HIS A 57 9.00 -5.76 -0.77
C HIS A 57 8.44 -4.34 -0.98
N CYS A 58 9.29 -3.32 -0.87
CA CYS A 58 8.94 -2.02 -1.43
C CYS A 58 8.95 -2.10 -2.96
N PHE A 59 8.23 -1.19 -3.61
CA PHE A 59 8.23 -0.99 -5.05
C PHE A 59 8.15 0.51 -5.35
N VAL A 60 8.43 0.89 -6.60
CA VAL A 60 8.37 2.25 -7.14
C VAL A 60 7.88 2.14 -8.59
N LEU A 61 6.94 2.99 -8.99
CA LEU A 61 6.55 3.20 -10.38
C LEU A 61 7.62 4.12 -10.99
N GLU A 62 8.13 3.84 -12.20
CA GLU A 62 9.05 4.72 -12.91
C GLU A 62 8.48 5.17 -14.26
N GLU A 63 9.12 6.13 -14.94
CA GLU A 63 8.74 6.58 -16.29
C GLU A 63 8.67 5.44 -17.29
N ASP A 64 9.26 4.29 -16.99
CA ASP A 64 9.17 3.07 -17.78
C ASP A 64 7.80 2.39 -17.68
N ALA A 65 6.88 2.86 -16.84
CA ALA A 65 5.56 2.31 -16.57
C ALA A 65 5.63 0.97 -15.83
N HIS A 66 6.81 0.53 -15.38
CA HIS A 66 6.94 -0.64 -14.53
C HIS A 66 6.99 -0.24 -13.05
N TRP A 67 6.74 -1.22 -12.19
CA TRP A 67 6.77 -1.09 -10.75
C TRP A 67 8.01 -1.80 -10.21
N HIS A 68 9.16 -1.15 -10.33
CA HIS A 68 10.44 -1.76 -10.02
C HIS A 68 10.48 -2.21 -8.54
N PRO A 69 11.13 -3.34 -8.21
CA PRO A 69 11.34 -3.79 -6.84
C PRO A 69 12.35 -2.91 -6.12
N ALA A 70 11.90 -2.17 -5.11
CA ALA A 70 12.69 -1.24 -4.31
C ALA A 70 13.21 -1.93 -3.03
N ALA A 71 13.65 -3.19 -3.16
CA ALA A 71 14.26 -4.04 -2.14
C ALA A 71 13.29 -4.47 -1.03
N PRO A 72 13.66 -5.48 -0.21
CA PRO A 72 12.96 -5.80 1.02
C PRO A 72 13.15 -4.70 2.09
N LEU A 73 12.40 -4.81 3.19
CA LEU A 73 12.29 -3.77 4.19
C LEU A 73 12.10 -4.37 5.60
N PRO A 74 12.64 -3.75 6.66
CA PRO A 74 12.36 -4.14 8.04
C PRO A 74 10.89 -3.96 8.46
N PRO A 75 10.46 -4.58 9.57
CA PRO A 75 9.12 -4.40 10.14
C PRO A 75 8.83 -2.95 10.55
N GLU A 76 9.86 -2.19 10.92
CA GLU A 76 9.69 -0.81 11.34
C GLU A 76 9.60 0.11 10.13
N GLY A 77 10.04 -0.34 8.94
CA GLY A 77 9.92 0.47 7.74
C GLY A 77 8.45 0.67 7.35
N LEU A 78 7.59 -0.31 7.63
CA LEU A 78 6.14 -0.20 7.52
C LEU A 78 5.64 0.94 8.42
N ASN A 79 6.00 0.92 9.72
CA ASN A 79 5.50 1.87 10.71
C ASN A 79 5.66 3.33 10.29
N ASP A 80 6.64 3.66 9.45
CA ASP A 80 6.86 5.02 8.95
C ASP A 80 5.80 5.44 7.94
N LEU A 81 5.43 4.53 7.04
CA LEU A 81 4.35 4.71 6.09
C LEU A 81 3.02 4.89 6.82
N ILE A 82 2.77 4.06 7.84
CA ILE A 82 1.61 4.16 8.70
C ILE A 82 1.54 5.56 9.31
N ARG A 83 2.66 6.02 9.89
CA ARG A 83 2.84 7.36 10.43
C ARG A 83 2.30 8.44 9.49
N ALA A 84 2.63 8.35 8.20
CA ALA A 84 2.23 9.35 7.22
C ALA A 84 0.71 9.50 7.17
N HIS A 85 -0.02 8.38 7.02
CA HIS A 85 -1.48 8.35 6.98
C HIS A 85 -2.06 8.86 8.30
N CYS A 86 -1.50 8.39 9.41
CA CYS A 86 -1.97 8.76 10.74
C CYS A 86 -1.83 10.26 10.95
N ALA A 87 -0.70 10.88 10.62
CA ALA A 87 -0.50 12.28 10.86
C ALA A 87 -1.37 13.17 9.98
N THR A 88 -1.71 12.74 8.74
CA THR A 88 -2.60 13.53 7.90
C THR A 88 -4.06 13.44 8.39
N LEU A 89 -4.39 12.62 9.39
CA LEU A 89 -5.76 12.42 9.87
C LEU A 89 -5.85 12.73 11.36
N GLY A 90 -5.13 11.98 12.20
CA GLY A 90 -5.02 12.15 13.64
C GLY A 90 -4.68 10.83 14.37
N HIS A 91 -4.39 9.75 13.65
CA HIS A 91 -4.45 8.39 14.18
C HIS A 91 -3.26 8.14 15.11
N CYS A 92 -3.40 7.27 16.12
CA CYS A 92 -2.49 7.27 17.27
C CYS A 92 -2.18 5.85 17.80
N CYS A 93 -2.26 4.81 16.97
CA CYS A 93 -2.26 3.38 17.34
C CYS A 93 -3.42 3.09 18.29
N THR A 94 -3.50 1.87 18.80
CA THR A 94 -4.47 1.46 19.79
C THR A 94 -3.92 0.23 20.52
N SER A 95 -3.39 -0.78 19.82
CA SER A 95 -2.73 -1.90 20.45
C SER A 95 -1.43 -2.21 19.70
N LYS A 96 -0.53 -2.96 20.36
CA LYS A 96 0.70 -3.48 19.76
C LYS A 96 1.57 -2.35 19.19
N MET A 97 2.58 -2.72 18.40
CA MET A 97 3.49 -1.79 17.73
C MET A 97 2.82 -1.26 16.47
N HIS A 98 1.69 -0.55 16.62
CA HIS A 98 0.71 -0.27 15.57
C HIS A 98 0.10 -1.60 15.06
N LEU A 99 0.87 -2.41 14.32
CA LEU A 99 0.39 -3.47 13.43
C LEU A 99 1.25 -4.71 13.58
N HIS A 100 0.68 -5.84 13.20
CA HIS A 100 1.16 -7.17 13.57
C HIS A 100 1.54 -7.98 12.32
N SER A 101 0.98 -7.59 11.17
CA SER A 101 1.32 -8.08 9.83
C SER A 101 0.82 -7.04 8.81
N VAL A 102 1.13 -7.23 7.53
CA VAL A 102 0.52 -6.44 6.47
C VAL A 102 -0.99 -6.68 6.47
N MET A 103 -1.44 -7.91 6.67
CA MET A 103 -2.87 -8.25 6.67
C MET A 103 -3.61 -7.48 7.76
N ASP A 104 -3.02 -7.37 8.95
CA ASP A 104 -3.56 -6.57 10.04
C ASP A 104 -3.72 -5.12 9.61
N ALA A 105 -2.83 -4.59 8.77
CA ALA A 105 -2.91 -3.22 8.30
C ALA A 105 -4.15 -3.00 7.43
N ILE A 106 -4.48 -3.97 6.57
CA ILE A 106 -5.65 -3.94 5.72
C ILE A 106 -6.88 -3.84 6.62
N ASP A 107 -6.96 -4.75 7.60
CA ASP A 107 -8.09 -4.87 8.52
C ASP A 107 -8.22 -3.60 9.35
N PHE A 108 -7.11 -3.14 9.95
CA PHE A 108 -7.00 -1.94 10.78
C PHE A 108 -7.50 -0.70 10.05
N LEU A 109 -6.99 -0.44 8.84
CA LEU A 109 -7.28 0.80 8.13
C LEU A 109 -8.77 0.93 7.84
N ASN A 110 -9.42 -0.19 7.52
CA ASN A 110 -10.86 -0.22 7.28
C ASN A 110 -11.64 -0.23 8.58
N ALA A 111 -11.05 -0.73 9.68
CA ALA A 111 -11.66 -0.68 11.00
C ALA A 111 -11.62 0.73 11.61
N LEU A 112 -10.64 1.57 11.23
CA LEU A 112 -10.56 2.94 11.72
C LEU A 112 -11.74 3.76 11.21
N GLU A 113 -12.03 3.68 9.91
CA GLU A 113 -13.12 4.43 9.30
C GLU A 113 -14.47 3.93 9.83
N GLY A 114 -15.42 4.84 10.02
CA GLY A 114 -16.71 4.57 10.63
C GLY A 114 -16.86 5.56 11.76
#